data_5DZD
# 
_entry.id   5DZD 
# 
_audit_conform.dict_name       mmcif_pdbx.dic 
_audit_conform.dict_version    5.397 
_audit_conform.dict_location   http://mmcif.pdb.org/dictionaries/ascii/mmcif_pdbx.dic 
# 
loop_
_database_2.database_id 
_database_2.database_code 
_database_2.pdbx_database_accession 
_database_2.pdbx_DOI 
PDB   5DZD         pdb_00005dzd 10.2210/pdb5dzd/pdb 
WWPDB D_1000214065 ?            ?                   
# 
loop_
_pdbx_audit_revision_history.ordinal 
_pdbx_audit_revision_history.data_content_type 
_pdbx_audit_revision_history.major_revision 
_pdbx_audit_revision_history.minor_revision 
_pdbx_audit_revision_history.revision_date 
1 'Structure model' 1 0 2015-10-14 
2 'Structure model' 1 1 2017-11-22 
3 'Structure model' 1 2 2023-09-27 
4 'Structure model' 1 3 2024-10-16 
# 
_pdbx_audit_revision_details.ordinal             1 
_pdbx_audit_revision_details.revision_ordinal    1 
_pdbx_audit_revision_details.data_content_type   'Structure model' 
_pdbx_audit_revision_details.provider            repository 
_pdbx_audit_revision_details.type                'Initial release' 
_pdbx_audit_revision_details.description         ? 
_pdbx_audit_revision_details.details             ? 
# 
loop_
_pdbx_audit_revision_group.ordinal 
_pdbx_audit_revision_group.revision_ordinal 
_pdbx_audit_revision_group.data_content_type 
_pdbx_audit_revision_group.group 
1 2 'Structure model' 'Derived calculations'   
2 2 'Structure model' 'Refinement description' 
3 3 'Structure model' 'Data collection'        
4 3 'Structure model' 'Database references'    
5 3 'Structure model' 'Derived calculations'   
6 3 'Structure model' 'Refinement description' 
7 4 'Structure model' 'Structure summary'      
# 
loop_
_pdbx_audit_revision_category.ordinal 
_pdbx_audit_revision_category.revision_ordinal 
_pdbx_audit_revision_category.data_content_type 
_pdbx_audit_revision_category.category 
1 2 'Structure model' pdbx_struct_oper_list         
2 2 'Structure model' software                      
3 3 'Structure model' chem_comp_atom                
4 3 'Structure model' chem_comp_bond                
5 3 'Structure model' database_2                    
6 3 'Structure model' pdbx_initial_refinement_model 
7 3 'Structure model' pdbx_struct_special_symmetry  
8 4 'Structure model' pdbx_entry_details            
9 4 'Structure model' pdbx_modification_feature     
# 
loop_
_pdbx_audit_revision_item.ordinal 
_pdbx_audit_revision_item.revision_ordinal 
_pdbx_audit_revision_item.data_content_type 
_pdbx_audit_revision_item.item 
1 2 'Structure model' '_pdbx_struct_oper_list.symmetry_operation' 
2 2 'Structure model' '_software.classification'                  
3 3 'Structure model' '_database_2.pdbx_DOI'                      
4 3 'Structure model' '_database_2.pdbx_database_accession'       
# 
_pdbx_database_PDB_obs_spr.id               SPRSDE 
_pdbx_database_PDB_obs_spr.date             2015-10-14 
_pdbx_database_PDB_obs_spr.pdb_id           5DZD 
_pdbx_database_PDB_obs_spr.replace_pdb_id   4ROI 
_pdbx_database_PDB_obs_spr.details          ? 
# 
_pdbx_database_status.status_code                     REL 
_pdbx_database_status.status_code_sf                  REL 
_pdbx_database_status.status_code_mr                  ? 
_pdbx_database_status.entry_id                        5DZD 
_pdbx_database_status.recvd_initial_deposition_date   2015-09-25 
_pdbx_database_status.SG_entry                        Y 
_pdbx_database_status.deposit_site                    RCSB 
_pdbx_database_status.process_site                    RCSB 
_pdbx_database_status.status_code_cs                  ? 
_pdbx_database_status.methods_development_category    ? 
_pdbx_database_status.pdb_format_compatible           Y 
_pdbx_database_status.status_code_nmr_data            ? 
# 
loop_
_audit_author.name 
_audit_author.pdbx_ordinal 
'Liu, Y.'                              1 
'Tempel, W.'                           2 
'Dong, A.'                             3 
'Bountra, C.'                          4 
'Arrowsmith, C.H.'                     5 
'Edwards, A.M.'                        6 
'Min, J.'                              7 
'Structural Genomics Consortium (SGC)' 8 
# 
_citation.abstract                  ? 
_citation.abstract_id_CAS           ? 
_citation.book_id_ISBN              ? 
_citation.book_publisher            ? 
_citation.book_publisher_city       ? 
_citation.book_title                ? 
_citation.coordinate_linkage        ? 
_citation.country                   ? 
_citation.database_id_Medline       ? 
_citation.details                   ? 
_citation.id                        primary 
_citation.journal_abbrev            'To be Published' 
_citation.journal_id_ASTM           ? 
_citation.journal_id_CSD            0353 
_citation.journal_id_ISSN           ? 
_citation.journal_full              ? 
_citation.journal_issue             ? 
_citation.journal_volume            ? 
_citation.language                  ? 
_citation.page_first                ? 
_citation.page_last                 ? 
_citation.title                     'Crystal Structure of WW4 domain of ITCH in complex with TXNIP peptide' 
_citation.year                      ? 
_citation.database_id_CSD           ? 
_citation.pdbx_database_id_DOI      ? 
_citation.pdbx_database_id_PubMed   ? 
_citation.unpublished_flag          ? 
# 
loop_
_citation_author.citation_id 
_citation_author.name 
_citation_author.ordinal 
_citation_author.identifier_ORCID 
primary 'Liu, Y.'          1 ? 
primary 'Tempel, W.'       2 ? 
primary 'Dong, A.'         3 ? 
primary 'Bountra, C.'      4 ? 
primary 'Arrowsmith, C.H.' 5 ? 
primary 'Edwards, A.M.'    6 ? 
primary 'Min, J.'          7 ? 
# 
loop_
_entity.id 
_entity.type 
_entity.src_method 
_entity.pdbx_description 
_entity.formula_weight 
_entity.pdbx_number_of_molecules 
_entity.pdbx_ec 
_entity.pdbx_mutation 
_entity.pdbx_fragment 
_entity.details 
1 polymer     man 'E3 ubiquitin-protein ligase Itchy homolog' 5503.151 2  6.3.2.- ? 'UNP residues 324-363' ? 
2 polymer     syn 'Thioredoxin-interacting protein'           1359.589 2  ?       ? 'UNP residues 327-338' ? 
3 non-polymer syn 'UNKNOWN ATOM OR ION'                       ?        17 ?       ? ?                      ? 
4 water       nat water                                       18.015   60 ?       ? ?                      ? 
# 
loop_
_entity_name_com.entity_id 
_entity_name_com.name 
1 'Itch, Atrophin-1-interacting protein 4, AIP4, NFE2-associated polypeptide 1, NAPP1' 
2 'txnip, Thioredoxin-binding protein 2, Vitamin D3 up-regulated protein 1'            
# 
loop_
_entity_poly.entity_id 
_entity_poly.type 
_entity_poly.nstd_linkage 
_entity_poly.nstd_monomer 
_entity_poly.pdbx_seq_one_letter_code 
_entity_poly.pdbx_seq_one_letter_code_can 
_entity_poly.pdbx_strand_id 
_entity_poly.pdbx_target_identifier 
1 'polypeptide(L)' no no  GRRASVELNEKPLPEGWEMRFTVDGIPYFVDHNRRTTTYIDPRTGKS GRRASVELNEKPLPEGWEMRFTVDGIPYFVDHNRRTTTYIDPRTGKS A,B ? 
2 'polypeptide(L)' no yes '(ACE)TPEAPPCYMDVI(NH2)'                        XTPEAPPCYMDVIX                                  C,D ? 
# 
loop_
_pdbx_entity_nonpoly.entity_id 
_pdbx_entity_nonpoly.name 
_pdbx_entity_nonpoly.comp_id 
3 'UNKNOWN ATOM OR ION' UNX 
4 water                 HOH 
# 
loop_
_entity_poly_seq.entity_id 
_entity_poly_seq.num 
_entity_poly_seq.mon_id 
_entity_poly_seq.hetero 
1 1  GLY n 
1 2  ARG n 
1 3  ARG n 
1 4  ALA n 
1 5  SER n 
1 6  VAL n 
1 7  GLU n 
1 8  LEU n 
1 9  ASN n 
1 10 GLU n 
1 11 LYS n 
1 12 PRO n 
1 13 LEU n 
1 14 PRO n 
1 15 GLU n 
1 16 GLY n 
1 17 TRP n 
1 18 GLU n 
1 19 MET n 
1 20 ARG n 
1 21 PHE n 
1 22 THR n 
1 23 VAL n 
1 24 ASP n 
1 25 GLY n 
1 26 ILE n 
1 27 PRO n 
1 28 TYR n 
1 29 PHE n 
1 30 VAL n 
1 31 ASP n 
1 32 HIS n 
1 33 ASN n 
1 34 ARG n 
1 35 ARG n 
1 36 THR n 
1 37 THR n 
1 38 THR n 
1 39 TYR n 
1 40 ILE n 
1 41 ASP n 
1 42 PRO n 
1 43 ARG n 
1 44 THR n 
1 45 GLY n 
1 46 LYS n 
1 47 SER n 
2 1  ACE n 
2 2  THR n 
2 3  PRO n 
2 4  GLU n 
2 5  ALA n 
2 6  PRO n 
2 7  PRO n 
2 8  CYS n 
2 9  TYR n 
2 10 MET n 
2 11 ASP n 
2 12 VAL n 
2 13 ILE n 
2 14 NH2 n 
# 
_entity_src_gen.entity_id                          1 
_entity_src_gen.pdbx_src_id                        1 
_entity_src_gen.pdbx_alt_source_flag               sample 
_entity_src_gen.pdbx_seq_type                      'Biological sequence' 
_entity_src_gen.pdbx_beg_seq_num                   1 
_entity_src_gen.pdbx_end_seq_num                   47 
_entity_src_gen.gene_src_common_name               Human 
_entity_src_gen.gene_src_genus                     ? 
_entity_src_gen.pdbx_gene_src_gene                 ITCH 
_entity_src_gen.gene_src_species                   ? 
_entity_src_gen.gene_src_strain                    ? 
_entity_src_gen.gene_src_tissue                    ? 
_entity_src_gen.gene_src_tissue_fraction           ? 
_entity_src_gen.gene_src_details                   ? 
_entity_src_gen.pdbx_gene_src_fragment             ? 
_entity_src_gen.pdbx_gene_src_scientific_name      'Homo sapiens' 
_entity_src_gen.pdbx_gene_src_ncbi_taxonomy_id     9606 
_entity_src_gen.pdbx_gene_src_variant              ? 
_entity_src_gen.pdbx_gene_src_cell_line            ? 
_entity_src_gen.pdbx_gene_src_atcc                 ? 
_entity_src_gen.pdbx_gene_src_organ                ? 
_entity_src_gen.pdbx_gene_src_organelle            ? 
_entity_src_gen.pdbx_gene_src_cell                 ? 
_entity_src_gen.pdbx_gene_src_cellular_location    ? 
_entity_src_gen.host_org_common_name               ? 
_entity_src_gen.pdbx_host_org_scientific_name      'Escherichia coli BL21(DE3)' 
_entity_src_gen.pdbx_host_org_ncbi_taxonomy_id     469008 
_entity_src_gen.host_org_genus                     ? 
_entity_src_gen.pdbx_host_org_gene                 ? 
_entity_src_gen.pdbx_host_org_organ                ? 
_entity_src_gen.host_org_species                   ? 
_entity_src_gen.pdbx_host_org_tissue               ? 
_entity_src_gen.pdbx_host_org_tissue_fraction      ? 
_entity_src_gen.pdbx_host_org_strain               'BL21(DE3)-V2R-pRARE2' 
_entity_src_gen.pdbx_host_org_variant              ? 
_entity_src_gen.pdbx_host_org_cell_line            ? 
_entity_src_gen.pdbx_host_org_atcc                 ? 
_entity_src_gen.pdbx_host_org_culture_collection   ? 
_entity_src_gen.pdbx_host_org_cell                 ? 
_entity_src_gen.pdbx_host_org_organelle            ? 
_entity_src_gen.pdbx_host_org_cellular_location    ? 
_entity_src_gen.pdbx_host_org_vector_type          plasmid 
_entity_src_gen.pdbx_host_org_vector               ? 
_entity_src_gen.host_org_details                   ? 
_entity_src_gen.expression_system_id               ? 
_entity_src_gen.plasmid_name                       custom 
_entity_src_gen.plasmid_details                    ? 
_entity_src_gen.pdbx_description                   ? 
# 
_pdbx_entity_src_syn.entity_id              2 
_pdbx_entity_src_syn.pdbx_src_id            1 
_pdbx_entity_src_syn.pdbx_alt_source_flag   sample 
_pdbx_entity_src_syn.pdbx_beg_seq_num       1 
_pdbx_entity_src_syn.pdbx_end_seq_num       14 
_pdbx_entity_src_syn.organism_scientific    'Homo sapiens' 
_pdbx_entity_src_syn.organism_common_name   Human 
_pdbx_entity_src_syn.ncbi_taxonomy_id       9606 
_pdbx_entity_src_syn.details                synthetic 
# 
loop_
_chem_comp.id 
_chem_comp.type 
_chem_comp.mon_nstd_flag 
_chem_comp.name 
_chem_comp.pdbx_synonyms 
_chem_comp.formula 
_chem_comp.formula_weight 
ACE non-polymer         . 'ACETYL GROUP'        ? 'C2 H4 O'        44.053  
ALA 'L-peptide linking' y ALANINE               ? 'C3 H7 N O2'     89.093  
ARG 'L-peptide linking' y ARGININE              ? 'C6 H15 N4 O2 1' 175.209 
ASN 'L-peptide linking' y ASPARAGINE            ? 'C4 H8 N2 O3'    132.118 
ASP 'L-peptide linking' y 'ASPARTIC ACID'       ? 'C4 H7 N O4'     133.103 
CYS 'L-peptide linking' y CYSTEINE              ? 'C3 H7 N O2 S'   121.158 
GLU 'L-peptide linking' y 'GLUTAMIC ACID'       ? 'C5 H9 N O4'     147.129 
GLY 'peptide linking'   y GLYCINE               ? 'C2 H5 N O2'     75.067  
HIS 'L-peptide linking' y HISTIDINE             ? 'C6 H10 N3 O2 1' 156.162 
HOH non-polymer         . WATER                 ? 'H2 O'           18.015  
ILE 'L-peptide linking' y ISOLEUCINE            ? 'C6 H13 N O2'    131.173 
LEU 'L-peptide linking' y LEUCINE               ? 'C6 H13 N O2'    131.173 
LYS 'L-peptide linking' y LYSINE                ? 'C6 H15 N2 O2 1' 147.195 
MET 'L-peptide linking' y METHIONINE            ? 'C5 H11 N O2 S'  149.211 
NH2 non-polymer         . 'AMINO GROUP'         ? 'H2 N'           16.023  
PHE 'L-peptide linking' y PHENYLALANINE         ? 'C9 H11 N O2'    165.189 
PRO 'L-peptide linking' y PROLINE               ? 'C5 H9 N O2'     115.130 
SER 'L-peptide linking' y SERINE                ? 'C3 H7 N O3'     105.093 
THR 'L-peptide linking' y THREONINE             ? 'C4 H9 N O3'     119.119 
TRP 'L-peptide linking' y TRYPTOPHAN            ? 'C11 H12 N2 O2'  204.225 
TYR 'L-peptide linking' y TYROSINE              ? 'C9 H11 N O3'    181.189 
UNX non-polymer         . 'UNKNOWN ATOM OR ION' ? ?                ?       
VAL 'L-peptide linking' y VALINE                ? 'C5 H11 N O2'    117.146 
# 
loop_
_pdbx_poly_seq_scheme.asym_id 
_pdbx_poly_seq_scheme.entity_id 
_pdbx_poly_seq_scheme.seq_id 
_pdbx_poly_seq_scheme.mon_id 
_pdbx_poly_seq_scheme.ndb_seq_num 
_pdbx_poly_seq_scheme.pdb_seq_num 
_pdbx_poly_seq_scheme.auth_seq_num 
_pdbx_poly_seq_scheme.pdb_mon_id 
_pdbx_poly_seq_scheme.auth_mon_id 
_pdbx_poly_seq_scheme.pdb_strand_id 
_pdbx_poly_seq_scheme.pdb_ins_code 
_pdbx_poly_seq_scheme.hetero 
A 1 1  GLY 1  468 ?   ?   ?   A . n 
A 1 2  ARG 2  469 ?   ?   ?   A . n 
A 1 3  ARG 3  470 ?   ?   ?   A . n 
A 1 4  ALA 4  471 ?   ?   ?   A . n 
A 1 5  SER 5  472 ?   ?   ?   A . n 
A 1 6  VAL 6  473 ?   ?   ?   A . n 
A 1 7  GLU 7  474 ?   ?   ?   A . n 
A 1 8  LEU 8  475 ?   ?   ?   A . n 
A 1 9  ASN 9  476 ?   ?   ?   A . n 
A 1 10 GLU 10 477 ?   ?   ?   A . n 
A 1 11 LYS 11 478 478 LYS LYS A . n 
A 1 12 PRO 12 479 479 PRO PRO A . n 
A 1 13 LEU 13 480 480 LEU LEU A . n 
A 1 14 PRO 14 481 481 PRO PRO A . n 
A 1 15 GLU 15 482 482 GLU GLU A . n 
A 1 16 GLY 16 483 483 GLY GLY A . n 
A 1 17 TRP 17 484 484 TRP TRP A . n 
A 1 18 GLU 18 485 485 GLU GLU A . n 
A 1 19 MET 19 486 486 MET MET A . n 
A 1 20 ARG 20 487 487 ARG ARG A . n 
A 1 21 PHE 21 488 488 PHE PHE A . n 
A 1 22 THR 22 489 489 THR THR A . n 
A 1 23 VAL 23 490 490 VAL VAL A . n 
A 1 24 ASP 24 491 491 ASP ASP A . n 
A 1 25 GLY 25 492 492 GLY GLY A . n 
A 1 26 ILE 26 493 493 ILE ILE A . n 
A 1 27 PRO 27 494 494 PRO PRO A . n 
A 1 28 TYR 28 495 495 TYR TYR A . n 
A 1 29 PHE 29 496 496 PHE PHE A . n 
A 1 30 VAL 30 497 497 VAL VAL A . n 
A 1 31 ASP 31 498 498 ASP ASP A . n 
A 1 32 HIS 32 499 499 HIS HIS A . n 
A 1 33 ASN 33 500 500 ASN ASN A . n 
A 1 34 ARG 34 501 501 ARG ARG A . n 
A 1 35 ARG 35 502 502 ARG ARG A . n 
A 1 36 THR 36 503 503 THR THR A . n 
A 1 37 THR 37 504 504 THR THR A . n 
A 1 38 THR 38 505 505 THR THR A . n 
A 1 39 TYR 39 506 506 TYR TYR A . n 
A 1 40 ILE 40 507 507 ILE ILE A . n 
A 1 41 ASP 41 508 508 ASP ASP A . n 
A 1 42 PRO 42 509 509 PRO PRO A . n 
A 1 43 ARG 43 510 510 ARG ARG A . n 
A 1 44 THR 44 511 511 THR THR A . n 
A 1 45 GLY 45 512 512 GLY GLY A . n 
A 1 46 LYS 46 513 513 LYS LYS A . n 
A 1 47 SER 47 514 514 SER SER A . n 
B 1 1  GLY 1  468 ?   ?   ?   B . n 
B 1 2  ARG 2  469 ?   ?   ?   B . n 
B 1 3  ARG 3  470 ?   ?   ?   B . n 
B 1 4  ALA 4  471 ?   ?   ?   B . n 
B 1 5  SER 5  472 ?   ?   ?   B . n 
B 1 6  VAL 6  473 ?   ?   ?   B . n 
B 1 7  GLU 7  474 ?   ?   ?   B . n 
B 1 8  LEU 8  475 ?   ?   ?   B . n 
B 1 9  ASN 9  476 476 ASN ASN B . n 
B 1 10 GLU 10 477 477 GLU GLU B . n 
B 1 11 LYS 11 478 478 LYS LYS B . n 
B 1 12 PRO 12 479 479 PRO PRO B . n 
B 1 13 LEU 13 480 480 LEU LEU B . n 
B 1 14 PRO 14 481 481 PRO PRO B . n 
B 1 15 GLU 15 482 482 GLU GLU B . n 
B 1 16 GLY 16 483 483 GLY GLY B . n 
B 1 17 TRP 17 484 484 TRP TRP B . n 
B 1 18 GLU 18 485 485 GLU GLU B . n 
B 1 19 MET 19 486 486 MET MET B . n 
B 1 20 ARG 20 487 487 ARG ARG B . n 
B 1 21 PHE 21 488 488 PHE PHE B . n 
B 1 22 THR 22 489 489 THR THR B . n 
B 1 23 VAL 23 490 490 VAL VAL B . n 
B 1 24 ASP 24 491 491 ASP ASP B . n 
B 1 25 GLY 25 492 492 GLY GLY B . n 
B 1 26 ILE 26 493 493 ILE ILE B . n 
B 1 27 PRO 27 494 494 PRO PRO B . n 
B 1 28 TYR 28 495 495 TYR TYR B . n 
B 1 29 PHE 29 496 496 PHE PHE B . n 
B 1 30 VAL 30 497 497 VAL VAL B . n 
B 1 31 ASP 31 498 498 ASP ASP B . n 
B 1 32 HIS 32 499 499 HIS HIS B . n 
B 1 33 ASN 33 500 500 ASN ASN B . n 
B 1 34 ARG 34 501 501 ARG ARG B . n 
B 1 35 ARG 35 502 502 ARG ARG B . n 
B 1 36 THR 36 503 503 THR THR B . n 
B 1 37 THR 37 504 504 THR THR B . n 
B 1 38 THR 38 505 505 THR THR B . n 
B 1 39 TYR 39 506 506 TYR TYR B . n 
B 1 40 ILE 40 507 507 ILE ILE B . n 
B 1 41 ASP 41 508 508 ASP ASP B . n 
B 1 42 PRO 42 509 509 PRO PRO B . n 
B 1 43 ARG 43 510 510 ARG ARG B . n 
B 1 44 THR 44 511 511 THR THR B . n 
B 1 45 GLY 45 512 512 GLY GLY B . n 
B 1 46 LYS 46 513 513 LYS LYS B . n 
B 1 47 SER 47 514 514 SER SER B . n 
C 2 1  ACE 1  326 326 ACE ACE C . n 
C 2 2  THR 2  327 327 THR THR C . n 
C 2 3  PRO 3  328 328 PRO PRO C . n 
C 2 4  GLU 4  329 329 GLU GLU C . n 
C 2 5  ALA 5  330 330 ALA ALA C . n 
C 2 6  PRO 6  331 331 PRO PRO C . n 
C 2 7  PRO 7  332 332 PRO PRO C . n 
C 2 8  CYS 8  333 333 CYS CYS C . n 
C 2 9  TYR 9  334 334 TYR TYR C . n 
C 2 10 MET 10 335 335 MET MET C . n 
C 2 11 ASP 11 336 336 ASP ASP C . n 
C 2 12 VAL 12 337 337 VAL VAL C . n 
C 2 13 ILE 13 338 338 ILE ILE C . n 
C 2 14 NH2 14 339 339 NH2 NH2 C . n 
D 2 1  ACE 1  326 ?   ?   ?   D . n 
D 2 2  THR 2  327 ?   ?   ?   D . n 
D 2 3  PRO 3  328 ?   ?   ?   D . n 
D 2 4  GLU 4  329 329 GLU GLU D . n 
D 2 5  ALA 5  330 330 ALA ALA D . n 
D 2 6  PRO 6  331 331 PRO PRO D . n 
D 2 7  PRO 7  332 332 PRO PRO D . n 
D 2 8  CYS 8  333 333 CYS CYS D . n 
D 2 9  TYR 9  334 334 TYR TYR D . n 
D 2 10 MET 10 335 335 MET MET D . n 
D 2 11 ASP 11 336 336 ASP ASP D . n 
D 2 12 VAL 12 337 337 VAL VAL D . n 
D 2 13 ILE 13 338 338 ILE ILE D . n 
D 2 14 NH2 14 339 339 NH2 NH2 D . n 
# 
loop_
_pdbx_nonpoly_scheme.asym_id 
_pdbx_nonpoly_scheme.entity_id 
_pdbx_nonpoly_scheme.mon_id 
_pdbx_nonpoly_scheme.ndb_seq_num 
_pdbx_nonpoly_scheme.pdb_seq_num 
_pdbx_nonpoly_scheme.auth_seq_num 
_pdbx_nonpoly_scheme.pdb_mon_id 
_pdbx_nonpoly_scheme.auth_mon_id 
_pdbx_nonpoly_scheme.pdb_strand_id 
_pdbx_nonpoly_scheme.pdb_ins_code 
E 3 UNX 1  601 45 UNX UNX A . 
F 3 UNX 1  602 48 UNX UNX A . 
G 3 UNX 1  603 81 UNX UNX A . 
H 3 UNX 1  604 2  UNX UNX A . 
I 3 UNX 1  605 5  UNX UNX A . 
J 3 UNX 1  606 6  UNX UNX A . 
K 3 UNX 1  607 8  UNX UNX A . 
L 3 UNX 1  601 77 UNX UNX B . 
M 3 UNX 1  602 80 UNX UNX B . 
N 3 UNX 1  603 90 UNX UNX B . 
O 3 UNX 1  604 1  UNX UNX B . 
P 3 UNX 1  605 3  UNX UNX B . 
Q 3 UNX 1  606 7  UNX UNX B . 
R 3 UNX 1  401 29 UNX UNX C . 
S 3 UNX 1  402 47 UNX UNX C . 
T 3 UNX 1  403 58 UNX UNX C . 
U 3 UNX 1  401 4  UNX UNX D . 
V 4 HOH 1  701 63 HOH HOH A . 
V 4 HOH 2  702 89 HOH HOH A . 
V 4 HOH 3  703 86 HOH HOH A . 
V 4 HOH 4  704 70 HOH HOH A . 
V 4 HOH 5  705 83 HOH HOH A . 
V 4 HOH 6  706 53 HOH HOH A . 
V 4 HOH 7  707 15 HOH HOH A . 
V 4 HOH 8  708 22 HOH HOH A . 
V 4 HOH 9  709 16 HOH HOH A . 
V 4 HOH 10 710 46 HOH HOH A . 
V 4 HOH 11 711 88 HOH HOH A . 
V 4 HOH 12 712 84 HOH HOH A . 
V 4 HOH 13 713 6  HOH HOH A . 
V 4 HOH 14 714 71 HOH HOH A . 
V 4 HOH 15 715 60 HOH HOH A . 
V 4 HOH 16 716 17 HOH HOH A . 
V 4 HOH 17 717 24 HOH HOH A . 
V 4 HOH 18 718 72 HOH HOH A . 
V 4 HOH 19 719 41 HOH HOH A . 
V 4 HOH 20 720 18 HOH HOH A . 
V 4 HOH 21 721 85 HOH HOH A . 
V 4 HOH 22 722 73 HOH HOH A . 
W 4 HOH 1  701 42 HOH HOH B . 
W 4 HOH 2  702 34 HOH HOH B . 
W 4 HOH 3  703 4  HOH HOH B . 
W 4 HOH 4  704 10 HOH HOH B . 
W 4 HOH 5  705 35 HOH HOH B . 
W 4 HOH 6  706 21 HOH HOH B . 
W 4 HOH 7  707 11 HOH HOH B . 
W 4 HOH 8  708 51 HOH HOH B . 
W 4 HOH 9  709 23 HOH HOH B . 
W 4 HOH 10 710 13 HOH HOH B . 
W 4 HOH 11 711 31 HOH HOH B . 
W 4 HOH 12 712 3  HOH HOH B . 
W 4 HOH 13 713 12 HOH HOH B . 
W 4 HOH 14 714 9  HOH HOH B . 
W 4 HOH 15 715 57 HOH HOH B . 
W 4 HOH 16 716 33 HOH HOH B . 
W 4 HOH 17 717 68 HOH HOH B . 
W 4 HOH 18 718 32 HOH HOH B . 
W 4 HOH 19 719 74 HOH HOH B . 
W 4 HOH 20 720 56 HOH HOH B . 
W 4 HOH 21 721 44 HOH HOH B . 
W 4 HOH 22 722 64 HOH HOH B . 
X 4 HOH 1  501 19 HOH HOH C . 
X 4 HOH 2  502 25 HOH HOH C . 
X 4 HOH 3  503 5  HOH HOH C . 
X 4 HOH 4  504 37 HOH HOH C . 
X 4 HOH 5  505 49 HOH HOH C . 
X 4 HOH 6  506 54 HOH HOH C . 
X 4 HOH 7  507 75 HOH HOH C . 
X 4 HOH 8  508 50 HOH HOH C . 
X 4 HOH 9  509 76 HOH HOH C . 
X 4 HOH 10 510 43 HOH HOH C . 
Y 4 HOH 1  501 90 HOH HOH D . 
Y 4 HOH 2  502 7  HOH HOH D . 
Y 4 HOH 3  503 26 HOH HOH D . 
Y 4 HOH 4  504 14 HOH HOH D . 
Y 4 HOH 5  505 62 HOH HOH D . 
Y 4 HOH 6  506 69 HOH HOH D . 
# 
loop_
_pdbx_unobs_or_zero_occ_atoms.id 
_pdbx_unobs_or_zero_occ_atoms.PDB_model_num 
_pdbx_unobs_or_zero_occ_atoms.polymer_flag 
_pdbx_unobs_or_zero_occ_atoms.occupancy_flag 
_pdbx_unobs_or_zero_occ_atoms.auth_asym_id 
_pdbx_unobs_or_zero_occ_atoms.auth_comp_id 
_pdbx_unobs_or_zero_occ_atoms.auth_seq_id 
_pdbx_unobs_or_zero_occ_atoms.PDB_ins_code 
_pdbx_unobs_or_zero_occ_atoms.auth_atom_id 
_pdbx_unobs_or_zero_occ_atoms.label_alt_id 
_pdbx_unobs_or_zero_occ_atoms.label_asym_id 
_pdbx_unobs_or_zero_occ_atoms.label_comp_id 
_pdbx_unobs_or_zero_occ_atoms.label_seq_id 
_pdbx_unobs_or_zero_occ_atoms.label_atom_id 
1  1 Y 1 A LYS 478 ? CG  ? A LYS 11 CG  
2  1 Y 1 A LYS 478 ? CD  ? A LYS 11 CD  
3  1 Y 1 A LYS 478 ? CE  ? A LYS 11 CE  
4  1 Y 1 A LYS 478 ? NZ  ? A LYS 11 NZ  
5  1 Y 1 A LYS 513 ? CG  ? A LYS 46 CG  
6  1 Y 1 A LYS 513 ? CD  ? A LYS 46 CD  
7  1 Y 1 A LYS 513 ? CE  ? A LYS 46 CE  
8  1 Y 1 A LYS 513 ? NZ  ? A LYS 46 NZ  
9  1 Y 1 B GLU 477 ? CG  ? B GLU 10 CG  
10 1 Y 1 B GLU 477 ? CD  ? B GLU 10 CD  
11 1 Y 1 B GLU 477 ? OE1 ? B GLU 10 OE1 
12 1 Y 1 B GLU 477 ? OE2 ? B GLU 10 OE2 
13 1 Y 1 B LYS 478 ? NZ  ? B LYS 11 NZ  
14 1 Y 1 B ARG 487 ? NH1 ? B ARG 20 NH1 
15 1 Y 1 B ARG 487 ? NH2 ? B ARG 20 NH2 
16 1 Y 1 C GLU 329 ? OE1 ? C GLU 4  OE1 
17 1 Y 1 C GLU 329 ? OE2 ? C GLU 4  OE2 
18 1 Y 1 D GLU 329 ? CG  ? D GLU 4  CG  
19 1 Y 1 D GLU 329 ? CD  ? D GLU 4  CD  
20 1 Y 1 D GLU 329 ? OE1 ? D GLU 4  OE1 
21 1 Y 1 D GLU 329 ? OE2 ? D GLU 4  OE2 
# 
loop_
_software.citation_id 
_software.classification 
_software.compiler_name 
_software.compiler_version 
_software.contact_author 
_software.contact_author_email 
_software.date 
_software.description 
_software.dependencies 
_software.hardware 
_software.language 
_software.location 
_software.mods 
_software.name 
_software.os 
_software.os_version 
_software.type 
_software.version 
_software.pdbx_ordinal 
? refinement        ? ? ? ? ? ? ? ? ? ? ? REFMAC      ? ? ? .      1 
? 'data scaling'    ? ? ? ? ? ? ? ? ? ? ? XDS         ? ? ? .      2 
? 'data scaling'    ? ? ? ? ? ? ? ? ? ? ? Aimless     ? ? ? 0.5.15 3 
? phasing           ? ? ? ? ? ? ? ? ? ? ? PHASER      ? ? ? .      4 
? 'data extraction' ? ? ? ? ? ? ? ? ? ? ? PDB_EXTRACT ? ? ? 3.20   5 
? 'data reduction'  ? ? ? ? ? ? ? ? ? ? ? XDS         ? ? ? .      6 
# 
_cell.entry_id           5DZD 
_cell.length_a           52.668 
_cell.length_b           52.668 
_cell.length_c           82.476 
_cell.angle_alpha        90.00 
_cell.angle_beta         90.00 
_cell.angle_gamma        90.00 
_cell.Z_PDB              16 
_cell.pdbx_unique_axis   ? 
# 
_symmetry.entry_id                         5DZD 
_symmetry.space_group_name_H-M             'P 43 21 2' 
_symmetry.pdbx_full_space_group_name_H-M   ? 
_symmetry.cell_setting                     ? 
_symmetry.Int_Tables_number                96 
# 
_exptl.absorpt_coefficient_mu     ? 
_exptl.absorpt_correction_T_max   ? 
_exptl.absorpt_correction_T_min   ? 
_exptl.absorpt_correction_type    ? 
_exptl.absorpt_process_details    ? 
_exptl.entry_id                   5DZD 
_exptl.crystals_number            1 
_exptl.details                    ? 
_exptl.method                     'X-RAY DIFFRACTION' 
_exptl.method_details             ? 
# 
_exptl_crystal.colour                      ? 
_exptl_crystal.density_diffrn              ? 
_exptl_crystal.density_Matthews            2.08 
_exptl_crystal.density_method              ? 
_exptl_crystal.density_percent_sol         40.97 
_exptl_crystal.description                 ? 
_exptl_crystal.F_000                       ? 
_exptl_crystal.id                          1 
_exptl_crystal.preparation                 ? 
_exptl_crystal.size_max                    ? 
_exptl_crystal.size_mid                    ? 
_exptl_crystal.size_min                    ? 
_exptl_crystal.size_rad                    ? 
_exptl_crystal.colour_lustre               ? 
_exptl_crystal.colour_modifier             ? 
_exptl_crystal.colour_primary              ? 
_exptl_crystal.density_meas                ? 
_exptl_crystal.density_meas_esd            ? 
_exptl_crystal.density_meas_gt             ? 
_exptl_crystal.density_meas_lt             ? 
_exptl_crystal.density_meas_temp           ? 
_exptl_crystal.density_meas_temp_esd       ? 
_exptl_crystal.density_meas_temp_gt        ? 
_exptl_crystal.density_meas_temp_lt        ? 
_exptl_crystal.pdbx_crystal_image_url      ? 
_exptl_crystal.pdbx_crystal_image_format   ? 
_exptl_crystal.pdbx_mosaicity              ? 
_exptl_crystal.pdbx_mosaicity_esd          ? 
# 
_exptl_crystal_grow.apparatus       ? 
_exptl_crystal_grow.atmosphere      ? 
_exptl_crystal_grow.crystal_id      1 
_exptl_crystal_grow.details         ? 
_exptl_crystal_grow.method          'VAPOR DIFFUSION, SITTING DROP' 
_exptl_crystal_grow.method_ref      ? 
_exptl_crystal_grow.pH              8.5 
_exptl_crystal_grow.pressure        ? 
_exptl_crystal_grow.pressure_esd    ? 
_exptl_crystal_grow.seeding         ? 
_exptl_crystal_grow.seeding_ref     ? 
_exptl_crystal_grow.temp            293 
_exptl_crystal_grow.temp_details    ? 
_exptl_crystal_grow.temp_esd        ? 
_exptl_crystal_grow.time            ? 
_exptl_crystal_grow.pdbx_details    '2 M sodium formate, 0.1 M Tris, pH 8.5' 
_exptl_crystal_grow.pdbx_pH_range   ? 
# 
_diffrn.ambient_environment    ? 
_diffrn.ambient_temp           100 
_diffrn.ambient_temp_details   ? 
_diffrn.ambient_temp_esd       ? 
_diffrn.crystal_id             1 
_diffrn.crystal_support        ? 
_diffrn.crystal_treatment      ? 
_diffrn.details                ? 
_diffrn.id                     1 
_diffrn.ambient_pressure       ? 
_diffrn.ambient_pressure_esd   ? 
_diffrn.ambient_pressure_gt    ? 
_diffrn.ambient_pressure_lt    ? 
_diffrn.ambient_temp_gt        ? 
_diffrn.ambient_temp_lt        ? 
# 
_diffrn_detector.details                      ? 
_diffrn_detector.detector                     CCD 
_diffrn_detector.diffrn_id                    1 
_diffrn_detector.type                         'RIGAKU SATURN A200' 
_diffrn_detector.area_resol_mean              ? 
_diffrn_detector.dtime                        ? 
_diffrn_detector.pdbx_frames_total            ? 
_diffrn_detector.pdbx_collection_time_total   ? 
_diffrn_detector.pdbx_collection_date         2014-05-22 
# 
_diffrn_radiation.collimation                      ? 
_diffrn_radiation.diffrn_id                        1 
_diffrn_radiation.filter_edge                      ? 
_diffrn_radiation.inhomogeneity                    ? 
_diffrn_radiation.monochromator                    ? 
_diffrn_radiation.polarisn_norm                    ? 
_diffrn_radiation.polarisn_ratio                   ? 
_diffrn_radiation.probe                            ? 
_diffrn_radiation.type                             ? 
_diffrn_radiation.xray_symbol                      ? 
_diffrn_radiation.wavelength_id                    1 
_diffrn_radiation.pdbx_monochromatic_or_laue_m_l   M 
_diffrn_radiation.pdbx_wavelength_list             ? 
_diffrn_radiation.pdbx_wavelength                  ? 
_diffrn_radiation.pdbx_diffrn_protocol             'SINGLE WAVELENGTH' 
_diffrn_radiation.pdbx_analyzer                    ? 
_diffrn_radiation.pdbx_scattering_type             x-ray 
# 
_diffrn_radiation_wavelength.id           1 
_diffrn_radiation_wavelength.wavelength   1.5418 
_diffrn_radiation_wavelength.wt           1.0 
# 
_diffrn_source.current                     ? 
_diffrn_source.details                     ? 
_diffrn_source.diffrn_id                   1 
_diffrn_source.power                       ? 
_diffrn_source.size                        ? 
_diffrn_source.source                      'ROTATING ANODE' 
_diffrn_source.target                      ? 
_diffrn_source.type                        'RIGAKU FR-E SUPERBRIGHT' 
_diffrn_source.voltage                     ? 
_diffrn_source.take-off_angle              ? 
_diffrn_source.pdbx_wavelength_list        1.5418 
_diffrn_source.pdbx_wavelength             ? 
_diffrn_source.pdbx_synchrotron_beamline   ? 
_diffrn_source.pdbx_synchrotron_site       ? 
# 
_reflns.B_iso_Wilson_estimate            ? 
_reflns.entry_id                         5DZD 
_reflns.data_reduction_details           ? 
_reflns.data_reduction_method            ? 
_reflns.d_resolution_high                1.570 
_reflns.d_resolution_low                 37.240 
_reflns.details                          ? 
_reflns.limit_h_max                      ? 
_reflns.limit_h_min                      ? 
_reflns.limit_k_max                      ? 
_reflns.limit_k_min                      ? 
_reflns.limit_l_max                      ? 
_reflns.limit_l_min                      ? 
_reflns.number_all                       ? 
_reflns.number_obs                       16849 
_reflns.observed_criterion               ? 
_reflns.observed_criterion_F_max         ? 
_reflns.observed_criterion_F_min         ? 
_reflns.observed_criterion_I_max         ? 
_reflns.observed_criterion_I_min         ? 
_reflns.observed_criterion_sigma_F       ? 
_reflns.observed_criterion_sigma_I       ? 
_reflns.percent_possible_obs             100.000 
_reflns.R_free_details                   ? 
_reflns.Rmerge_F_all                     ? 
_reflns.Rmerge_F_obs                     ? 
_reflns.Friedel_coverage                 ? 
_reflns.number_gt                        ? 
_reflns.threshold_expression             ? 
_reflns.pdbx_redundancy                  13.300 
_reflns.pdbx_Rmerge_I_obs                0.042 
_reflns.pdbx_Rmerge_I_all                ? 
_reflns.pdbx_Rsym_value                  ? 
_reflns.pdbx_netI_over_av_sigmaI         ? 
_reflns.pdbx_netI_over_sigmaI            42.700 
_reflns.pdbx_res_netI_over_av_sigmaI_2   ? 
_reflns.pdbx_res_netI_over_sigmaI_2      ? 
_reflns.pdbx_chi_squared                 ? 
_reflns.pdbx_scaling_rejects             2 
_reflns.pdbx_d_res_high_opt              ? 
_reflns.pdbx_d_res_low_opt               ? 
_reflns.pdbx_d_res_opt_method            ? 
_reflns.phase_calculation_details        ? 
_reflns.pdbx_Rrim_I_all                  0.043 
_reflns.pdbx_Rpim_I_all                  0.012 
_reflns.pdbx_d_opt                       ? 
_reflns.pdbx_number_measured_all         223544 
_reflns.pdbx_diffrn_id                   1 
_reflns.pdbx_ordinal                     1 
_reflns.pdbx_CC_half                     1.000 
_reflns.pdbx_R_split                     ? 
# 
loop_
_reflns_shell.d_res_high 
_reflns_shell.d_res_low 
_reflns_shell.meanI_over_sigI_all 
_reflns_shell.meanI_over_sigI_obs 
_reflns_shell.number_measured_all 
_reflns_shell.number_measured_obs 
_reflns_shell.number_possible 
_reflns_shell.number_unique_all 
_reflns_shell.number_unique_obs 
_reflns_shell.percent_possible_all 
_reflns_shell.percent_possible_obs 
_reflns_shell.Rmerge_F_all 
_reflns_shell.Rmerge_F_obs 
_reflns_shell.Rmerge_I_all 
_reflns_shell.Rmerge_I_obs 
_reflns_shell.meanI_over_sigI_gt 
_reflns_shell.meanI_over_uI_all 
_reflns_shell.meanI_over_uI_gt 
_reflns_shell.number_measured_gt 
_reflns_shell.number_unique_gt 
_reflns_shell.percent_possible_gt 
_reflns_shell.Rmerge_F_gt 
_reflns_shell.Rmerge_I_gt 
_reflns_shell.pdbx_redundancy 
_reflns_shell.pdbx_Rsym_value 
_reflns_shell.pdbx_chi_squared 
_reflns_shell.pdbx_netI_over_sigmaI_all 
_reflns_shell.pdbx_netI_over_sigmaI_obs 
_reflns_shell.pdbx_Rrim_I_all 
_reflns_shell.pdbx_Rpim_I_all 
_reflns_shell.pdbx_rejects 
_reflns_shell.pdbx_ordinal 
_reflns_shell.pdbx_diffrn_id 
_reflns_shell.pdbx_CC_half 
_reflns_shell.pdbx_R_split 
1.570 1.600  ? 5.800   10285 ? ? 818 ? 99.700 ? ? ? ? 0.497 ? ? ? ? ? ? ? ? 12.600 ? ? ? ? 0.518 0.144 0 1 1 0.958 ? 
8.610 37.240 ? 103.800 1269  ? ? 140 ? 99.100 ? ? ? ? 0.018 ? ? ? ? ? ? ? ? 9.100  ? ? ? ? 0.019 0.006 0 2 1 1.000 ? 
# 
_refine.pdbx_refine_id                           'X-RAY DIFFRACTION' 
_refine.entry_id                                 5DZD 
_refine.pdbx_diffrn_id                           1 
_refine.pdbx_TLS_residual_ADP_flag               ? 
_refine.ls_number_reflns_obs                     15998 
_refine.ls_number_reflns_all                     ? 
_refine.pdbx_ls_sigma_I                          ? 
_refine.pdbx_ls_sigma_F                          0.000 
_refine.pdbx_data_cutoff_high_absF               ? 
_refine.pdbx_data_cutoff_low_absF                ? 
_refine.pdbx_data_cutoff_high_rms_absF           ? 
_refine.ls_d_res_low                             37.24 
_refine.ls_d_res_high                            1.57 
_refine.ls_percent_reflns_obs                    100.0 
_refine.ls_R_factor_obs                          0.176 
_refine.ls_R_factor_all                          ? 
_refine.ls_R_factor_R_work                       0.175 
_refine.ls_R_factor_R_free                       0.206 
_refine.ls_R_factor_R_free_error                 ? 
_refine.ls_R_factor_R_free_error_details         ? 
_refine.ls_percent_reflns_R_free                 4.800 
_refine.ls_number_reflns_R_free                  800 
_refine.ls_number_parameters                     ? 
_refine.ls_number_restraints                     ? 
_refine.occupancy_min                            ? 
_refine.occupancy_max                            ? 
_refine.correlation_coeff_Fo_to_Fc               ? 
_refine.correlation_coeff_Fo_to_Fc_free          ? 
_refine.B_iso_mean                               ? 
_refine.aniso_B[1][1]                            0.15000 
_refine.aniso_B[2][2]                            0.15000 
_refine.aniso_B[3][3]                            -0.29000 
_refine.aniso_B[1][2]                            0.00000 
_refine.aniso_B[1][3]                            0.00000 
_refine.aniso_B[2][3]                            0.00000 
_refine.solvent_model_details                    ? 
_refine.solvent_model_param_ksol                 ? 
_refine.solvent_model_param_bsol                 ? 
_refine.pdbx_solvent_vdw_probe_radii             ? 
_refine.pdbx_solvent_ion_probe_radii             ? 
_refine.pdbx_solvent_shrinkage_radii             ? 
_refine.pdbx_ls_cross_valid_method               THROUGHOUT 
_refine.details                                  
;ARP/WARP WAS USED FOR AUTOMATED MODEL
 BUILDING. REFINEMENT RESTRAINTS FOR THE ACETYL AND AMIDE
 PROTECTED PEPTIDE TERMINI WERE PREPARED WITH JLIGAND. COOT WAS
 USED FOR INTERACTIVE MODEL BUILDING. MODEL GEOMETRY WAS
 EVALUATED WITH MOLPROBITY.
;
_refine.pdbx_starting_model                      'PDB entry 2YSF' 
_refine.pdbx_method_to_determine_struct          'MOLECULAR REPLACEMENT' 
_refine.pdbx_isotropic_thermal_model             ? 
_refine.pdbx_stereochemistry_target_values       ? 
_refine.pdbx_stereochem_target_val_spec_case     ? 
_refine.pdbx_R_Free_selection_details            'THIN SHELLS (SFTOOLS)' 
_refine.pdbx_overall_ESU_R                       0.075 
_refine.pdbx_overall_ESU_R_Free                  0.078 
_refine.overall_SU_ML                            0.043 
_refine.pdbx_overall_phase_error                 ? 
_refine.overall_SU_B                             1.155 
_refine.overall_SU_R_Cruickshank_DPI             ? 
_refine.pdbx_overall_SU_R_free_Cruickshank_DPI   ? 
_refine.pdbx_overall_SU_R_Blow_DPI               ? 
_refine.pdbx_overall_SU_R_free_Blow_DPI          ? 
# 
_refine_hist.pdbx_refine_id                   'X-RAY DIFFRACTION' 
_refine_hist.cycle_id                         LAST 
_refine_hist.pdbx_number_atoms_protein        787 
_refine_hist.pdbx_number_atoms_nucleic_acid   0 
_refine_hist.pdbx_number_atoms_ligand         19 
_refine_hist.number_atoms_solvent             60 
_refine_hist.number_atoms_total               866 
_refine_hist.d_res_high                       1.57 
_refine_hist.d_res_low                        37.24 
# 
_struct.entry_id                     5DZD 
_struct.title                        'Crystal Structure of WW4 domain of ITCH in complex with TXNIP peptide' 
_struct.pdbx_model_details           ? 
_struct.pdbx_formula_weight          ? 
_struct.pdbx_formula_weight_method   ? 
_struct.pdbx_model_type_details      ? 
_struct.pdbx_CASP_flag               ? 
# 
_struct_keywords.entry_id        5DZD 
_struct_keywords.text            'structural genomics, Structural Genomics Consortium, SGC, LIGASE-PROTEIN BINDING complex' 
_struct_keywords.pdbx_keywords   'LIGASE/PROTEIN BINDING' 
# 
loop_
_struct_asym.id 
_struct_asym.pdbx_blank_PDB_chainid_flag 
_struct_asym.pdbx_modified 
_struct_asym.entity_id 
_struct_asym.details 
A N N 1 ? 
B N N 1 ? 
C N N 2 ? 
D N N 2 ? 
E N N 3 ? 
F N N 3 ? 
G N N 3 ? 
H N N 3 ? 
I N N 3 ? 
J N N 3 ? 
K N N 3 ? 
L N N 3 ? 
M N N 3 ? 
N N N 3 ? 
O N N 3 ? 
P N N 3 ? 
Q N N 3 ? 
R N N 3 ? 
S N N 3 ? 
T N N 3 ? 
U N N 3 ? 
V N N 4 ? 
W N N 4 ? 
X N N 4 ? 
Y N N 4 ? 
# 
loop_
_struct_ref.id 
_struct_ref.db_name 
_struct_ref.db_code 
_struct_ref.pdbx_db_accession 
_struct_ref.pdbx_db_isoform 
_struct_ref.entity_id 
_struct_ref.pdbx_seq_one_letter_code 
_struct_ref.pdbx_align_begin 
1 UNP ITCH_HUMAN  Q96J02 Q96J02-3 1 LNEKPLPEGWEMRFTVDGIPYFVDHNRRTTTYIDPRTGKS 324 
2 UNP TXNIP_HUMAN Q9H3M7 ?        2 TPEAPPCYMDVI                             327 
# 
loop_
_struct_ref_seq.align_id 
_struct_ref_seq.ref_id 
_struct_ref_seq.pdbx_PDB_id_code 
_struct_ref_seq.pdbx_strand_id 
_struct_ref_seq.seq_align_beg 
_struct_ref_seq.pdbx_seq_align_beg_ins_code 
_struct_ref_seq.seq_align_end 
_struct_ref_seq.pdbx_seq_align_end_ins_code 
_struct_ref_seq.pdbx_db_accession 
_struct_ref_seq.db_align_beg 
_struct_ref_seq.pdbx_db_align_beg_ins_code 
_struct_ref_seq.db_align_end 
_struct_ref_seq.pdbx_db_align_end_ins_code 
_struct_ref_seq.pdbx_auth_seq_align_beg 
_struct_ref_seq.pdbx_auth_seq_align_end 
1 1 5DZD A 8 ? 47 ? Q96J02 324 ? 363 ? 475 514 
2 1 5DZD B 8 ? 47 ? Q96J02 324 ? 363 ? 475 514 
3 2 5DZD C 2 ? 13 ? Q9H3M7 327 ? 338 ? 327 338 
4 2 5DZD D 2 ? 13 ? Q9H3M7 327 ? 338 ? 327 338 
# 
loop_
_struct_ref_seq_dif.align_id 
_struct_ref_seq_dif.pdbx_pdb_id_code 
_struct_ref_seq_dif.mon_id 
_struct_ref_seq_dif.pdbx_pdb_strand_id 
_struct_ref_seq_dif.seq_num 
_struct_ref_seq_dif.pdbx_pdb_ins_code 
_struct_ref_seq_dif.pdbx_seq_db_name 
_struct_ref_seq_dif.pdbx_seq_db_accession_code 
_struct_ref_seq_dif.db_mon_id 
_struct_ref_seq_dif.pdbx_seq_db_seq_num 
_struct_ref_seq_dif.details 
_struct_ref_seq_dif.pdbx_auth_seq_num 
_struct_ref_seq_dif.pdbx_ordinal 
1 5DZD GLY A 1  ? UNP Q96J02 ? ? 'expression tag' 468 1  
1 5DZD ARG A 2  ? UNP Q96J02 ? ? 'expression tag' 469 2  
1 5DZD ARG A 3  ? UNP Q96J02 ? ? 'expression tag' 470 3  
1 5DZD ALA A 4  ? UNP Q96J02 ? ? 'expression tag' 471 4  
1 5DZD SER A 5  ? UNP Q96J02 ? ? 'expression tag' 472 5  
1 5DZD VAL A 6  ? UNP Q96J02 ? ? 'expression tag' 473 6  
1 5DZD GLU A 7  ? UNP Q96J02 ? ? 'expression tag' 474 7  
2 5DZD GLY B 1  ? UNP Q96J02 ? ? 'expression tag' 468 8  
2 5DZD ARG B 2  ? UNP Q96J02 ? ? 'expression tag' 469 9  
2 5DZD ARG B 3  ? UNP Q96J02 ? ? 'expression tag' 470 10 
2 5DZD ALA B 4  ? UNP Q96J02 ? ? 'expression tag' 471 11 
2 5DZD SER B 5  ? UNP Q96J02 ? ? 'expression tag' 472 12 
2 5DZD VAL B 6  ? UNP Q96J02 ? ? 'expression tag' 473 13 
2 5DZD GLU B 7  ? UNP Q96J02 ? ? 'expression tag' 474 14 
3 5DZD ACE C 1  ? UNP Q9H3M7 ? ? acetylation      326 15 
3 5DZD NH2 C 14 ? UNP Q9H3M7 ? ? amidation        339 16 
4 5DZD ACE D 1  ? UNP Q9H3M7 ? ? acetylation      326 17 
4 5DZD NH2 D 14 ? UNP Q9H3M7 ? ? amidation        339 18 
# 
_pdbx_struct_assembly.id                   1 
_pdbx_struct_assembly.details              software_defined_assembly 
_pdbx_struct_assembly.method_details       PISA 
_pdbx_struct_assembly.oligomeric_details   tetrameric 
_pdbx_struct_assembly.oligomeric_count     4 
# 
loop_
_pdbx_struct_assembly_prop.biol_id 
_pdbx_struct_assembly_prop.type 
_pdbx_struct_assembly_prop.value 
_pdbx_struct_assembly_prop.details 
1 'ABSA (A^2)' 3210 ? 
1 MORE         -21  ? 
1 'SSA (A^2)'  6370 ? 
# 
_pdbx_struct_assembly_gen.assembly_id       1 
_pdbx_struct_assembly_gen.oper_expression   1 
_pdbx_struct_assembly_gen.asym_id_list      A,B,C,D,E,F,G,H,I,J,K,L,M,N,O,P,Q,R,S,T,U,V,W,X,Y 
# 
_pdbx_struct_oper_list.id                   1 
_pdbx_struct_oper_list.type                 'identity operation' 
_pdbx_struct_oper_list.name                 1_555 
_pdbx_struct_oper_list.symmetry_operation   x,y,z 
_pdbx_struct_oper_list.matrix[1][1]         1.0000000000 
_pdbx_struct_oper_list.matrix[1][2]         0.0000000000 
_pdbx_struct_oper_list.matrix[1][3]         0.0000000000 
_pdbx_struct_oper_list.vector[1]            0.0000000000 
_pdbx_struct_oper_list.matrix[2][1]         0.0000000000 
_pdbx_struct_oper_list.matrix[2][2]         1.0000000000 
_pdbx_struct_oper_list.matrix[2][3]         0.0000000000 
_pdbx_struct_oper_list.vector[2]            0.0000000000 
_pdbx_struct_oper_list.matrix[3][1]         0.0000000000 
_pdbx_struct_oper_list.matrix[3][2]         0.0000000000 
_pdbx_struct_oper_list.matrix[3][3]         1.0000000000 
_pdbx_struct_oper_list.vector[3]            0.0000000000 
# 
loop_
_struct_conf.conf_type_id 
_struct_conf.id 
_struct_conf.pdbx_PDB_helix_id 
_struct_conf.beg_label_comp_id 
_struct_conf.beg_label_asym_id 
_struct_conf.beg_label_seq_id 
_struct_conf.pdbx_beg_PDB_ins_code 
_struct_conf.end_label_comp_id 
_struct_conf.end_label_asym_id 
_struct_conf.end_label_seq_id 
_struct_conf.pdbx_end_PDB_ins_code 
_struct_conf.beg_auth_comp_id 
_struct_conf.beg_auth_asym_id 
_struct_conf.beg_auth_seq_id 
_struct_conf.end_auth_comp_id 
_struct_conf.end_auth_asym_id 
_struct_conf.end_auth_seq_id 
_struct_conf.pdbx_PDB_helix_class 
_struct_conf.details 
_struct_conf.pdbx_PDB_helix_length 
HELX_P HELX_P1 AA1 CYS C 8 ? ILE C 13 ? CYS C 333 ILE C 338 1 ? 6 
HELX_P HELX_P2 AA2 CYS D 8 ? ILE D 13 ? CYS D 333 ILE D 338 1 ? 6 
# 
_struct_conf_type.id          HELX_P 
_struct_conf_type.criteria    ? 
_struct_conf_type.reference   ? 
# 
loop_
_struct_conn.id 
_struct_conn.conn_type_id 
_struct_conn.pdbx_leaving_atom_flag 
_struct_conn.pdbx_PDB_id 
_struct_conn.ptnr1_label_asym_id 
_struct_conn.ptnr1_label_comp_id 
_struct_conn.ptnr1_label_seq_id 
_struct_conn.ptnr1_label_atom_id 
_struct_conn.pdbx_ptnr1_label_alt_id 
_struct_conn.pdbx_ptnr1_PDB_ins_code 
_struct_conn.pdbx_ptnr1_standard_comp_id 
_struct_conn.ptnr1_symmetry 
_struct_conn.ptnr2_label_asym_id 
_struct_conn.ptnr2_label_comp_id 
_struct_conn.ptnr2_label_seq_id 
_struct_conn.ptnr2_label_atom_id 
_struct_conn.pdbx_ptnr2_label_alt_id 
_struct_conn.pdbx_ptnr2_PDB_ins_code 
_struct_conn.ptnr1_auth_asym_id 
_struct_conn.ptnr1_auth_comp_id 
_struct_conn.ptnr1_auth_seq_id 
_struct_conn.ptnr2_auth_asym_id 
_struct_conn.ptnr2_auth_comp_id 
_struct_conn.ptnr2_auth_seq_id 
_struct_conn.ptnr2_symmetry 
_struct_conn.pdbx_ptnr3_label_atom_id 
_struct_conn.pdbx_ptnr3_label_seq_id 
_struct_conn.pdbx_ptnr3_label_comp_id 
_struct_conn.pdbx_ptnr3_label_asym_id 
_struct_conn.pdbx_ptnr3_label_alt_id 
_struct_conn.pdbx_ptnr3_PDB_ins_code 
_struct_conn.details 
_struct_conn.pdbx_dist_value 
_struct_conn.pdbx_value_order 
_struct_conn.pdbx_role 
disulf1 disulf ?    ? C CYS 8  SG A ? ? 1_555 D CYS 8  SG A ? C CYS 333 D CYS 333 1_555 ? ? ? ? ? ? ? 2.050 ? ? 
disulf2 disulf ?    ? C CYS 8  SG B ? ? 1_555 D CYS 8  SG B ? C CYS 333 D CYS 333 1_555 ? ? ? ? ? ? ? 2.015 ? ? 
covale1 covale both ? C ACE 1  C  ? ? ? 1_555 C THR 2  N  ? ? C ACE 326 C THR 327 1_555 ? ? ? ? ? ? ? 1.354 ? ? 
covale2 covale both ? C ILE 13 C  ? ? ? 1_555 C NH2 14 N  ? ? C ILE 338 C NH2 339 1_555 ? ? ? ? ? ? ? 1.333 ? ? 
covale3 covale both ? D ILE 13 C  ? ? ? 1_555 D NH2 14 N  ? ? D ILE 338 D NH2 339 1_555 ? ? ? ? ? ? ? 1.349 ? ? 
# 
loop_
_struct_conn_type.id 
_struct_conn_type.criteria 
_struct_conn_type.reference 
disulf ? ? 
covale ? ? 
# 
loop_
_pdbx_modification_feature.ordinal 
_pdbx_modification_feature.label_comp_id 
_pdbx_modification_feature.label_asym_id 
_pdbx_modification_feature.label_seq_id 
_pdbx_modification_feature.label_alt_id 
_pdbx_modification_feature.modified_residue_label_comp_id 
_pdbx_modification_feature.modified_residue_label_asym_id 
_pdbx_modification_feature.modified_residue_label_seq_id 
_pdbx_modification_feature.modified_residue_label_alt_id 
_pdbx_modification_feature.auth_comp_id 
_pdbx_modification_feature.auth_asym_id 
_pdbx_modification_feature.auth_seq_id 
_pdbx_modification_feature.PDB_ins_code 
_pdbx_modification_feature.symmetry 
_pdbx_modification_feature.modified_residue_auth_comp_id 
_pdbx_modification_feature.modified_residue_auth_asym_id 
_pdbx_modification_feature.modified_residue_auth_seq_id 
_pdbx_modification_feature.modified_residue_PDB_ins_code 
_pdbx_modification_feature.modified_residue_symmetry 
_pdbx_modification_feature.comp_id_linking_atom 
_pdbx_modification_feature.modified_residue_id_linking_atom 
_pdbx_modification_feature.modified_residue_id 
_pdbx_modification_feature.ref_pcm_id 
_pdbx_modification_feature.ref_comp_id 
_pdbx_modification_feature.type 
_pdbx_modification_feature.category 
1 ACE C 1  ? THR C 2  ? ACE C 326 ? 1_555 THR C 327 ? 1_555 .  .  THR 7 ACE None 'Terminal acetylation' 
2 NH2 C 14 ? ILE C 13 ? NH2 C 339 ? 1_555 ILE C 338 ? 1_555 .  .  ILE 3 NH2 None 'Terminal amidation'   
3 NH2 D 14 ? ILE D 13 ? NH2 D 339 ? 1_555 ILE D 338 ? 1_555 .  .  ILE 3 NH2 None 'Terminal amidation'   
4 CYS C 8  A CYS D 8  A CYS C 333 ? 1_555 CYS D 333 ? 1_555 SG SG .   . .   None 'Disulfide bridge'     
5 CYS C 8  B CYS D 8  B CYS C 333 ? 1_555 CYS D 333 ? 1_555 SG SG .   . .   None 'Disulfide bridge'     
# 
loop_
_struct_sheet.id 
_struct_sheet.type 
_struct_sheet.number_strands 
_struct_sheet.details 
AA1 ? 3 ? 
AA2 ? 3 ? 
# 
loop_
_struct_sheet_order.sheet_id 
_struct_sheet_order.range_id_1 
_struct_sheet_order.range_id_2 
_struct_sheet_order.offset 
_struct_sheet_order.sense 
AA1 1 2 ? anti-parallel 
AA1 2 3 ? anti-parallel 
AA2 1 2 ? anti-parallel 
AA2 2 3 ? anti-parallel 
# 
loop_
_struct_sheet_range.sheet_id 
_struct_sheet_range.id 
_struct_sheet_range.beg_label_comp_id 
_struct_sheet_range.beg_label_asym_id 
_struct_sheet_range.beg_label_seq_id 
_struct_sheet_range.pdbx_beg_PDB_ins_code 
_struct_sheet_range.end_label_comp_id 
_struct_sheet_range.end_label_asym_id 
_struct_sheet_range.end_label_seq_id 
_struct_sheet_range.pdbx_end_PDB_ins_code 
_struct_sheet_range.beg_auth_comp_id 
_struct_sheet_range.beg_auth_asym_id 
_struct_sheet_range.beg_auth_seq_id 
_struct_sheet_range.end_auth_comp_id 
_struct_sheet_range.end_auth_asym_id 
_struct_sheet_range.end_auth_seq_id 
AA1 1 TRP A 17 ? PHE A 21 ? TRP A 484 PHE A 488 
AA1 2 PRO A 27 ? ASP A 31 ? PRO A 494 ASP A 498 
AA1 3 THR A 36 ? THR A 38 ? THR A 503 THR A 505 
AA2 1 TRP B 17 ? PHE B 21 ? TRP B 484 PHE B 488 
AA2 2 PRO B 27 ? ASP B 31 ? PRO B 494 ASP B 498 
AA2 3 THR B 36 ? THR B 38 ? THR B 503 THR B 505 
# 
loop_
_pdbx_struct_sheet_hbond.sheet_id 
_pdbx_struct_sheet_hbond.range_id_1 
_pdbx_struct_sheet_hbond.range_id_2 
_pdbx_struct_sheet_hbond.range_1_label_atom_id 
_pdbx_struct_sheet_hbond.range_1_label_comp_id 
_pdbx_struct_sheet_hbond.range_1_label_asym_id 
_pdbx_struct_sheet_hbond.range_1_label_seq_id 
_pdbx_struct_sheet_hbond.range_1_PDB_ins_code 
_pdbx_struct_sheet_hbond.range_1_auth_atom_id 
_pdbx_struct_sheet_hbond.range_1_auth_comp_id 
_pdbx_struct_sheet_hbond.range_1_auth_asym_id 
_pdbx_struct_sheet_hbond.range_1_auth_seq_id 
_pdbx_struct_sheet_hbond.range_2_label_atom_id 
_pdbx_struct_sheet_hbond.range_2_label_comp_id 
_pdbx_struct_sheet_hbond.range_2_label_asym_id 
_pdbx_struct_sheet_hbond.range_2_label_seq_id 
_pdbx_struct_sheet_hbond.range_2_PDB_ins_code 
_pdbx_struct_sheet_hbond.range_2_auth_atom_id 
_pdbx_struct_sheet_hbond.range_2_auth_comp_id 
_pdbx_struct_sheet_hbond.range_2_auth_asym_id 
_pdbx_struct_sheet_hbond.range_2_auth_seq_id 
AA1 1 2 N GLU A 18 ? N GLU A 485 O VAL A 30 ? O VAL A 497 
AA1 2 3 N ASP A 31 ? N ASP A 498 O THR A 36 ? O THR A 503 
AA2 1 2 N GLU B 18 ? N GLU B 485 O VAL B 30 ? O VAL B 497 
AA2 2 3 N PHE B 29 ? N PHE B 496 O THR B 38 ? O THR B 505 
# 
_pdbx_entry_details.entry_id                   5DZD 
_pdbx_entry_details.compound_details           ? 
_pdbx_entry_details.source_details             ? 
_pdbx_entry_details.nonpolymer_details         ? 
_pdbx_entry_details.sequence_details           ? 
_pdbx_entry_details.has_ligand_of_interest     ? 
_pdbx_entry_details.has_protein_modification   Y 
# 
_pdbx_validate_close_contact.id               1 
_pdbx_validate_close_contact.PDB_model_num    1 
_pdbx_validate_close_contact.auth_atom_id_1   SG 
_pdbx_validate_close_contact.auth_asym_id_1   D 
_pdbx_validate_close_contact.auth_comp_id_1   CYS 
_pdbx_validate_close_contact.auth_seq_id_1    333 
_pdbx_validate_close_contact.PDB_ins_code_1   ? 
_pdbx_validate_close_contact.label_alt_id_1   B 
_pdbx_validate_close_contact.auth_atom_id_2   UNK 
_pdbx_validate_close_contact.auth_asym_id_2   D 
_pdbx_validate_close_contact.auth_comp_id_2   UNX 
_pdbx_validate_close_contact.auth_seq_id_2    401 
_pdbx_validate_close_contact.PDB_ins_code_2   ? 
_pdbx_validate_close_contact.label_alt_id_2   ? 
_pdbx_validate_close_contact.dist             1.99 
# 
loop_
_pdbx_validate_rmsd_angle.id 
_pdbx_validate_rmsd_angle.PDB_model_num 
_pdbx_validate_rmsd_angle.auth_atom_id_1 
_pdbx_validate_rmsd_angle.auth_asym_id_1 
_pdbx_validate_rmsd_angle.auth_comp_id_1 
_pdbx_validate_rmsd_angle.auth_seq_id_1 
_pdbx_validate_rmsd_angle.PDB_ins_code_1 
_pdbx_validate_rmsd_angle.label_alt_id_1 
_pdbx_validate_rmsd_angle.auth_atom_id_2 
_pdbx_validate_rmsd_angle.auth_asym_id_2 
_pdbx_validate_rmsd_angle.auth_comp_id_2 
_pdbx_validate_rmsd_angle.auth_seq_id_2 
_pdbx_validate_rmsd_angle.PDB_ins_code_2 
_pdbx_validate_rmsd_angle.label_alt_id_2 
_pdbx_validate_rmsd_angle.auth_atom_id_3 
_pdbx_validate_rmsd_angle.auth_asym_id_3 
_pdbx_validate_rmsd_angle.auth_comp_id_3 
_pdbx_validate_rmsd_angle.auth_seq_id_3 
_pdbx_validate_rmsd_angle.PDB_ins_code_3 
_pdbx_validate_rmsd_angle.label_alt_id_3 
_pdbx_validate_rmsd_angle.angle_value 
_pdbx_validate_rmsd_angle.angle_target_value 
_pdbx_validate_rmsd_angle.angle_deviation 
_pdbx_validate_rmsd_angle.angle_standard_deviation 
_pdbx_validate_rmsd_angle.linker_flag 
1 1 NE A ARG 487 ? ? CZ A ARG 487 ? ? NH2 A ARG 487 ? ? 116.66 120.30 -3.64 0.50 N 
2 1 NE A ARG 502 ? A CZ A ARG 502 ? A NH1 A ARG 502 ? A 126.37 120.30 6.07  0.50 N 
3 1 NE A ARG 502 ? A CZ A ARG 502 ? A NH2 A ARG 502 ? A 116.66 120.30 -3.64 0.50 N 
4 1 CB B ASP 508 ? ? CG B ASP 508 ? ? OD1 B ASP 508 ? ? 124.74 118.30 6.44  0.90 N 
# 
_pdbx_SG_project.id                    1 
_pdbx_SG_project.project_name          ? 
_pdbx_SG_project.full_name_of_center   'Structural Genomics Consortium' 
_pdbx_SG_project.initial_of_center     SGC 
# 
_pdbx_struct_special_symmetry.id              1 
_pdbx_struct_special_symmetry.PDB_model_num   1 
_pdbx_struct_special_symmetry.auth_asym_id    B 
_pdbx_struct_special_symmetry.auth_comp_id    HOH 
_pdbx_struct_special_symmetry.auth_seq_id     705 
_pdbx_struct_special_symmetry.PDB_ins_code    ? 
_pdbx_struct_special_symmetry.label_asym_id   W 
_pdbx_struct_special_symmetry.label_comp_id   HOH 
_pdbx_struct_special_symmetry.label_seq_id    . 
# 
_phasing.method   MR 
# 
loop_
_pdbx_unobs_or_zero_occ_residues.id 
_pdbx_unobs_or_zero_occ_residues.PDB_model_num 
_pdbx_unobs_or_zero_occ_residues.polymer_flag 
_pdbx_unobs_or_zero_occ_residues.occupancy_flag 
_pdbx_unobs_or_zero_occ_residues.auth_asym_id 
_pdbx_unobs_or_zero_occ_residues.auth_comp_id 
_pdbx_unobs_or_zero_occ_residues.auth_seq_id 
_pdbx_unobs_or_zero_occ_residues.PDB_ins_code 
_pdbx_unobs_or_zero_occ_residues.label_asym_id 
_pdbx_unobs_or_zero_occ_residues.label_comp_id 
_pdbx_unobs_or_zero_occ_residues.label_seq_id 
1  1 Y 1 A GLY 468 ? A GLY 1  
2  1 Y 1 A ARG 469 ? A ARG 2  
3  1 Y 1 A ARG 470 ? A ARG 3  
4  1 Y 1 A ALA 471 ? A ALA 4  
5  1 Y 1 A SER 472 ? A SER 5  
6  1 Y 1 A VAL 473 ? A VAL 6  
7  1 Y 1 A GLU 474 ? A GLU 7  
8  1 Y 1 A LEU 475 ? A LEU 8  
9  1 Y 1 A ASN 476 ? A ASN 9  
10 1 Y 1 A GLU 477 ? A GLU 10 
11 1 Y 1 B GLY 468 ? B GLY 1  
12 1 Y 1 B ARG 469 ? B ARG 2  
13 1 Y 1 B ARG 470 ? B ARG 3  
14 1 Y 1 B ALA 471 ? B ALA 4  
15 1 Y 1 B SER 472 ? B SER 5  
16 1 Y 1 B VAL 473 ? B VAL 6  
17 1 Y 1 B GLU 474 ? B GLU 7  
18 1 Y 1 B LEU 475 ? B LEU 8  
19 1 Y 1 D ACE 326 ? D ACE 1  
20 1 Y 1 D THR 327 ? D THR 2  
21 1 Y 1 D PRO 328 ? D PRO 3  
# 
loop_
_chem_comp_atom.comp_id 
_chem_comp_atom.atom_id 
_chem_comp_atom.type_symbol 
_chem_comp_atom.pdbx_aromatic_flag 
_chem_comp_atom.pdbx_stereo_config 
_chem_comp_atom.pdbx_ordinal 
ACE C    C N N 1   
ACE O    O N N 2   
ACE CH3  C N N 3   
ACE H    H N N 4   
ACE H1   H N N 5   
ACE H2   H N N 6   
ACE H3   H N N 7   
ALA N    N N N 8   
ALA CA   C N S 9   
ALA C    C N N 10  
ALA O    O N N 11  
ALA CB   C N N 12  
ALA OXT  O N N 13  
ALA H    H N N 14  
ALA H2   H N N 15  
ALA HA   H N N 16  
ALA HB1  H N N 17  
ALA HB2  H N N 18  
ALA HB3  H N N 19  
ALA HXT  H N N 20  
ARG N    N N N 21  
ARG CA   C N S 22  
ARG C    C N N 23  
ARG O    O N N 24  
ARG CB   C N N 25  
ARG CG   C N N 26  
ARG CD   C N N 27  
ARG NE   N N N 28  
ARG CZ   C N N 29  
ARG NH1  N N N 30  
ARG NH2  N N N 31  
ARG OXT  O N N 32  
ARG H    H N N 33  
ARG H2   H N N 34  
ARG HA   H N N 35  
ARG HB2  H N N 36  
ARG HB3  H N N 37  
ARG HG2  H N N 38  
ARG HG3  H N N 39  
ARG HD2  H N N 40  
ARG HD3  H N N 41  
ARG HE   H N N 42  
ARG HH11 H N N 43  
ARG HH12 H N N 44  
ARG HH21 H N N 45  
ARG HH22 H N N 46  
ARG HXT  H N N 47  
ASN N    N N N 48  
ASN CA   C N S 49  
ASN C    C N N 50  
ASN O    O N N 51  
ASN CB   C N N 52  
ASN CG   C N N 53  
ASN OD1  O N N 54  
ASN ND2  N N N 55  
ASN OXT  O N N 56  
ASN H    H N N 57  
ASN H2   H N N 58  
ASN HA   H N N 59  
ASN HB2  H N N 60  
ASN HB3  H N N 61  
ASN HD21 H N N 62  
ASN HD22 H N N 63  
ASN HXT  H N N 64  
ASP N    N N N 65  
ASP CA   C N S 66  
ASP C    C N N 67  
ASP O    O N N 68  
ASP CB   C N N 69  
ASP CG   C N N 70  
ASP OD1  O N N 71  
ASP OD2  O N N 72  
ASP OXT  O N N 73  
ASP H    H N N 74  
ASP H2   H N N 75  
ASP HA   H N N 76  
ASP HB2  H N N 77  
ASP HB3  H N N 78  
ASP HD2  H N N 79  
ASP HXT  H N N 80  
CYS N    N N N 81  
CYS CA   C N R 82  
CYS C    C N N 83  
CYS O    O N N 84  
CYS CB   C N N 85  
CYS SG   S N N 86  
CYS OXT  O N N 87  
CYS H    H N N 88  
CYS H2   H N N 89  
CYS HA   H N N 90  
CYS HB2  H N N 91  
CYS HB3  H N N 92  
CYS HG   H N N 93  
CYS HXT  H N N 94  
GLU N    N N N 95  
GLU CA   C N S 96  
GLU C    C N N 97  
GLU O    O N N 98  
GLU CB   C N N 99  
GLU CG   C N N 100 
GLU CD   C N N 101 
GLU OE1  O N N 102 
GLU OE2  O N N 103 
GLU OXT  O N N 104 
GLU H    H N N 105 
GLU H2   H N N 106 
GLU HA   H N N 107 
GLU HB2  H N N 108 
GLU HB3  H N N 109 
GLU HG2  H N N 110 
GLU HG3  H N N 111 
GLU HE2  H N N 112 
GLU HXT  H N N 113 
GLY N    N N N 114 
GLY CA   C N N 115 
GLY C    C N N 116 
GLY O    O N N 117 
GLY OXT  O N N 118 
GLY H    H N N 119 
GLY H2   H N N 120 
GLY HA2  H N N 121 
GLY HA3  H N N 122 
GLY HXT  H N N 123 
HIS N    N N N 124 
HIS CA   C N S 125 
HIS C    C N N 126 
HIS O    O N N 127 
HIS CB   C N N 128 
HIS CG   C Y N 129 
HIS ND1  N Y N 130 
HIS CD2  C Y N 131 
HIS CE1  C Y N 132 
HIS NE2  N Y N 133 
HIS OXT  O N N 134 
HIS H    H N N 135 
HIS H2   H N N 136 
HIS HA   H N N 137 
HIS HB2  H N N 138 
HIS HB3  H N N 139 
HIS HD1  H N N 140 
HIS HD2  H N N 141 
HIS HE1  H N N 142 
HIS HE2  H N N 143 
HIS HXT  H N N 144 
HOH O    O N N 145 
HOH H1   H N N 146 
HOH H2   H N N 147 
ILE N    N N N 148 
ILE CA   C N S 149 
ILE C    C N N 150 
ILE O    O N N 151 
ILE CB   C N S 152 
ILE CG1  C N N 153 
ILE CG2  C N N 154 
ILE CD1  C N N 155 
ILE OXT  O N N 156 
ILE H    H N N 157 
ILE H2   H N N 158 
ILE HA   H N N 159 
ILE HB   H N N 160 
ILE HG12 H N N 161 
ILE HG13 H N N 162 
ILE HG21 H N N 163 
ILE HG22 H N N 164 
ILE HG23 H N N 165 
ILE HD11 H N N 166 
ILE HD12 H N N 167 
ILE HD13 H N N 168 
ILE HXT  H N N 169 
LEU N    N N N 170 
LEU CA   C N S 171 
LEU C    C N N 172 
LEU O    O N N 173 
LEU CB   C N N 174 
LEU CG   C N N 175 
LEU CD1  C N N 176 
LEU CD2  C N N 177 
LEU OXT  O N N 178 
LEU H    H N N 179 
LEU H2   H N N 180 
LEU HA   H N N 181 
LEU HB2  H N N 182 
LEU HB3  H N N 183 
LEU HG   H N N 184 
LEU HD11 H N N 185 
LEU HD12 H N N 186 
LEU HD13 H N N 187 
LEU HD21 H N N 188 
LEU HD22 H N N 189 
LEU HD23 H N N 190 
LEU HXT  H N N 191 
LYS N    N N N 192 
LYS CA   C N S 193 
LYS C    C N N 194 
LYS O    O N N 195 
LYS CB   C N N 196 
LYS CG   C N N 197 
LYS CD   C N N 198 
LYS CE   C N N 199 
LYS NZ   N N N 200 
LYS OXT  O N N 201 
LYS H    H N N 202 
LYS H2   H N N 203 
LYS HA   H N N 204 
LYS HB2  H N N 205 
LYS HB3  H N N 206 
LYS HG2  H N N 207 
LYS HG3  H N N 208 
LYS HD2  H N N 209 
LYS HD3  H N N 210 
LYS HE2  H N N 211 
LYS HE3  H N N 212 
LYS HZ1  H N N 213 
LYS HZ2  H N N 214 
LYS HZ3  H N N 215 
LYS HXT  H N N 216 
MET N    N N N 217 
MET CA   C N S 218 
MET C    C N N 219 
MET O    O N N 220 
MET CB   C N N 221 
MET CG   C N N 222 
MET SD   S N N 223 
MET CE   C N N 224 
MET OXT  O N N 225 
MET H    H N N 226 
MET H2   H N N 227 
MET HA   H N N 228 
MET HB2  H N N 229 
MET HB3  H N N 230 
MET HG2  H N N 231 
MET HG3  H N N 232 
MET HE1  H N N 233 
MET HE2  H N N 234 
MET HE3  H N N 235 
MET HXT  H N N 236 
NH2 N    N N N 237 
NH2 HN1  H N N 238 
NH2 HN2  H N N 239 
PHE N    N N N 240 
PHE CA   C N S 241 
PHE C    C N N 242 
PHE O    O N N 243 
PHE CB   C N N 244 
PHE CG   C Y N 245 
PHE CD1  C Y N 246 
PHE CD2  C Y N 247 
PHE CE1  C Y N 248 
PHE CE2  C Y N 249 
PHE CZ   C Y N 250 
PHE OXT  O N N 251 
PHE H    H N N 252 
PHE H2   H N N 253 
PHE HA   H N N 254 
PHE HB2  H N N 255 
PHE HB3  H N N 256 
PHE HD1  H N N 257 
PHE HD2  H N N 258 
PHE HE1  H N N 259 
PHE HE2  H N N 260 
PHE HZ   H N N 261 
PHE HXT  H N N 262 
PRO N    N N N 263 
PRO CA   C N S 264 
PRO C    C N N 265 
PRO O    O N N 266 
PRO CB   C N N 267 
PRO CG   C N N 268 
PRO CD   C N N 269 
PRO OXT  O N N 270 
PRO H    H N N 271 
PRO HA   H N N 272 
PRO HB2  H N N 273 
PRO HB3  H N N 274 
PRO HG2  H N N 275 
PRO HG3  H N N 276 
PRO HD2  H N N 277 
PRO HD3  H N N 278 
PRO HXT  H N N 279 
SER N    N N N 280 
SER CA   C N S 281 
SER C    C N N 282 
SER O    O N N 283 
SER CB   C N N 284 
SER OG   O N N 285 
SER OXT  O N N 286 
SER H    H N N 287 
SER H2   H N N 288 
SER HA   H N N 289 
SER HB2  H N N 290 
SER HB3  H N N 291 
SER HG   H N N 292 
SER HXT  H N N 293 
THR N    N N N 294 
THR CA   C N S 295 
THR C    C N N 296 
THR O    O N N 297 
THR CB   C N R 298 
THR OG1  O N N 299 
THR CG2  C N N 300 
THR OXT  O N N 301 
THR H    H N N 302 
THR H2   H N N 303 
THR HA   H N N 304 
THR HB   H N N 305 
THR HG1  H N N 306 
THR HG21 H N N 307 
THR HG22 H N N 308 
THR HG23 H N N 309 
THR HXT  H N N 310 
TRP N    N N N 311 
TRP CA   C N S 312 
TRP C    C N N 313 
TRP O    O N N 314 
TRP CB   C N N 315 
TRP CG   C Y N 316 
TRP CD1  C Y N 317 
TRP CD2  C Y N 318 
TRP NE1  N Y N 319 
TRP CE2  C Y N 320 
TRP CE3  C Y N 321 
TRP CZ2  C Y N 322 
TRP CZ3  C Y N 323 
TRP CH2  C Y N 324 
TRP OXT  O N N 325 
TRP H    H N N 326 
TRP H2   H N N 327 
TRP HA   H N N 328 
TRP HB2  H N N 329 
TRP HB3  H N N 330 
TRP HD1  H N N 331 
TRP HE1  H N N 332 
TRP HE3  H N N 333 
TRP HZ2  H N N 334 
TRP HZ3  H N N 335 
TRP HH2  H N N 336 
TRP HXT  H N N 337 
TYR N    N N N 338 
TYR CA   C N S 339 
TYR C    C N N 340 
TYR O    O N N 341 
TYR CB   C N N 342 
TYR CG   C Y N 343 
TYR CD1  C Y N 344 
TYR CD2  C Y N 345 
TYR CE1  C Y N 346 
TYR CE2  C Y N 347 
TYR CZ   C Y N 348 
TYR OH   O N N 349 
TYR OXT  O N N 350 
TYR H    H N N 351 
TYR H2   H N N 352 
TYR HA   H N N 353 
TYR HB2  H N N 354 
TYR HB3  H N N 355 
TYR HD1  H N N 356 
TYR HD2  H N N 357 
TYR HE1  H N N 358 
TYR HE2  H N N 359 
TYR HH   H N N 360 
TYR HXT  H N N 361 
VAL N    N N N 362 
VAL CA   C N S 363 
VAL C    C N N 364 
VAL O    O N N 365 
VAL CB   C N N 366 
VAL CG1  C N N 367 
VAL CG2  C N N 368 
VAL OXT  O N N 369 
VAL H    H N N 370 
VAL H2   H N N 371 
VAL HA   H N N 372 
VAL HB   H N N 373 
VAL HG11 H N N 374 
VAL HG12 H N N 375 
VAL HG13 H N N 376 
VAL HG21 H N N 377 
VAL HG22 H N N 378 
VAL HG23 H N N 379 
VAL HXT  H N N 380 
# 
loop_
_chem_comp_bond.comp_id 
_chem_comp_bond.atom_id_1 
_chem_comp_bond.atom_id_2 
_chem_comp_bond.value_order 
_chem_comp_bond.pdbx_aromatic_flag 
_chem_comp_bond.pdbx_stereo_config 
_chem_comp_bond.pdbx_ordinal 
ACE C   O    doub N N 1   
ACE C   CH3  sing N N 2   
ACE C   H    sing N N 3   
ACE CH3 H1   sing N N 4   
ACE CH3 H2   sing N N 5   
ACE CH3 H3   sing N N 6   
ALA N   CA   sing N N 7   
ALA N   H    sing N N 8   
ALA N   H2   sing N N 9   
ALA CA  C    sing N N 10  
ALA CA  CB   sing N N 11  
ALA CA  HA   sing N N 12  
ALA C   O    doub N N 13  
ALA C   OXT  sing N N 14  
ALA CB  HB1  sing N N 15  
ALA CB  HB2  sing N N 16  
ALA CB  HB3  sing N N 17  
ALA OXT HXT  sing N N 18  
ARG N   CA   sing N N 19  
ARG N   H    sing N N 20  
ARG N   H2   sing N N 21  
ARG CA  C    sing N N 22  
ARG CA  CB   sing N N 23  
ARG CA  HA   sing N N 24  
ARG C   O    doub N N 25  
ARG C   OXT  sing N N 26  
ARG CB  CG   sing N N 27  
ARG CB  HB2  sing N N 28  
ARG CB  HB3  sing N N 29  
ARG CG  CD   sing N N 30  
ARG CG  HG2  sing N N 31  
ARG CG  HG3  sing N N 32  
ARG CD  NE   sing N N 33  
ARG CD  HD2  sing N N 34  
ARG CD  HD3  sing N N 35  
ARG NE  CZ   sing N N 36  
ARG NE  HE   sing N N 37  
ARG CZ  NH1  sing N N 38  
ARG CZ  NH2  doub N N 39  
ARG NH1 HH11 sing N N 40  
ARG NH1 HH12 sing N N 41  
ARG NH2 HH21 sing N N 42  
ARG NH2 HH22 sing N N 43  
ARG OXT HXT  sing N N 44  
ASN N   CA   sing N N 45  
ASN N   H    sing N N 46  
ASN N   H2   sing N N 47  
ASN CA  C    sing N N 48  
ASN CA  CB   sing N N 49  
ASN CA  HA   sing N N 50  
ASN C   O    doub N N 51  
ASN C   OXT  sing N N 52  
ASN CB  CG   sing N N 53  
ASN CB  HB2  sing N N 54  
ASN CB  HB3  sing N N 55  
ASN CG  OD1  doub N N 56  
ASN CG  ND2  sing N N 57  
ASN ND2 HD21 sing N N 58  
ASN ND2 HD22 sing N N 59  
ASN OXT HXT  sing N N 60  
ASP N   CA   sing N N 61  
ASP N   H    sing N N 62  
ASP N   H2   sing N N 63  
ASP CA  C    sing N N 64  
ASP CA  CB   sing N N 65  
ASP CA  HA   sing N N 66  
ASP C   O    doub N N 67  
ASP C   OXT  sing N N 68  
ASP CB  CG   sing N N 69  
ASP CB  HB2  sing N N 70  
ASP CB  HB3  sing N N 71  
ASP CG  OD1  doub N N 72  
ASP CG  OD2  sing N N 73  
ASP OD2 HD2  sing N N 74  
ASP OXT HXT  sing N N 75  
CYS N   CA   sing N N 76  
CYS N   H    sing N N 77  
CYS N   H2   sing N N 78  
CYS CA  C    sing N N 79  
CYS CA  CB   sing N N 80  
CYS CA  HA   sing N N 81  
CYS C   O    doub N N 82  
CYS C   OXT  sing N N 83  
CYS CB  SG   sing N N 84  
CYS CB  HB2  sing N N 85  
CYS CB  HB3  sing N N 86  
CYS SG  HG   sing N N 87  
CYS OXT HXT  sing N N 88  
GLU N   CA   sing N N 89  
GLU N   H    sing N N 90  
GLU N   H2   sing N N 91  
GLU CA  C    sing N N 92  
GLU CA  CB   sing N N 93  
GLU CA  HA   sing N N 94  
GLU C   O    doub N N 95  
GLU C   OXT  sing N N 96  
GLU CB  CG   sing N N 97  
GLU CB  HB2  sing N N 98  
GLU CB  HB3  sing N N 99  
GLU CG  CD   sing N N 100 
GLU CG  HG2  sing N N 101 
GLU CG  HG3  sing N N 102 
GLU CD  OE1  doub N N 103 
GLU CD  OE2  sing N N 104 
GLU OE2 HE2  sing N N 105 
GLU OXT HXT  sing N N 106 
GLY N   CA   sing N N 107 
GLY N   H    sing N N 108 
GLY N   H2   sing N N 109 
GLY CA  C    sing N N 110 
GLY CA  HA2  sing N N 111 
GLY CA  HA3  sing N N 112 
GLY C   O    doub N N 113 
GLY C   OXT  sing N N 114 
GLY OXT HXT  sing N N 115 
HIS N   CA   sing N N 116 
HIS N   H    sing N N 117 
HIS N   H2   sing N N 118 
HIS CA  C    sing N N 119 
HIS CA  CB   sing N N 120 
HIS CA  HA   sing N N 121 
HIS C   O    doub N N 122 
HIS C   OXT  sing N N 123 
HIS CB  CG   sing N N 124 
HIS CB  HB2  sing N N 125 
HIS CB  HB3  sing N N 126 
HIS CG  ND1  sing Y N 127 
HIS CG  CD2  doub Y N 128 
HIS ND1 CE1  doub Y N 129 
HIS ND1 HD1  sing N N 130 
HIS CD2 NE2  sing Y N 131 
HIS CD2 HD2  sing N N 132 
HIS CE1 NE2  sing Y N 133 
HIS CE1 HE1  sing N N 134 
HIS NE2 HE2  sing N N 135 
HIS OXT HXT  sing N N 136 
HOH O   H1   sing N N 137 
HOH O   H2   sing N N 138 
ILE N   CA   sing N N 139 
ILE N   H    sing N N 140 
ILE N   H2   sing N N 141 
ILE CA  C    sing N N 142 
ILE CA  CB   sing N N 143 
ILE CA  HA   sing N N 144 
ILE C   O    doub N N 145 
ILE C   OXT  sing N N 146 
ILE CB  CG1  sing N N 147 
ILE CB  CG2  sing N N 148 
ILE CB  HB   sing N N 149 
ILE CG1 CD1  sing N N 150 
ILE CG1 HG12 sing N N 151 
ILE CG1 HG13 sing N N 152 
ILE CG2 HG21 sing N N 153 
ILE CG2 HG22 sing N N 154 
ILE CG2 HG23 sing N N 155 
ILE CD1 HD11 sing N N 156 
ILE CD1 HD12 sing N N 157 
ILE CD1 HD13 sing N N 158 
ILE OXT HXT  sing N N 159 
LEU N   CA   sing N N 160 
LEU N   H    sing N N 161 
LEU N   H2   sing N N 162 
LEU CA  C    sing N N 163 
LEU CA  CB   sing N N 164 
LEU CA  HA   sing N N 165 
LEU C   O    doub N N 166 
LEU C   OXT  sing N N 167 
LEU CB  CG   sing N N 168 
LEU CB  HB2  sing N N 169 
LEU CB  HB3  sing N N 170 
LEU CG  CD1  sing N N 171 
LEU CG  CD2  sing N N 172 
LEU CG  HG   sing N N 173 
LEU CD1 HD11 sing N N 174 
LEU CD1 HD12 sing N N 175 
LEU CD1 HD13 sing N N 176 
LEU CD2 HD21 sing N N 177 
LEU CD2 HD22 sing N N 178 
LEU CD2 HD23 sing N N 179 
LEU OXT HXT  sing N N 180 
LYS N   CA   sing N N 181 
LYS N   H    sing N N 182 
LYS N   H2   sing N N 183 
LYS CA  C    sing N N 184 
LYS CA  CB   sing N N 185 
LYS CA  HA   sing N N 186 
LYS C   O    doub N N 187 
LYS C   OXT  sing N N 188 
LYS CB  CG   sing N N 189 
LYS CB  HB2  sing N N 190 
LYS CB  HB3  sing N N 191 
LYS CG  CD   sing N N 192 
LYS CG  HG2  sing N N 193 
LYS CG  HG3  sing N N 194 
LYS CD  CE   sing N N 195 
LYS CD  HD2  sing N N 196 
LYS CD  HD3  sing N N 197 
LYS CE  NZ   sing N N 198 
LYS CE  HE2  sing N N 199 
LYS CE  HE3  sing N N 200 
LYS NZ  HZ1  sing N N 201 
LYS NZ  HZ2  sing N N 202 
LYS NZ  HZ3  sing N N 203 
LYS OXT HXT  sing N N 204 
MET N   CA   sing N N 205 
MET N   H    sing N N 206 
MET N   H2   sing N N 207 
MET CA  C    sing N N 208 
MET CA  CB   sing N N 209 
MET CA  HA   sing N N 210 
MET C   O    doub N N 211 
MET C   OXT  sing N N 212 
MET CB  CG   sing N N 213 
MET CB  HB2  sing N N 214 
MET CB  HB3  sing N N 215 
MET CG  SD   sing N N 216 
MET CG  HG2  sing N N 217 
MET CG  HG3  sing N N 218 
MET SD  CE   sing N N 219 
MET CE  HE1  sing N N 220 
MET CE  HE2  sing N N 221 
MET CE  HE3  sing N N 222 
MET OXT HXT  sing N N 223 
NH2 N   HN1  sing N N 224 
NH2 N   HN2  sing N N 225 
PHE N   CA   sing N N 226 
PHE N   H    sing N N 227 
PHE N   H2   sing N N 228 
PHE CA  C    sing N N 229 
PHE CA  CB   sing N N 230 
PHE CA  HA   sing N N 231 
PHE C   O    doub N N 232 
PHE C   OXT  sing N N 233 
PHE CB  CG   sing N N 234 
PHE CB  HB2  sing N N 235 
PHE CB  HB3  sing N N 236 
PHE CG  CD1  doub Y N 237 
PHE CG  CD2  sing Y N 238 
PHE CD1 CE1  sing Y N 239 
PHE CD1 HD1  sing N N 240 
PHE CD2 CE2  doub Y N 241 
PHE CD2 HD2  sing N N 242 
PHE CE1 CZ   doub Y N 243 
PHE CE1 HE1  sing N N 244 
PHE CE2 CZ   sing Y N 245 
PHE CE2 HE2  sing N N 246 
PHE CZ  HZ   sing N N 247 
PHE OXT HXT  sing N N 248 
PRO N   CA   sing N N 249 
PRO N   CD   sing N N 250 
PRO N   H    sing N N 251 
PRO CA  C    sing N N 252 
PRO CA  CB   sing N N 253 
PRO CA  HA   sing N N 254 
PRO C   O    doub N N 255 
PRO C   OXT  sing N N 256 
PRO CB  CG   sing N N 257 
PRO CB  HB2  sing N N 258 
PRO CB  HB3  sing N N 259 
PRO CG  CD   sing N N 260 
PRO CG  HG2  sing N N 261 
PRO CG  HG3  sing N N 262 
PRO CD  HD2  sing N N 263 
PRO CD  HD3  sing N N 264 
PRO OXT HXT  sing N N 265 
SER N   CA   sing N N 266 
SER N   H    sing N N 267 
SER N   H2   sing N N 268 
SER CA  C    sing N N 269 
SER CA  CB   sing N N 270 
SER CA  HA   sing N N 271 
SER C   O    doub N N 272 
SER C   OXT  sing N N 273 
SER CB  OG   sing N N 274 
SER CB  HB2  sing N N 275 
SER CB  HB3  sing N N 276 
SER OG  HG   sing N N 277 
SER OXT HXT  sing N N 278 
THR N   CA   sing N N 279 
THR N   H    sing N N 280 
THR N   H2   sing N N 281 
THR CA  C    sing N N 282 
THR CA  CB   sing N N 283 
THR CA  HA   sing N N 284 
THR C   O    doub N N 285 
THR C   OXT  sing N N 286 
THR CB  OG1  sing N N 287 
THR CB  CG2  sing N N 288 
THR CB  HB   sing N N 289 
THR OG1 HG1  sing N N 290 
THR CG2 HG21 sing N N 291 
THR CG2 HG22 sing N N 292 
THR CG2 HG23 sing N N 293 
THR OXT HXT  sing N N 294 
TRP N   CA   sing N N 295 
TRP N   H    sing N N 296 
TRP N   H2   sing N N 297 
TRP CA  C    sing N N 298 
TRP CA  CB   sing N N 299 
TRP CA  HA   sing N N 300 
TRP C   O    doub N N 301 
TRP C   OXT  sing N N 302 
TRP CB  CG   sing N N 303 
TRP CB  HB2  sing N N 304 
TRP CB  HB3  sing N N 305 
TRP CG  CD1  doub Y N 306 
TRP CG  CD2  sing Y N 307 
TRP CD1 NE1  sing Y N 308 
TRP CD1 HD1  sing N N 309 
TRP CD2 CE2  doub Y N 310 
TRP CD2 CE3  sing Y N 311 
TRP NE1 CE2  sing Y N 312 
TRP NE1 HE1  sing N N 313 
TRP CE2 CZ2  sing Y N 314 
TRP CE3 CZ3  doub Y N 315 
TRP CE3 HE3  sing N N 316 
TRP CZ2 CH2  doub Y N 317 
TRP CZ2 HZ2  sing N N 318 
TRP CZ3 CH2  sing Y N 319 
TRP CZ3 HZ3  sing N N 320 
TRP CH2 HH2  sing N N 321 
TRP OXT HXT  sing N N 322 
TYR N   CA   sing N N 323 
TYR N   H    sing N N 324 
TYR N   H2   sing N N 325 
TYR CA  C    sing N N 326 
TYR CA  CB   sing N N 327 
TYR CA  HA   sing N N 328 
TYR C   O    doub N N 329 
TYR C   OXT  sing N N 330 
TYR CB  CG   sing N N 331 
TYR CB  HB2  sing N N 332 
TYR CB  HB3  sing N N 333 
TYR CG  CD1  doub Y N 334 
TYR CG  CD2  sing Y N 335 
TYR CD1 CE1  sing Y N 336 
TYR CD1 HD1  sing N N 337 
TYR CD2 CE2  doub Y N 338 
TYR CD2 HD2  sing N N 339 
TYR CE1 CZ   doub Y N 340 
TYR CE1 HE1  sing N N 341 
TYR CE2 CZ   sing Y N 342 
TYR CE2 HE2  sing N N 343 
TYR CZ  OH   sing N N 344 
TYR OH  HH   sing N N 345 
TYR OXT HXT  sing N N 346 
VAL N   CA   sing N N 347 
VAL N   H    sing N N 348 
VAL N   H2   sing N N 349 
VAL CA  C    sing N N 350 
VAL CA  CB   sing N N 351 
VAL CA  HA   sing N N 352 
VAL C   O    doub N N 353 
VAL C   OXT  sing N N 354 
VAL CB  CG1  sing N N 355 
VAL CB  CG2  sing N N 356 
VAL CB  HB   sing N N 357 
VAL CG1 HG11 sing N N 358 
VAL CG1 HG12 sing N N 359 
VAL CG1 HG13 sing N N 360 
VAL CG2 HG21 sing N N 361 
VAL CG2 HG22 sing N N 362 
VAL CG2 HG23 sing N N 363 
VAL OXT HXT  sing N N 364 
# 
_pdbx_initial_refinement_model.id               1 
_pdbx_initial_refinement_model.entity_id_list   ? 
_pdbx_initial_refinement_model.type             'experimental model' 
_pdbx_initial_refinement_model.source_name      PDB 
_pdbx_initial_refinement_model.accession_code   2YSF 
_pdbx_initial_refinement_model.details          'PDB entry 2YSF' 
# 
_atom_sites.entry_id                    5DZD 
_atom_sites.fract_transf_matrix[1][1]   -0.00331803 
_atom_sites.fract_transf_matrix[1][2]   0.00050654 
_atom_sites.fract_transf_matrix[1][3]   0.01868797 
_atom_sites.fract_transf_matrix[2][1]   0.01342754 
_atom_sites.fract_transf_matrix[2][2]   -0.01314148 
_atom_sites.fract_transf_matrix[2][3]   0.00274025 
_atom_sites.fract_transf_matrix[3][1]   0.00830660 
_atom_sites.fract_transf_matrix[3][2]   0.00874551 
_atom_sites.fract_transf_matrix[3][3]   0.00123778 
_atom_sites.fract_transf_vector[1]      0.444219 
_atom_sites.fract_transf_vector[2]      0.246531 
_atom_sites.fract_transf_vector[3]      0.302084 
# 
loop_
_atom_type.symbol 
C 
N 
O 
S 
X 
# 
loop_
_atom_site.group_PDB 
_atom_site.id 
_atom_site.type_symbol 
_atom_site.label_atom_id 
_atom_site.label_alt_id 
_atom_site.label_comp_id 
_atom_site.label_asym_id 
_atom_site.label_entity_id 
_atom_site.label_seq_id 
_atom_site.pdbx_PDB_ins_code 
_atom_site.Cartn_x 
_atom_site.Cartn_y 
_atom_site.Cartn_z 
_atom_site.occupancy 
_atom_site.B_iso_or_equiv 
_atom_site.pdbx_formal_charge 
_atom_site.auth_seq_id 
_atom_site.auth_comp_id 
_atom_site.auth_asym_id 
_atom_site.auth_atom_id 
_atom_site.pdbx_PDB_model_num 
ATOM   1   N N   A LYS A 1 11 ? -17.402 13.094  1.895   0.50 34.00 ? 478 LYS A N   1 
ATOM   2   C CA  A LYS A 1 11 ? -16.184 13.691  2.494   0.50 30.78 ? 478 LYS A CA  1 
ATOM   3   C C   A LYS A 1 11 ? -14.994 13.472  1.544   0.50 32.89 ? 478 LYS A C   1 
ATOM   4   O O   A LYS A 1 11 ? -14.892 12.419  0.907   0.50 23.06 ? 478 LYS A O   1 
ATOM   5   C CB  A LYS A 1 11 ? -15.912 13.062  3.862   0.50 31.61 ? 478 LYS A CB  1 
ATOM   6   N N   . PRO A 1 12 ? -14.097 14.470  1.429   1.00 38.95 ? 479 PRO A N   1 
ATOM   7   C CA  . PRO A 1 12 ? -12.999 14.349  0.467   1.00 34.03 ? 479 PRO A CA  1 
ATOM   8   C C   . PRO A 1 12 ? -11.911 13.388  0.942   1.00 28.36 ? 479 PRO A C   1 
ATOM   9   O O   . PRO A 1 12 ? -11.658 13.260  2.134   1.00 29.35 ? 479 PRO A O   1 
ATOM   10  C CB  . PRO A 1 12 ? -12.445 15.777  0.364   1.00 39.94 ? 479 PRO A CB  1 
ATOM   11  C CG  . PRO A 1 12 ? -12.794 16.405  1.663   1.00 42.24 ? 479 PRO A CG  1 
ATOM   12  C CD  . PRO A 1 12 ? -14.064 15.765  2.143   1.00 41.33 ? 479 PRO A CD  1 
ATOM   13  N N   . LEU A 1 13 ? -11.285 12.700  -0.018  1.00 23.20 ? 480 LEU A N   1 
ATOM   14  C CA  . LEU A 1 13 ? -10.145 11.860  0.317   1.00 21.81 ? 480 LEU A CA  1 
ATOM   15  C C   . LEU A 1 13 ? -8.923  12.752  0.602   1.00 22.13 ? 480 LEU A C   1 
ATOM   16  O O   . LEU A 1 13 ? -8.852  13.901  0.164   1.00 21.41 ? 480 LEU A O   1 
ATOM   17  C CB  . LEU A 1 13 ? -9.861  10.894  -0.829  1.00 21.53 ? 480 LEU A CB  1 
ATOM   18  C CG  . LEU A 1 13 ? -10.862 9.744   -1.030  1.00 25.75 ? 480 LEU A CG  1 
ATOM   19  C CD1 . LEU A 1 13 ? -10.703 9.143   -2.418  1.00 25.48 ? 480 LEU A CD1 1 
ATOM   20  C CD2 . LEU A 1 13 ? -10.724 8.659   0.004   1.00 24.28 ? 480 LEU A CD2 1 
ATOM   21  N N   . PRO A 1 14 ? -7.932  12.221  1.325   1.00 21.28 ? 481 PRO A N   1 
ATOM   22  C CA  . PRO A 1 14 ? -6.673  12.951  1.443   1.00 20.14 ? 481 PRO A CA  1 
ATOM   23  C C   . PRO A 1 14 ? -6.044  13.269  0.105   1.00 18.70 ? 481 PRO A C   1 
ATOM   24  O O   . PRO A 1 14 ? -6.286  12.605  -0.915  1.00 17.79 ? 481 PRO A O   1 
ATOM   25  C CB  . PRO A 1 14 ? -5.783  11.990  2.272   1.00 20.94 ? 481 PRO A CB  1 
ATOM   26  C CG  . PRO A 1 14 ? -6.720  11.031  2.892   1.00 22.93 ? 481 PRO A CG  1 
ATOM   27  C CD  . PRO A 1 14 ? -7.829  10.881  1.900   1.00 22.42 ? 481 PRO A CD  1 
ATOM   28  N N   . GLU A 1 15 ? -5.179  14.272  0.073   1.00 19.74 ? 482 GLU A N   1 
ATOM   29  C CA  . GLU A 1 15 ? -4.563  14.672  -1.135  1.00 21.21 ? 482 GLU A CA  1 
ATOM   30  C C   . GLU A 1 15 ? -3.733  13.516  -1.694  1.00 19.28 ? 482 GLU A C   1 
ATOM   31  O O   . GLU A 1 15 ? -3.092  12.798  -0.937  1.00 19.17 ? 482 GLU A O   1 
ATOM   32  C CB  . GLU A 1 15 ? -3.626  15.870  -0.889  1.00 28.36 ? 482 GLU A CB  1 
ATOM   33  C CG  . GLU A 1 15 ? -4.367  17.132  -0.474  1.00 34.64 ? 482 GLU A CG  1 
ATOM   34  C CD  . GLU A 1 15 ? -5.254  17.679  -1.580  1.00 42.31 ? 482 GLU A CD  1 
ATOM   35  O OE1 . GLU A 1 15 ? -4.808  17.706  -2.755  1.00 48.70 ? 482 GLU A OE1 1 
ATOM   36  O OE2 . GLU A 1 15 ? -6.390  18.094  -1.259  1.00 52.10 ? 482 GLU A OE2 1 
ATOM   37  N N   . GLY A 1 16 ? -3.818  13.357  -3.002  1.00 16.83 ? 483 GLY A N   1 
ATOM   38  C CA  . GLY A 1 16 ? -3.179  12.293  -3.753  1.00 17.28 ? 483 GLY A CA  1 
ATOM   39  C C   . GLY A 1 16 ? -3.912  10.972  -3.848  1.00 13.92 ? 483 GLY A C   1 
ATOM   40  O O   . GLY A 1 16 ? -3.389  10.076  -4.523  1.00 15.41 ? 483 GLY A O   1 
ATOM   41  N N   . TRP A 1 17 ? -5.056  10.886  -3.209  1.00 13.46 ? 484 TRP A N   1 
ATOM   42  C CA  . TRP A 1 17 ? -5.856  9.632   -3.200  1.00 13.79 ? 484 TRP A CA  1 
ATOM   43  C C   . TRP A 1 17 ? -7.063  9.719   -4.154  1.00 14.74 ? 484 TRP A C   1 
ATOM   44  O O   . TRP A 1 17 ? -7.641  10.801  -4.388  1.00 17.29 ? 484 TRP A O   1 
ATOM   45  C CB  . TRP A 1 17 ? -6.360  9.305   -1.827  1.00 13.17 ? 484 TRP A CB  1 
ATOM   46  C CG  . TRP A 1 17 ? -5.344  8.864   -0.806  1.00 14.77 ? 484 TRP A CG  1 
ATOM   47  C CD1 . TRP A 1 17 ? -4.460  9.643   -0.126  1.00 14.93 ? 484 TRP A CD1 1 
ATOM   48  C CD2 . TRP A 1 17 ? -5.170  7.542   -0.325  1.00 14.04 ? 484 TRP A CD2 1 
ATOM   49  N NE1 . TRP A 1 17 ? -3.702  8.856   0.756   1.00 14.11 ? 484 TRP A NE1 1 
ATOM   50  C CE2 . TRP A 1 17 ? -4.175  7.569   0.685   1.00 13.66 ? 484 TRP A CE2 1 
ATOM   51  C CE3 . TRP A 1 17 ? -5.769  6.304   -0.638  1.00 14.80 ? 484 TRP A CE3 1 
ATOM   52  C CZ2 . TRP A 1 17 ? -3.788  6.427   1.386   1.00 13.82 ? 484 TRP A CZ2 1 
ATOM   53  C CZ3 . TRP A 1 17 ? -5.358  5.157   0.038   1.00 15.22 ? 484 TRP A CZ3 1 
ATOM   54  C CH2 . TRP A 1 17 ? -4.375  5.232   1.067   1.00 14.39 ? 484 TRP A CH2 1 
ATOM   55  N N   . GLU A 1 18 ? -7.440  8.565   -4.681  1.00 12.69 ? 485 GLU A N   1 
ATOM   56  C CA  . GLU A 1 18 ? -8.564  8.407   -5.620  1.00 14.84 ? 485 GLU A CA  1 
ATOM   57  C C   . GLU A 1 18 ? -9.342  7.137   -5.202  1.00 14.46 ? 485 GLU A C   1 
ATOM   58  O O   . GLU A 1 18 ? -8.733  6.148   -4.802  1.00 14.80 ? 485 GLU A O   1 
ATOM   59  C CB  . GLU A 1 18 ? -7.945  8.176   -6.997  1.00 17.14 ? 485 GLU A CB  1 
ATOM   60  C CG  . GLU A 1 18 ? -8.902  7.999   -8.138  1.00 19.56 ? 485 GLU A CG  1 
ATOM   61  C CD  . GLU A 1 18 ? -8.234  7.623   -9.428  1.00 16.87 ? 485 GLU A CD  1 
ATOM   62  O OE1 . GLU A 1 18 ? -9.001  7.381   -10.373 1.00 24.21 ? 485 GLU A OE1 1 
ATOM   63  O OE2 . GLU A 1 18 ? -6.972  7.464   -9.559  1.00 15.35 ? 485 GLU A OE2 1 
ATOM   64  N N   . MET A 1 19 ? -10.662 7.121   -5.426  1.00 12.59 ? 486 MET A N   1 
ATOM   65  C CA  . MET A 1 19 ? -11.472 5.898   -5.300  1.00 11.75 ? 486 MET A CA  1 
ATOM   66  C C   . MET A 1 19 ? -11.661 5.240   -6.681  1.00 13.27 ? 486 MET A C   1 
ATOM   67  O O   . MET A 1 19 ? -12.017 5.935   -7.613  1.00 14.29 ? 486 MET A O   1 
ATOM   68  C CB  . MET A 1 19 ? -12.865 6.196   -4.700  1.00 14.49 ? 486 MET A CB  1 
ATOM   69  C CG  A MET A 1 19 ? -13.593 4.953   -4.263  0.50 15.83 ? 486 MET A CG  1 
ATOM   70  C CG  B MET A 1 19 ? -13.726 4.960   -4.485  0.50 15.48 ? 486 MET A CG  1 
ATOM   71  S SD  A MET A 1 19 ? -15.002 5.388   -3.226  0.50 19.91 ? 486 MET A SD  1 
ATOM   72  S SD  B MET A 1 19 ? -15.448 5.300   -4.015  0.50 18.77 ? 486 MET A SD  1 
ATOM   73  C CE  A MET A 1 19 ? -15.915 6.281   -4.480  0.50 20.72 ? 486 MET A CE  1 
ATOM   74  C CE  B MET A 1 19 ? -15.155 6.402   -2.619  0.50 21.54 ? 486 MET A CE  1 
ATOM   75  N N   . ARG A 1 20 ? -11.379 3.946   -6.769  1.00 11.13 ? 487 ARG A N   1 
ATOM   76  C CA  . ARG A 1 20 ? -11.650 3.144   -7.951  1.00 10.51 ? 487 ARG A CA  1 
ATOM   77  C C   . ARG A 1 20 ? -12.544 1.970   -7.570  1.00 10.65 ? 487 ARG A C   1 
ATOM   78  O O   . ARG A 1 20 ? -12.930 1.794   -6.412  1.00 11.71 ? 487 ARG A O   1 
ATOM   79  C CB  . ARG A 1 20 ? -10.398 2.710   -8.636  1.00 11.30 ? 487 ARG A CB  1 
ATOM   80  C CG  . ARG A 1 20 ? -9.573  3.902   -9.156  1.00 11.20 ? 487 ARG A CG  1 
ATOM   81  C CD  . ARG A 1 20 ? -8.540  3.452   -10.172 1.00 11.61 ? 487 ARG A CD  1 
ATOM   82  N NE  . ARG A 1 20 ? -7.696  4.590   -10.602 1.00 13.26 ? 487 ARG A NE  1 
ATOM   83  C CZ  . ARG A 1 20 ? -6.788  4.527   -11.550 1.00 14.49 ? 487 ARG A CZ  1 
ATOM   84  N NH1 . ARG A 1 20 ? -6.583  3.429   -12.249 1.00 14.20 ? 487 ARG A NH1 1 
ATOM   85  N NH2 . ARG A 1 20 ? -6.121  5.630   -11.800 1.00 15.15 ? 487 ARG A NH2 1 
ATOM   86  N N   . PHE A 1 21 ? -12.900 1.182   -8.587  1.00 10.95 ? 488 PHE A N   1 
ATOM   87  C CA  . PHE A 1 21 ? -13.817 0.070   -8.393  1.00 11.34 ? 488 PHE A CA  1 
ATOM   88  C C   . PHE A 1 21 ? -13.270 -1.179  -9.013  1.00 11.75 ? 488 PHE A C   1 
ATOM   89  O O   . PHE A 1 21 ? -12.713 -1.166  -10.122 1.00 13.24 ? 488 PHE A O   1 
ATOM   90  C CB  . PHE A 1 21 ? -15.196 0.420   -8.989  1.00 12.79 ? 488 PHE A CB  1 
ATOM   91  C CG  . PHE A 1 21 ? -15.799 1.639   -8.340  1.00 13.34 ? 488 PHE A CG  1 
ATOM   92  C CD1 . PHE A 1 21 ? -16.502 1.535   -7.174  1.00 14.80 ? 488 PHE A CD1 1 
ATOM   93  C CD2 . PHE A 1 21 ? -15.584 2.892   -8.878  1.00 18.50 ? 488 PHE A CD2 1 
ATOM   94  C CE1 . PHE A 1 21 ? -17.004 2.668   -6.516  1.00 18.18 ? 488 PHE A CE1 1 
ATOM   95  C CE2 . PHE A 1 21 ? -16.105 4.022   -8.248  1.00 20.59 ? 488 PHE A CE2 1 
ATOM   96  C CZ  . PHE A 1 21 ? -16.791 3.896   -7.075  1.00 19.88 ? 488 PHE A CZ  1 
ATOM   97  N N   . THR A 1 22 ? -13.376 -2.321  -8.322  1.00 10.82 ? 489 THR A N   1 
ATOM   98  C CA  . THR A 1 22 ? -12.963 -3.574  -8.882  1.00 12.30 ? 489 THR A CA  1 
ATOM   99  C C   . THR A 1 22 ? -13.996 -4.041  -9.951  1.00 13.09 ? 489 THR A C   1 
ATOM   100 O O   . THR A 1 22 ? -15.047 -3.383  -10.133 1.00 12.57 ? 489 THR A O   1 
ATOM   101 C CB  . THR A 1 22 ? -12.886 -4.675  -7.809  1.00 13.06 ? 489 THR A CB  1 
ATOM   102 O OG1 . THR A 1 22 ? -14.225 -4.909  -7.307  1.00 14.02 ? 489 THR A OG1 1 
ATOM   103 C CG2 . THR A 1 22 ? -11.952 -4.296  -6.617  1.00 13.62 ? 489 THR A CG2 1 
ATOM   104 N N   . VAL A 1 23 ? -13.628 -5.109  -10.615 1.00 12.57 ? 490 VAL A N   1 
ATOM   105 C CA  . VAL A 1 23 ? -14.542 -5.747  -11.597 1.00 13.32 ? 490 VAL A CA  1 
ATOM   106 C C   . VAL A 1 23 ? -15.921 -6.065  -10.992 1.00 17.44 ? 490 VAL A C   1 
ATOM   107 O O   . VAL A 1 23 ? -16.927 -5.969  -11.730 1.00 19.67 ? 490 VAL A O   1 
ATOM   108 C CB  . VAL A 1 23 ? -13.923 -6.957  -12.259 1.00 14.04 ? 490 VAL A CB  1 
ATOM   109 C CG1 . VAL A 1 23 ? -12.785 -6.533  -13.157 1.00 14.18 ? 490 VAL A CG1 1 
ATOM   110 C CG2 . VAL A 1 23 ? -13.511 -8.030  -11.231 1.00 15.48 ? 490 VAL A CG2 1 
ATOM   111 N N   . ASP A 1 24 ? -15.945 -6.346  -9.671  1.00 17.79 ? 491 ASP A N   1 
ATOM   112 C CA  A ASP A 1 24 ? -17.258 -6.638  -9.022  0.70 17.98 ? 491 ASP A CA  1 
ATOM   113 C CA  B ASP A 1 24 ? -17.131 -6.697  -8.860  0.30 16.58 ? 491 ASP A CA  1 
ATOM   114 C C   . ASP A 1 24 ? -17.841 -5.444  -8.297  1.00 17.67 ? 491 ASP A C   1 
ATOM   115 O O   . ASP A 1 24 ? -18.823 -5.569  -7.514  1.00 16.84 ? 491 ASP A O   1 
ATOM   116 C CB  A ASP A 1 24 ? -17.237 -7.904  -8.143  0.70 21.87 ? 491 ASP A CB  1 
ATOM   117 C CB  B ASP A 1 24 ? -16.717 -7.559  -7.625  0.30 16.33 ? 491 ASP A CB  1 
ATOM   118 C CG  A ASP A 1 24 ? -16.071 -7.980  -7.219  0.70 26.30 ? 491 ASP A CG  1 
ATOM   119 C CG  B ASP A 1 24 ? -16.197 -8.976  -7.969  0.30 16.97 ? 491 ASP A CG  1 
ATOM   120 O OD1 A ASP A 1 24 ? -15.076 -7.247  -7.402  0.70 25.32 ? 491 ASP A OD1 1 
ATOM   121 O OD1 B ASP A 1 24 ? -17.023 -9.875  -8.171  0.30 19.90 ? 491 ASP A OD1 1 
ATOM   122 O OD2 A ASP A 1 24 ? -16.121 -8.821  -6.305  0.70 33.26 ? 491 ASP A OD2 1 
ATOM   123 O OD2 B ASP A 1 24 ? -14.979 -9.254  -7.912  0.30 14.82 ? 491 ASP A OD2 1 
ATOM   124 N N   . GLY A 1 25 ? -17.354 -4.228  -8.604  1.00 13.04 ? 492 GLY A N   1 
ATOM   125 C CA  . GLY A 1 25 ? -17.916 -3.050  -8.078  1.00 13.80 ? 492 GLY A CA  1 
ATOM   126 C C   . GLY A 1 25 ? -17.611 -2.760  -6.630  1.00 13.57 ? 492 GLY A C   1 
ATOM   127 O O   . GLY A 1 25 ? -18.309 -1.975  -5.997  1.00 15.57 ? 492 GLY A O   1 
ATOM   128 N N   . ILE A 1 26 ? -16.515 -3.325  -6.130  1.00 13.68 ? 493 ILE A N   1 
ATOM   129 C CA  . ILE A 1 26 ? -16.110 -3.041  -4.758  1.00 13.55 ? 493 ILE A CA  1 
ATOM   130 C C   . ILE A 1 26 ? -15.221 -1.800  -4.780  1.00 13.52 ? 493 ILE A C   1 
ATOM   131 O O   . ILE A 1 26 ? -14.237 -1.783  -5.531  1.00 12.82 ? 493 ILE A O   1 
ATOM   132 C CB  . ILE A 1 26 ? -15.335 -4.203  -4.138  1.00 13.92 ? 493 ILE A CB  1 
ATOM   133 C CG1 . ILE A 1 26 ? -16.142 -5.527  -4.243  1.00 16.17 ? 493 ILE A CG1 1 
ATOM   134 C CG2 . ILE A 1 26 ? -14.962 -3.839  -2.673  1.00 15.05 ? 493 ILE A CG2 1 
ATOM   135 C CD1 . ILE A 1 26 ? -17.487 -5.468  -3.568  1.00 16.64 ? 493 ILE A CD1 1 
ATOM   136 N N   . PRO A 1 27 ? -15.517 -0.791  -3.937  1.00 12.94 ? 494 PRO A N   1 
ATOM   137 C CA  . PRO A 1 27 ? -14.645 0.375   -3.935  1.00 11.86 ? 494 PRO A CA  1 
ATOM   138 C C   . PRO A 1 27 ? -13.274 0.056   -3.339  1.00 13.11 ? 494 PRO A C   1 
ATOM   139 O O   . PRO A 1 27 ? -13.160 -0.742  -2.393  1.00 13.55 ? 494 PRO A O   1 
ATOM   140 C CB  . PRO A 1 27 ? -15.400 1.387   -3.072  1.00 15.18 ? 494 PRO A CB  1 
ATOM   141 C CG  . PRO A 1 27 ? -16.842 0.899   -3.065  1.00 19.16 ? 494 PRO A CG  1 
ATOM   142 C CD  . PRO A 1 27 ? -16.705 -0.570  -3.060  1.00 15.56 ? 494 PRO A CD  1 
ATOM   143 N N   . TYR A 1 28 ? -12.237 0.679   -3.910  1.00 11.23 ? 495 TYR A N   1 
ATOM   144 C CA  . TYR A 1 28 ? -10.931 0.629   -3.284  1.00 12.05 ? 495 TYR A CA  1 
ATOM   145 C C   . TYR A 1 28 ? -10.239 1.941   -3.500  1.00 11.90 ? 495 TYR A C   1 
ATOM   146 O O   . TYR A 1 28 ? -10.696 2.795   -4.230  1.00 12.15 ? 495 TYR A O   1 
ATOM   147 C CB  . TYR A 1 28 ? -10.104 -0.573  -3.739  1.00 11.00 ? 495 TYR A CB  1 
ATOM   148 C CG  . TYR A 1 28 ? -9.613  -0.524  -5.175  1.00 10.91 ? 495 TYR A CG  1 
ATOM   149 C CD1 . TYR A 1 28 ? -10.429 -0.935  -6.218  1.00 11.48 ? 495 TYR A CD1 1 
ATOM   150 C CD2 . TYR A 1 28 ? -8.339  -0.088  -5.513  1.00 11.26 ? 495 TYR A CD2 1 
ATOM   151 C CE1 . TYR A 1 28 ? -10.005 -0.915  -7.517  1.00 11.74 ? 495 TYR A CE1 1 
ATOM   152 C CE2 . TYR A 1 28 ? -7.889  -0.086  -6.825  1.00 10.84 ? 495 TYR A CE2 1 
ATOM   153 C CZ  . TYR A 1 28 ? -8.707  -0.496  -7.869  1.00 11.65 ? 495 TYR A CZ  1 
ATOM   154 O OH  . TYR A 1 28 ? -8.294  -0.488  -9.178  1.00 12.00 ? 495 TYR A OH  1 
ATOM   155 N N   . PHE A 1 29 ? -9.110  2.138   -2.811  1.00 11.28 ? 496 PHE A N   1 
ATOM   156 C CA  . PHE A 1 29 ? -8.453  3.379   -2.708  1.00 11.29 ? 496 PHE A CA  1 
ATOM   157 C C   . PHE A 1 29 ? -7.062  3.337   -3.262  1.00 12.32 ? 496 PHE A C   1 
ATOM   158 O O   . PHE A 1 29 ? -6.270  2.478   -2.895  1.00 11.92 ? 496 PHE A O   1 
ATOM   159 C CB  . PHE A 1 29 ? -8.500  3.821   -1.241  1.00 12.21 ? 496 PHE A CB  1 
ATOM   160 C CG  . PHE A 1 29 ? -9.922  3.885   -0.734  1.00 13.76 ? 496 PHE A CG  1 
ATOM   161 C CD1 . PHE A 1 29 ? -10.671 5.000   -1.021  1.00 14.76 ? 496 PHE A CD1 1 
ATOM   162 C CD2 . PHE A 1 29 ? -10.503 2.829   -0.121  1.00 14.37 ? 496 PHE A CD2 1 
ATOM   163 C CE1 . PHE A 1 29 ? -11.999 5.065   -0.627  1.00 17.71 ? 496 PHE A CE1 1 
ATOM   164 C CE2 . PHE A 1 29 ? -11.843 2.846   0.270   1.00 16.35 ? 496 PHE A CE2 1 
ATOM   165 C CZ  . PHE A 1 29 ? -12.591 3.993   -0.012  1.00 16.61 ? 496 PHE A CZ  1 
ATOM   166 N N   . VAL A 1 30 ? -6.755  4.265   -4.166  1.00 10.44 ? 497 VAL A N   1 
ATOM   167 C CA  . VAL A 1 30 ? -5.502  4.321   -4.874  1.00 11.42 ? 497 VAL A CA  1 
ATOM   168 C C   . VAL A 1 30 ? -4.770  5.529   -4.315  1.00 11.96 ? 497 VAL A C   1 
ATOM   169 O O   . VAL A 1 30 ? -5.337  6.650   -4.269  1.00 11.60 ? 497 VAL A O   1 
ATOM   170 C CB  . VAL A 1 30 ? -5.731  4.543   -6.388  1.00 12.94 ? 497 VAL A CB  1 
ATOM   171 C CG1 . VAL A 1 30 ? -4.427  4.699   -7.088  1.00 13.86 ? 497 VAL A CG1 1 
ATOM   172 C CG2 . VAL A 1 30 ? -6.554  3.348   -6.933  1.00 13.12 ? 497 VAL A CG2 1 
ATOM   173 N N   . ASP A 1 31 ? -3.546  5.311   -3.856  1.00 10.64 ? 498 ASP A N   1 
ATOM   174 C CA  . ASP A 1 31 ? -2.676  6.333   -3.229  1.00 11.77 ? 498 ASP A CA  1 
ATOM   175 C C   . ASP A 1 31 ? -1.579  6.630   -4.225  1.00 11.30 ? 498 ASP A C   1 
ATOM   176 O O   . ASP A 1 31 ? -0.667  5.837   -4.441  1.00 11.41 ? 498 ASP A O   1 
ATOM   177 C CB  . ASP A 1 31 ? -2.146  5.795   -1.906  1.00 11.56 ? 498 ASP A CB  1 
ATOM   178 C CG  . ASP A 1 31 ? -1.160  6.735   -1.202  1.00 12.53 ? 498 ASP A CG  1 
ATOM   179 O OD1 . ASP A 1 31 ? -0.610  7.648   -1.893  1.00 12.20 ? 498 ASP A OD1 1 
ATOM   180 O OD2 . ASP A 1 31 ? -0.889  6.506   0.022   1.00 11.84 ? 498 ASP A OD2 1 
ATOM   181 N N   . HIS A 1 32 ? -1.727  7.794   -4.892  1.00 11.76 ? 499 HIS A N   1 
ATOM   182 C CA  . HIS A 1 32 ? -0.744  8.198   -5.869  1.00 12.45 ? 499 HIS A CA  1 
ATOM   183 C C   . HIS A 1 32 ? 0.528   8.819   -5.288  1.00 14.71 ? 499 HIS A C   1 
ATOM   184 O O   . HIS A 1 32 ? 1.544   8.916   -6.003  1.00 18.05 ? 499 HIS A O   1 
ATOM   185 C CB  . HIS A 1 32 ? -1.380  9.184   -6.885  1.00 13.69 ? 499 HIS A CB  1 
ATOM   186 C CG  . HIS A 1 32 ? -2.483  8.577   -7.663  1.00 13.95 ? 499 HIS A CG  1 
ATOM   187 N ND1 . HIS A 1 32 ? -2.287  7.709   -8.718  1.00 14.58 ? 499 HIS A ND1 1 
ATOM   188 C CD2 . HIS A 1 32 ? -3.814  8.721   -7.548  1.00 14.65 ? 499 HIS A CD2 1 
ATOM   189 C CE1 . HIS A 1 32 ? -3.453  7.350   -9.195  1.00 13.09 ? 499 HIS A CE1 1 
ATOM   190 N NE2 . HIS A 1 32 ? -4.395  7.933   -8.498  1.00 15.34 ? 499 HIS A NE2 1 
ATOM   191 N N   . ASN A 1 33 ? 0.491   9.163   -4.004  1.00 13.48 ? 500 ASN A N   1 
ATOM   192 C CA  . ASN A 1 33 ? 1.687   9.681   -3.335  1.00 13.56 ? 500 ASN A CA  1 
ATOM   193 C C   . ASN A 1 33 ? 2.699   8.517   -3.156  1.00 14.94 ? 500 ASN A C   1 
ATOM   194 O O   . ASN A 1 33 ? 3.877   8.608   -3.521  1.00 17.05 ? 500 ASN A O   1 
ATOM   195 C CB  . ASN A 1 33 ? 1.378   10.322  -2.000  1.00 14.26 ? 500 ASN A CB  1 
ATOM   196 C CG  . ASN A 1 33 ? 0.293   11.356  -2.062  1.00 17.89 ? 500 ASN A CG  1 
ATOM   197 O OD1 . ASN A 1 33 ? 0.358   12.251  -2.898  1.00 22.28 ? 500 ASN A OD1 1 
ATOM   198 N ND2 . ASN A 1 33 ? -0.677  11.282  -1.191  1.00 16.87 ? 500 ASN A ND2 1 
ATOM   199 N N   . ARG A 1 34 ? 2.212   7.378   -2.611  1.00 11.22 ? 501 ARG A N   1 
ATOM   200 C CA  . ARG A 1 34 ? 3.018   6.227   -2.367  1.00 11.76 ? 501 ARG A CA  1 
ATOM   201 C C   . ARG A 1 34 ? 2.980   5.147   -3.453  1.00 10.46 ? 501 ARG A C   1 
ATOM   202 O O   . ARG A 1 34 ? 3.777   4.219   -3.483  1.00 11.70 ? 501 ARG A O   1 
ATOM   203 C CB  . ARG A 1 34 ? 2.614   5.613   -1.002  1.00 11.75 ? 501 ARG A CB  1 
ATOM   204 C CG  . ARG A 1 34 ? 2.934   6.480   0.223   1.00 12.73 ? 501 ARG A CG  1 
ATOM   205 C CD  . ARG A 1 34 ? 2.576   5.858   1.586   1.00 13.02 ? 501 ARG A CD  1 
ATOM   206 N NE  . ARG A 1 34 ? 1.144   5.582   1.558   1.00 12.65 ? 501 ARG A NE  1 
ATOM   207 C CZ  . ARG A 1 34 ? 0.529   4.627   2.227   1.00 11.70 ? 501 ARG A CZ  1 
ATOM   208 N NH1 . ARG A 1 34 ? 1.145   3.956   3.166   1.00 12.11 ? 501 ARG A NH1 1 
ATOM   209 N NH2 . ARG A 1 34 ? -0.757  4.373   1.943   1.00 12.22 ? 501 ARG A NH2 1 
ATOM   210 N N   . ARG A 1 35 ? 2.040   5.308   -4.394  1.00 10.42 ? 502 ARG A N   1 
ATOM   211 C CA  . ARG A 1 35 ? 1.877   4.370   -5.488  1.00 11.55 ? 502 ARG A CA  1 
ATOM   212 C C   . ARG A 1 35 ? 1.499   2.962   -4.997  1.00 9.90  ? 502 ARG A C   1 
ATOM   213 O O   . ARG A 1 35 ? 2.147   1.967   -5.304  1.00 11.22 ? 502 ARG A O   1 
ATOM   214 C CB  . ARG A 1 35 ? 3.097   4.387   -6.430  1.00 15.13 ? 502 ARG A CB  1 
ATOM   215 C CG  . ARG A 1 35 ? 3.258   5.792   -7.042  1.00 18.08 ? 502 ARG A CG  1 
ATOM   216 C CD  A ARG A 1 35 ? 4.573   6.065   -7.726  0.70 25.97 ? 502 ARG A CD  1 
ATOM   217 C CD  B ARG A 1 35 ? 4.456   5.821   -7.993  0.30 18.31 ? 502 ARG A CD  1 
ATOM   218 N NE  A ARG A 1 35 ? 5.828   5.660   -7.068  0.70 26.79 ? 502 ARG A NE  1 
ATOM   219 C CZ  A ARG A 1 35 ? 6.385   6.041   -5.885  0.70 28.73 ? 502 ARG A CZ  1 
ATOM   220 N NH1 A ARG A 1 35 ? 5.841   6.866   -4.980  0.70 25.12 ? 502 ARG A NH1 1 
ATOM   221 N NH2 A ARG A 1 35 ? 7.586   5.539   -5.600  0.70 28.61 ? 502 ARG A NH2 1 
ATOM   222 N N   . THR A 1 36 ? 0.416   2.929   -4.222  1.00 9.42  ? 503 THR A N   1 
ATOM   223 C CA  . THR A 1 36 ? -0.134  1.671   -3.668  1.00 10.42 ? 503 THR A CA  1 
ATOM   224 C C   . THR A 1 36 ? -1.659  1.773   -3.647  1.00 9.82  ? 503 THR A C   1 
ATOM   225 O O   . THR A 1 36 ? -2.271  2.797   -4.060  1.00 10.13 ? 503 THR A O   1 
ATOM   226 C CB  . THR A 1 36 ? 0.529   1.371   -2.328  1.00 9.73  ? 503 THR A CB  1 
ATOM   227 O OG1 . THR A 1 36 ? 0.196   0.044   -1.936  1.00 9.12  ? 503 THR A OG1 1 
ATOM   228 C CG2 . THR A 1 36 ? 0.023   2.319   -1.214  1.00 9.62  ? 503 THR A CG2 1 
ATOM   229 N N   . THR A 1 37 ? -2.299  0.689   -3.202  1.00 9.79  ? 504 THR A N   1 
ATOM   230 C CA  . THR A 1 37 ? -3.750  0.536   -3.219  1.00 9.81  ? 504 THR A CA  1 
ATOM   231 C C   . THR A 1 37 ? -4.155  -0.202  -1.944  1.00 10.38 ? 504 THR A C   1 
ATOM   232 O O   . THR A 1 37 ? -3.423  -1.025  -1.441  1.00 9.83  ? 504 THR A O   1 
ATOM   233 C CB  . THR A 1 37 ? -4.204  -0.240  -4.459  1.00 10.59 ? 504 THR A CB  1 
ATOM   234 O OG1 . THR A 1 37 ? -3.579  -1.515  -4.455  1.00 9.85  ? 504 THR A OG1 1 
ATOM   235 C CG2 . THR A 1 37 ? -3.841  0.468   -5.753  1.00 10.53 ? 504 THR A CG2 1 
ATOM   236 N N   . THR A 1 38 ? -5.367  0.114   -1.462  1.00 9.99  ? 505 THR A N   1 
ATOM   237 C CA  . THR A 1 38 ? -5.916  -0.583  -0.282  1.00 9.51  ? 505 THR A CA  1 
ATOM   238 C C   . THR A 1 38 ? -7.417  -0.569  -0.365  1.00 11.36 ? 505 THR A C   1 
ATOM   239 O O   . THR A 1 38 ? -7.973  0.402   -0.877  1.00 10.69 ? 505 THR A O   1 
ATOM   240 C CB  . THR A 1 38 ? -5.377  0.093   1.003   1.00 10.86 ? 505 THR A CB  1 
ATOM   241 O OG1 . THR A 1 38 ? -5.850  -0.602  2.157   1.00 10.55 ? 505 THR A OG1 1 
ATOM   242 C CG2 . THR A 1 38 ? -5.675  1.528   1.104   1.00 10.23 ? 505 THR A CG2 1 
ATOM   243 N N   . TYR A 1 39 ? -8.044  -1.556  0.260   1.00 11.35 ? 506 TYR A N   1 
ATOM   244 C CA  . TYR A 1 39 ? -9.480  -1.536  0.479   1.00 11.97 ? 506 TYR A CA  1 
ATOM   245 C C   . TYR A 1 39 ? -9.862  -0.669  1.662   1.00 14.78 ? 506 TYR A C   1 
ATOM   246 O O   . TYR A 1 39 ? -11.052 -0.312  1.845   1.00 15.80 ? 506 TYR A O   1 
ATOM   247 C CB  . TYR A 1 39 ? -10.018 -2.935  0.721   1.00 11.97 ? 506 TYR A CB  1 
ATOM   248 C CG  . TYR A 1 39 ? -10.160 -3.808  -0.502  1.00 11.74 ? 506 TYR A CG  1 
ATOM   249 C CD1 . TYR A 1 39 ? -10.994 -3.410  -1.549  1.00 12.15 ? 506 TYR A CD1 1 
ATOM   250 C CD2 . TYR A 1 39 ? -9.551  -5.039  -0.612  1.00 12.22 ? 506 TYR A CD2 1 
ATOM   251 C CE1 . TYR A 1 39 ? -11.197 -4.229  -2.631  1.00 13.64 ? 506 TYR A CE1 1 
ATOM   252 C CE2 . TYR A 1 39 ? -9.726  -5.846  -1.713  1.00 13.63 ? 506 TYR A CE2 1 
ATOM   253 C CZ  . TYR A 1 39 ? -10.563 -5.418  -2.743  1.00 13.84 ? 506 TYR A CZ  1 
ATOM   254 O OH  . TYR A 1 39 ? -10.719 -6.244  -3.832  1.00 15.80 ? 506 TYR A OH  1 
ATOM   255 N N   . ILE A 1 40 ? -8.876  -0.300  2.507   1.00 14.24 ? 507 ILE A N   1 
ATOM   256 C CA  . ILE A 1 40 ? -9.165  0.394   3.778   1.00 16.48 ? 507 ILE A CA  1 
ATOM   257 C C   . ILE A 1 40 ? -9.269  1.882   3.464   1.00 17.82 ? 507 ILE A C   1 
ATOM   258 O O   . ILE A 1 40 ? -8.301  2.522   2.999   1.00 19.71 ? 507 ILE A O   1 
ATOM   259 C CB  . ILE A 1 40 ? -8.064  0.151   4.830   1.00 18.32 ? 507 ILE A CB  1 
ATOM   260 C CG1 . ILE A 1 40 ? -7.844  -1.348  5.083   1.00 19.62 ? 507 ILE A CG1 1 
ATOM   261 C CG2 . ILE A 1 40 ? -8.357  0.927   6.118   1.00 23.35 ? 507 ILE A CG2 1 
ATOM   262 C CD1 . ILE A 1 40 ? -9.041  -2.096  5.556   1.00 21.97 ? 507 ILE A CD1 1 
ATOM   263 N N   . ASP A 1 41 ? -10.444 2.447   3.693   1.00 17.66 ? 508 ASP A N   1 
ATOM   264 C CA  . ASP A 1 41 ? -10.711 3.863   3.407   1.00 19.13 ? 508 ASP A CA  1 
ATOM   265 C C   . ASP A 1 41 ? -9.864  4.713   4.359   1.00 20.10 ? 508 ASP A C   1 
ATOM   266 O O   . ASP A 1 41 ? -10.001 4.574   5.601   1.00 21.74 ? 508 ASP A O   1 
ATOM   267 C CB  . ASP A 1 41 ? -12.229 4.059   3.606   1.00 21.78 ? 508 ASP A CB  1 
ATOM   268 C CG  . ASP A 1 41 ? -12.728 5.431   3.250   1.00 23.76 ? 508 ASP A CG  1 
ATOM   269 O OD1 . ASP A 1 41 ? -11.973 6.396   3.248   1.00 21.17 ? 508 ASP A OD1 1 
ATOM   270 O OD2 . ASP A 1 41 ? -13.936 5.568   2.957   1.00 27.35 ? 508 ASP A OD2 1 
ATOM   271 N N   . PRO A 1 42 ? -8.963  5.561   3.807   1.00 22.89 ? 509 PRO A N   1 
ATOM   272 C CA  . PRO A 1 42 ? -8.090  6.340   4.692   1.00 23.62 ? 509 PRO A CA  1 
ATOM   273 C C   . PRO A 1 42 ? -8.865  7.420   5.456   1.00 26.77 ? 509 PRO A C   1 
ATOM   274 O O   . PRO A 1 42 ? -8.323  7.957   6.422   1.00 29.26 ? 509 PRO A O   1 
ATOM   275 C CB  . PRO A 1 42 ? -7.080  6.981   3.732   1.00 25.45 ? 509 PRO A CB  1 
ATOM   276 C CG  . PRO A 1 42 ? -7.829  7.119   2.463   1.00 24.16 ? 509 PRO A CG  1 
ATOM   277 C CD  . PRO A 1 42 ? -8.709  5.879   2.384   1.00 23.97 ? 509 PRO A CD  1 
ATOM   278 N N   . ARG A 1 43 ? -10.097 7.735   5.057   1.00 25.14 ? 510 ARG A N   1 
ATOM   279 C CA  . ARG A 1 43 ? -10.927 8.670   5.854   1.00 29.09 ? 510 ARG A CA  1 
ATOM   280 C C   . ARG A 1 43 ? -11.392 8.049   7.191   1.00 34.88 ? 510 ARG A C   1 
ATOM   281 O O   . ARG A 1 43 ? -11.626 8.783   8.159   1.00 38.67 ? 510 ARG A O   1 
ATOM   282 C CB  . ARG A 1 43 ? -12.147 9.118   5.043   1.00 25.36 ? 510 ARG A CB  1 
ATOM   283 C CG  . ARG A 1 43 ? -11.788 9.885   3.763   1.00 27.52 ? 510 ARG A CG  1 
ATOM   284 C CD  . ARG A 1 43 ? -13.007 10.054  2.879   1.00 29.66 ? 510 ARG A CD  1 
ATOM   285 N NE  . ARG A 1 43 ? -13.462 8.756   2.378   1.00 27.81 ? 510 ARG A NE  1 
ATOM   286 C CZ  . ARG A 1 43 ? -14.401 8.569   1.450   1.00 32.54 ? 510 ARG A CZ  1 
ATOM   287 N NH1 . ARG A 1 43 ? -15.028 9.602   0.887   1.00 33.93 ? 510 ARG A NH1 1 
ATOM   288 N NH2 . ARG A 1 43 ? -14.717 7.329   1.063   1.00 32.39 ? 510 ARG A NH2 1 
ATOM   289 N N   . THR A 1 44 ? -11.530 6.715   7.235   1.00 35.53 ? 511 THR A N   1 
ATOM   290 C CA  . THR A 1 44 ? -12.148 5.975   8.364   1.00 41.69 ? 511 THR A CA  1 
ATOM   291 C C   . THR A 1 44 ? -11.278 4.864   8.984   1.00 43.95 ? 511 THR A C   1 
ATOM   292 O O   . THR A 1 44 ? -11.436 4.562   10.165  1.00 53.15 ? 511 THR A O   1 
ATOM   293 C CB  . THR A 1 44 ? -13.484 5.307   7.951   1.00 43.76 ? 511 THR A CB  1 
ATOM   294 O OG1 . THR A 1 44 ? -13.234 4.176   7.103   1.00 44.70 ? 511 THR A OG1 1 
ATOM   295 C CG2 . THR A 1 44 ? -14.404 6.292   7.228   1.00 45.32 ? 511 THR A CG2 1 
ATOM   296 N N   A GLY A 1 45 ? -10.395 4.238   8.204   0.50 36.85 ? 512 GLY A N   1 
ATOM   297 C CA  A GLY A 1 45 ? -9.554  3.148   8.711   0.50 33.45 ? 512 GLY A CA  1 
ATOM   298 C C   A GLY A 1 45 ? -10.297 1.829   8.737   0.50 29.10 ? 512 GLY A C   1 
ATOM   299 O O   A GLY A 1 45 ? -9.910  0.913   9.452   0.50 33.23 ? 512 GLY A O   1 
ATOM   300 N N   A LYS A 1 46 ? -11.346 1.724   7.925   0.50 29.50 ? 513 LYS A N   1 
ATOM   301 C CA  A LYS A 1 46 ? -12.101 0.479   7.786   0.50 27.92 ? 513 LYS A CA  1 
ATOM   302 C C   A LYS A 1 46 ? -12.358 0.122   6.300   0.50 24.77 ? 513 LYS A C   1 
ATOM   303 O O   A LYS A 1 46 ? -12.432 0.999   5.428   0.50 17.95 ? 513 LYS A O   1 
ATOM   304 C CB  A LYS A 1 46 ? -13.435 0.587   8.544   0.50 29.66 ? 513 LYS A CB  1 
ATOM   305 N N   A SER A 1 47 ? -12.486 -1.176  6.004   0.50 24.64 ? 514 SER A N   1 
ATOM   306 C CA  A SER A 1 47 ? -12.923 -1.578  4.664   0.50 27.97 ? 514 SER A CA  1 
ATOM   307 C C   A SER A 1 47 ? -14.440 -1.733  4.674   0.50 32.81 ? 514 SER A C   1 
ATOM   308 O O   A SER A 1 47 ? -15.035 -2.432  3.850   0.50 32.51 ? 514 SER A O   1 
ATOM   309 C CB  A SER A 1 47 ? -12.249 -2.865  4.168   0.50 30.06 ? 514 SER A CB  1 
ATOM   310 O OG  A SER A 1 47 ? -11.946 -3.765  5.219   0.50 32.35 ? 514 SER A OG  1 
ATOM   311 O OXT A SER A 1 47 ? -15.104 -1.160  5.540   0.50 37.39 ? 514 SER A OXT 1 
ATOM   312 N N   A ASN B 1 9  ? 18.722  3.302   11.646  0.50 25.53 ? 476 ASN B N   1 
ATOM   313 C CA  A ASN B 1 9  ? 17.549  3.555   12.532  0.50 25.73 ? 476 ASN B CA  1 
ATOM   314 C C   A ASN B 1 9  ? 17.413  2.373   13.497  0.50 29.11 ? 476 ASN B C   1 
ATOM   315 O O   A ASN B 1 9  ? 17.274  1.248   13.066  0.50 26.33 ? 476 ASN B O   1 
ATOM   316 C CB  A ASN B 1 9  ? 16.286  3.733   11.670  0.50 24.31 ? 476 ASN B CB  1 
ATOM   317 C CG  A ASN B 1 9  ? 15.063  4.177   12.475  0.50 24.15 ? 476 ASN B CG  1 
ATOM   318 O OD1 A ASN B 1 9  ? 14.818  3.707   13.572  0.50 26.50 ? 476 ASN B OD1 1 
ATOM   319 N ND2 A ASN B 1 9  ? 14.302  5.078   11.919  0.50 21.43 ? 476 ASN B ND2 1 
ATOM   320 N N   . GLU B 1 10 ? 17.484  2.634   14.801  1.00 40.94 ? 477 GLU B N   1 
ATOM   321 C CA  . GLU B 1 10 ? 17.449  1.581   15.844  1.00 41.68 ? 477 GLU B CA  1 
ATOM   322 C C   . GLU B 1 10 ? 16.027  1.142   16.226  1.00 39.07 ? 477 GLU B C   1 
ATOM   323 O O   . GLU B 1 10 ? 15.854  0.079   16.842  1.00 42.66 ? 477 GLU B O   1 
ATOM   324 C CB  . GLU B 1 10 ? 18.174  2.062   17.110  1.00 42.56 ? 477 GLU B CB  1 
ATOM   325 N N   . LYS B 1 11 ? 15.023  1.944   15.876  1.00 31.86 ? 478 LYS B N   1 
ATOM   326 C CA  . LYS B 1 11 ? 13.636  1.665   16.272  1.00 26.78 ? 478 LYS B CA  1 
ATOM   327 C C   . LYS B 1 11 ? 13.080  0.384   15.613  1.00 22.29 ? 478 LYS B C   1 
ATOM   328 O O   . LYS B 1 11 ? 13.389  0.078   14.456  1.00 19.89 ? 478 LYS B O   1 
ATOM   329 C CB  . LYS B 1 11 ? 12.671  2.824   15.924  1.00 29.40 ? 478 LYS B CB  1 
ATOM   330 C CG  . LYS B 1 11 ? 12.893  4.198   16.568  1.00 40.96 ? 478 LYS B CG  1 
ATOM   331 C CD  . LYS B 1 11 ? 11.620  5.041   16.428  1.00 42.05 ? 478 LYS B CD  1 
ATOM   332 C CE  . LYS B 1 11 ? 11.846  6.518   16.713  1.00 43.22 ? 478 LYS B CE  1 
ATOM   333 N N   . PRO B 1 12 ? 12.260  -0.366  16.356  1.00 17.76 ? 479 PRO B N   1 
ATOM   334 C CA  . PRO B 1 12 ? 11.591  -1.476  15.690  1.00 17.18 ? 479 PRO B CA  1 
ATOM   335 C C   . PRO B 1 12 ? 10.504  -0.992  14.707  1.00 14.93 ? 479 PRO B C   1 
ATOM   336 O O   . PRO B 1 12 ? 9.897   0.083   14.872  1.00 15.60 ? 479 PRO B O   1 
ATOM   337 C CB  . PRO B 1 12 ? 10.908  -2.212  16.830  1.00 20.00 ? 479 PRO B CB  1 
ATOM   338 C CG  . PRO B 1 12 ? 10.662  -1.149  17.864  1.00 21.99 ? 479 PRO B CG  1 
ATOM   339 C CD  . PRO B 1 12 ? 11.842  -0.247  17.774  1.00 20.34 ? 479 PRO B CD  1 
ATOM   340 N N   . LEU B 1 13 ? 10.189  -1.844  13.746  1.00 14.63 ? 480 LEU B N   1 
ATOM   341 C CA  . LEU B 1 13 ? 9.001   -1.599  12.954  1.00 15.25 ? 480 LEU B CA  1 
ATOM   342 C C   . LEU B 1 13 ? 7.727   -1.753  13.763  1.00 15.27 ? 480 LEU B C   1 
ATOM   343 O O   . LEU B 1 13 ? 7.650   -2.637  14.631  1.00 16.75 ? 480 LEU B O   1 
ATOM   344 C CB  . LEU B 1 13 ? 8.910   -2.572  11.795  1.00 16.79 ? 480 LEU B CB  1 
ATOM   345 C CG  . LEU B 1 13 ? 9.978   -2.516  10.741  1.00 15.08 ? 480 LEU B CG  1 
ATOM   346 C CD1 . LEU B 1 13 ? 9.832   -3.662  9.720   1.00 17.85 ? 480 LEU B CD1 1 
ATOM   347 C CD2 . LEU B 1 13 ? 10.063  -1.128  10.046  1.00 15.14 ? 480 LEU B CD2 1 
ATOM   348 N N   . PRO B 1 14 ? 6.710   -0.946  13.474  1.00 13.06 ? 481 PRO B N   1 
ATOM   349 C CA  . PRO B 1 14 ? 5.475   -1.042  14.179  1.00 13.41 ? 481 PRO B CA  1 
ATOM   350 C C   . PRO B 1 14 ? 4.642   -2.256  13.763  1.00 13.01 ? 481 PRO B C   1 
ATOM   351 O O   . PRO B 1 14 ? 4.929   -2.861  12.741  1.00 11.98 ? 481 PRO B O   1 
ATOM   352 C CB  . PRO B 1 14 ? 4.749   0.259   13.882  1.00 17.09 ? 481 PRO B CB  1 
ATOM   353 C CG  . PRO B 1 14 ? 5.361   0.743   12.645  1.00 16.06 ? 481 PRO B CG  1 
ATOM   354 C CD  . PRO B 1 14 ? 6.714   0.200   12.534  1.00 14.06 ? 481 PRO B CD  1 
ATOM   355 N N   . GLU B 1 15 ? 3.655   -2.594  14.610  1.00 13.25 ? 482 GLU B N   1 
ATOM   356 C CA  A GLU B 1 15 ? 2.796   -3.765  14.422  0.70 13.64 ? 482 GLU B CA  1 
ATOM   357 C CA  B GLU B 1 15 ? 2.811   -3.758  14.417  0.30 13.35 ? 482 GLU B CA  1 
ATOM   358 C C   . GLU B 1 15 ? 2.278   -3.845  12.986  1.00 12.68 ? 482 GLU B C   1 
ATOM   359 O O   . GLU B 1 15 ? 1.754   -2.843  12.410  1.00 12.32 ? 482 GLU B O   1 
ATOM   360 C CB  A GLU B 1 15 ? 1.566   -3.802  15.388  0.70 15.68 ? 482 GLU B CB  1 
ATOM   361 C CB  B GLU B 1 15 ? 1.641   -3.773  15.425  0.30 14.78 ? 482 GLU B CB  1 
ATOM   362 C CG  A GLU B 1 15 ? 1.861   -4.124  16.827  0.70 18.63 ? 482 GLU B CG  1 
ATOM   363 C CG  B GLU B 1 15 ? 0.566   -2.704  15.218  0.30 16.33 ? 482 GLU B CG  1 
ATOM   364 C CD  A GLU B 1 15 ? 0.598   -4.200  17.702  0.70 20.87 ? 482 GLU B CD  1 
ATOM   365 C CD  B GLU B 1 15 ? -0.716  -3.116  15.898  0.30 18.42 ? 482 GLU B CD  1 
ATOM   366 O OE1 A GLU B 1 15 ? -0.534  -4.448  17.195  0.70 25.87 ? 482 GLU B OE1 1 
ATOM   367 O OE1 B GLU B 1 15 ? -0.644  -3.307  17.125  0.30 18.86 ? 482 GLU B OE1 1 
ATOM   368 O OE2 A GLU B 1 15 ? 0.766   -4.050  18.922  0.70 29.08 ? 482 GLU B OE2 1 
ATOM   369 O OE2 B GLU B 1 15 ? -1.752  -3.285  15.200  0.30 18.52 ? 482 GLU B OE2 1 
ATOM   370 N N   . GLY B 1 16 ? 2.357   -5.031  12.390  1.00 9.95  ? 483 GLY B N   1 
ATOM   371 C CA  . GLY B 1 16 ? 1.803   -5.294  11.058  1.00 9.35  ? 483 GLY B CA  1 
ATOM   372 C C   . GLY B 1 16 ? 2.776   -5.070  9.918   1.00 8.31  ? 483 GLY B C   1 
ATOM   373 O O   . GLY B 1 16 ? 2.473   -5.488  8.794   1.00 9.47  ? 483 GLY B O   1 
ATOM   374 N N   . TRP B 1 17 ? 3.897   -4.396  10.187  1.00 8.74  ? 484 TRP B N   1 
ATOM   375 C CA  . TRP B 1 17 ? 4.850   -4.009  9.149   1.00 8.73  ? 484 TRP B CA  1 
ATOM   376 C C   . TRP B 1 17 ? 6.078   -4.922  9.084   1.00 9.05  ? 484 TRP B C   1 
ATOM   377 O O   . TRP B 1 17 ? 6.558   -5.449  10.093  1.00 9.05  ? 484 TRP B O   1 
ATOM   378 C CB  . TRP B 1 17 ? 5.332   -2.566  9.368   1.00 9.89  ? 484 TRP B CB  1 
ATOM   379 C CG  . TRP B 1 17 ? 4.295   -1.524  9.117   1.00 9.95  ? 484 TRP B CG  1 
ATOM   380 C CD1 . TRP B 1 17 ? 3.359   -1.093  9.976   1.00 10.68 ? 484 TRP B CD1 1 
ATOM   381 C CD2 . TRP B 1 17 ? 4.112   -0.791  7.908   1.00 8.74  ? 484 TRP B CD2 1 
ATOM   382 N NE1 . TRP B 1 17 ? 2.596   -0.112  9.386   1.00 10.77 ? 484 TRP B NE1 1 
ATOM   383 C CE2 . TRP B 1 17 ? 3.029   0.086   8.115   1.00 10.16 ? 484 TRP B CE2 1 
ATOM   384 C CE3 . TRP B 1 17 ? 4.734   -0.831  6.649   1.00 9.50  ? 484 TRP B CE3 1 
ATOM   385 C CZ2 . TRP B 1 17 ? 2.582   0.957   7.119   1.00 9.36  ? 484 TRP B CZ2 1 
ATOM   386 C CZ3 . TRP B 1 17 ? 4.269   0.045   5.652   1.00 10.39 ? 484 TRP B CZ3 1 
ATOM   387 C CH2 . TRP B 1 17 ? 3.232   0.917   5.899   1.00 10.07 ? 484 TRP B CH2 1 
ATOM   388 N N   . GLU B 1 18 ? 6.547   -5.115  7.856   1.00 9.73  ? 485 GLU B N   1 
ATOM   389 C CA  . GLU B 1 18 ? 7.729   -5.914  7.539   1.00 11.50 ? 485 GLU B CA  1 
ATOM   390 C C   . GLU B 1 18 ? 8.572   -5.110  6.548   1.00 12.24 ? 485 GLU B C   1 
ATOM   391 O O   . GLU B 1 18 ? 8.008   -4.468  5.660   1.00 11.17 ? 485 GLU B O   1 
ATOM   392 C CB  . GLU B 1 18 ? 7.232   -7.202  6.895   1.00 13.68 ? 485 GLU B CB  1 
ATOM   393 C CG  . GLU B 1 18 ? 8.296   -8.078  6.351   1.00 15.56 ? 485 GLU B CG  1 
ATOM   394 C CD  . GLU B 1 18 ? 7.742   -9.322  5.682   1.00 13.78 ? 485 GLU B CD  1 
ATOM   395 O OE1 . GLU B 1 18 ? 6.502   -9.623  5.646   1.00 13.74 ? 485 GLU B OE1 1 
ATOM   396 O OE2 . GLU B 1 18 ? 8.601   -10.036 5.150   1.00 14.74 ? 485 GLU B OE2 1 
ATOM   397 N N   . MET B 1 19 ? 9.909   -5.177  6.638   1.00 12.02 ? 486 MET B N   1 
ATOM   398 C CA  . MET B 1 19 ? 10.828  -4.546  5.672   1.00 12.97 ? 486 MET B CA  1 
ATOM   399 C C   . MET B 1 19 ? 11.385  -5.647  4.737   1.00 14.02 ? 486 MET B C   1 
ATOM   400 O O   . MET B 1 19 ? 11.759  -6.737  5.188   1.00 17.30 ? 486 MET B O   1 
ATOM   401 C CB  . MET B 1 19 ? 11.972  -3.798  6.350   1.00 14.90 ? 486 MET B CB  1 
ATOM   402 C CG  . MET B 1 19 ? 12.783  -3.007  5.310   1.00 15.90 ? 486 MET B CG  1 
ATOM   403 S SD  . MET B 1 19 ? 14.126  -2.157  6.126   1.00 20.62 ? 486 MET B SD  1 
ATOM   404 C CE  . MET B 1 19 ? 15.092  -3.564  6.586   1.00 22.71 ? 486 MET B CE  1 
ATOM   405 N N   . ARG B 1 20 ? 11.417  -5.357  3.449   1.00 13.89 ? 487 ARG B N   1 
ATOM   406 C CA  . ARG B 1 20 ? 12.039  -6.230  2.437   1.00 15.81 ? 487 ARG B CA  1 
ATOM   407 C C   . ARG B 1 20 ? 12.924  -5.330  1.572   1.00 15.65 ? 487 ARG B C   1 
ATOM   408 O O   . ARG B 1 20 ? 12.987  -4.131  1.716   1.00 14.61 ? 487 ARG B O   1 
ATOM   409 C CB  . ARG B 1 20 ? 10.965  -6.922  1.636   1.00 20.75 ? 487 ARG B CB  1 
ATOM   410 C CG  A ARG B 1 20 ? 10.077  -7.876  2.462   0.60 22.19 ? 487 ARG B CG  1 
ATOM   411 C CG  B ARG B 1 20 ? 10.105  -7.901  2.448   0.40 20.81 ? 487 ARG B CG  1 
ATOM   412 C CD  A ARG B 1 20 ? 9.360   -8.878  1.568   0.60 24.54 ? 487 ARG B CD  1 
ATOM   413 C CD  B ARG B 1 20 ? 9.764   -9.144  1.636   0.40 21.83 ? 487 ARG B CD  1 
ATOM   414 N NE  A ARG B 1 20 ? 8.697   -9.957  2.317   0.60 24.41 ? 487 ARG B NE  1 
ATOM   415 C CZ  A ARG B 1 20 ? 8.136   -11.011 1.736   0.60 28.95 ? 487 ARG B CZ  1 
ATOM   416 N N   . PHE B 1 21 ? 13.691  -5.977  0.683   1.00 18.77 ? 488 PHE B N   1 
ATOM   417 C CA  . PHE B 1 21 ? 14.510  -5.237  -0.298  1.00 18.52 ? 488 PHE B CA  1 
ATOM   418 C C   . PHE B 1 21 ? 14.168  -5.730  -1.683  1.00 18.90 ? 488 PHE B C   1 
ATOM   419 O O   . PHE B 1 21 ? 13.930  -6.923  -1.906  1.00 20.38 ? 488 PHE B O   1 
ATOM   420 C CB  . PHE B 1 21 ? 16.016  -5.448  -0.052  1.00 19.39 ? 488 PHE B CB  1 
ATOM   421 C CG  . PHE B 1 21 ? 16.500  -4.881  1.233   1.00 21.58 ? 488 PHE B CG  1 
ATOM   422 C CD1 . PHE B 1 21 ? 16.942  -3.596  1.303   1.00 26.22 ? 488 PHE B CD1 1 
ATOM   423 C CD2 . PHE B 1 21 ? 16.471  -5.663  2.384   1.00 25.50 ? 488 PHE B CD2 1 
ATOM   424 C CE1 . PHE B 1 21 ? 17.377  -3.056  2.503   1.00 32.17 ? 488 PHE B CE1 1 
ATOM   425 C CE2 . PHE B 1 21 ? 16.887  -5.133  3.593   1.00 29.08 ? 488 PHE B CE2 1 
ATOM   426 C CZ  . PHE B 1 21 ? 17.339  -3.830  3.638   1.00 28.72 ? 488 PHE B CZ  1 
ATOM   427 N N   . THR B 1 22 ? 14.141  -4.798  -2.615  1.00 17.10 ? 489 THR B N   1 
ATOM   428 C CA  . THR B 1 22 ? 14.018  -5.107  -3.996  1.00 17.85 ? 489 THR B CA  1 
ATOM   429 C C   . THR B 1 22 ? 15.343  -5.817  -4.414  1.00 17.91 ? 489 THR B C   1 
ATOM   430 O O   . THR B 1 22 ? 16.366  -5.812  -3.684  1.00 19.64 ? 489 THR B O   1 
ATOM   431 C CB  . THR B 1 22 ? 13.825  -3.871  -4.887  1.00 20.04 ? 489 THR B CB  1 
ATOM   432 O OG1 . THR B 1 22 ? 14.991  -3.035  -4.793  1.00 18.81 ? 489 THR B OG1 1 
ATOM   433 C CG2 . THR B 1 22 ? 12.612  -3.022  -4.491  1.00 21.24 ? 489 THR B CG2 1 
ATOM   434 N N   . VAL B 1 23 ? 15.264  -6.406  -5.595  1.00 22.41 ? 490 VAL B N   1 
ATOM   435 C CA  . VAL B 1 23 ? 16.421  -7.093  -6.198  1.00 26.01 ? 490 VAL B CA  1 
ATOM   436 C C   . VAL B 1 23 ? 17.644  -6.165  -6.248  1.00 24.52 ? 490 VAL B C   1 
ATOM   437 O O   . VAL B 1 23 ? 18.768  -6.584  -5.958  1.00 25.97 ? 490 VAL B O   1 
ATOM   438 C CB  . VAL B 1 23 ? 16.049  -7.602  -7.617  1.00 27.14 ? 490 VAL B CB  1 
ATOM   439 C CG1 . VAL B 1 23 ? 15.466  -6.518  -8.522  1.00 29.24 ? 490 VAL B CG1 1 
ATOM   440 C CG2 . VAL B 1 23 ? 17.262  -8.228  -8.297  1.00 31.06 ? 490 VAL B CG2 1 
ATOM   441 N N   . ASP B 1 24 ? 17.392  -4.901  -6.556  1.00 23.43 ? 491 ASP B N   1 
ATOM   442 C CA  . ASP B 1 24 ? 18.469  -3.883  -6.686  1.00 24.42 ? 491 ASP B CA  1 
ATOM   443 C C   . ASP B 1 24 ? 18.756  -3.147  -5.401  1.00 26.46 ? 491 ASP B C   1 
ATOM   444 O O   . ASP B 1 24 ? 19.454  -2.126  -5.402  1.00 29.97 ? 491 ASP B O   1 
ATOM   445 C CB  . ASP B 1 24 ? 18.167  -2.946  -7.856  1.00 25.46 ? 491 ASP B CB  1 
ATOM   446 C CG  . ASP B 1 24 ? 16.919  -2.114  -7.653  1.00 32.61 ? 491 ASP B CG  1 
ATOM   447 O OD1 . ASP B 1 24 ? 15.898  -2.678  -7.225  1.00 29.13 ? 491 ASP B OD1 1 
ATOM   448 O OD2 . ASP B 1 24 ? 16.949  -0.914  -7.961  1.00 36.20 ? 491 ASP B OD2 1 
ATOM   449 N N   . GLY B 1 25 ? 18.219  -3.659  -4.295  1.00 21.44 ? 492 GLY B N   1 
ATOM   450 C CA  . GLY B 1 25 ? 18.636  -3.260  -2.975  1.00 20.52 ? 492 GLY B CA  1 
ATOM   451 C C   . GLY B 1 25 ? 17.914  -2.083  -2.344  1.00 22.22 ? 492 GLY B C   1 
ATOM   452 O O   . GLY B 1 25 ? 18.437  -1.461  -1.427  1.00 26.36 ? 492 GLY B O   1 
ATOM   453 N N   . ILE B 1 26 ? 16.721  -1.759  -2.819  1.00 19.51 ? 493 ILE B N   1 
ATOM   454 C CA  . ILE B 1 26 ? 15.994  -0.631  -2.274  1.00 19.38 ? 493 ILE B CA  1 
ATOM   455 C C   . ILE B 1 26 ? 15.096  -1.206  -1.158  1.00 16.28 ? 493 ILE B C   1 
ATOM   456 O O   . ILE B 1 26 ? 14.321  -2.116  -1.430  1.00 16.18 ? 493 ILE B O   1 
ATOM   457 C CB  . ILE B 1 26 ? 15.115  0.041   -3.314  1.00 22.02 ? 493 ILE B CB  1 
ATOM   458 C CG1 . ILE B 1 26 ? 15.969  0.421   -4.537  1.00 25.81 ? 493 ILE B CG1 1 
ATOM   459 C CG2 . ILE B 1 26 ? 14.418  1.244   -2.704  1.00 23.08 ? 493 ILE B CG2 1 
ATOM   460 C CD1 . ILE B 1 26 ? 15.175  1.015   -5.675  1.00 28.04 ? 493 ILE B CD1 1 
ATOM   461 N N   . PRO B 1 27 ? 15.142  -0.628  0.048   1.00 17.93 ? 494 PRO B N   1 
ATOM   462 C CA  . PRO B 1 27 ? 14.230  -1.035  1.118   1.00 16.62 ? 494 PRO B CA  1 
ATOM   463 C C   . PRO B 1 27 ? 12.799  -0.659  0.769   1.00 14.93 ? 494 PRO B C   1 
ATOM   464 O O   . PRO B 1 27 ? 12.551  0.402   0.248   1.00 14.50 ? 494 PRO B O   1 
ATOM   465 C CB  . PRO B 1 27 ? 14.639  -0.167  2.326   1.00 18.38 ? 494 PRO B CB  1 
ATOM   466 C CG  . PRO B 1 27 ? 15.868  0.511   1.955   1.00 21.23 ? 494 PRO B CG  1 
ATOM   467 C CD  . PRO B 1 27 ? 16.066  0.461   0.473   1.00 18.14 ? 494 PRO B CD  1 
ATOM   468 N N   . TYR B 1 28 ? 11.881  -1.561  1.047   1.00 11.76 ? 495 TYR B N   1 
ATOM   469 C CA  . TYR B 1 28 ? 10.465  -1.201  1.010   1.00 11.48 ? 495 TYR B CA  1 
ATOM   470 C C   . TYR B 1 28 ? 9.793   -1.875  2.168   1.00 11.37 ? 495 TYR B C   1 
ATOM   471 O O   . TYR B 1 28 ? 10.276  -2.801  2.831   1.00 11.41 ? 495 TYR B O   1 
ATOM   472 C CB  . TYR B 1 28 ? 9.793   -1.546  -0.330  1.00 12.48 ? 495 TYR B CB  1 
ATOM   473 C CG  . TYR B 1 28 ? 9.670   -2.976  -0.666  1.00 11.77 ? 495 TYR B CG  1 
ATOM   474 C CD1 . TYR B 1 28 ? 10.710  -3.708  -1.253  1.00 12.22 ? 495 TYR B CD1 1 
ATOM   475 C CD2 . TYR B 1 28 ? 8.502   -3.696  -0.392  1.00 13.61 ? 495 TYR B CD2 1 
ATOM   476 C CE1 . TYR B 1 28 ? 10.551  -5.040  -1.526  1.00 14.27 ? 495 TYR B CE1 1 
ATOM   477 C CE2 . TYR B 1 28 ? 8.351   -5.014  -0.685  1.00 13.34 ? 495 TYR B CE2 1 
ATOM   478 C CZ  . TYR B 1 28 ? 9.391   -5.718  -1.274  1.00 15.28 ? 495 TYR B CZ  1 
ATOM   479 O OH  . TYR B 1 28 ? 9.307   -7.055  -1.590  1.00 17.73 ? 495 TYR B OH  1 
ATOM   480 N N   . PHE B 1 29 ? 8.567   -1.417  2.407   1.00 9.25  ? 496 PHE B N   1 
ATOM   481 C CA  . PHE B 1 29 ? 7.841   -1.687  3.633   1.00 9.31  ? 496 PHE B CA  1 
ATOM   482 C C   . PHE B 1 29 ? 6.459   -2.215  3.333   1.00 10.14 ? 496 PHE B C   1 
ATOM   483 O O   . PHE B 1 29 ? 5.755   -1.694  2.480   1.00 10.00 ? 496 PHE B O   1 
ATOM   484 C CB  . PHE B 1 29 ? 7.845   -0.447  4.499   1.00 9.29  ? 496 PHE B CB  1 
ATOM   485 C CG  . PHE B 1 29 ? 9.219   0.019   4.847   1.00 9.66  ? 496 PHE B CG  1 
ATOM   486 C CD1 . PHE B 1 29 ? 9.907   -0.467  5.941   1.00 11.30 ? 496 PHE B CD1 1 
ATOM   487 C CD2 . PHE B 1 29 ? 9.843   0.917   3.999   1.00 11.02 ? 496 PHE B CD2 1 
ATOM   488 C CE1 . PHE B 1 29 ? 11.201  -0.028  6.205   1.00 11.58 ? 496 PHE B CE1 1 
ATOM   489 C CE2 . PHE B 1 29 ? 11.131  1.353   4.230   1.00 11.85 ? 496 PHE B CE2 1 
ATOM   490 C CZ  . PHE B 1 29 ? 11.815  0.873   5.311   1.00 11.14 ? 496 PHE B CZ  1 
ATOM   491 N N   . VAL B 1 30 ? 6.114   -3.323  4.005   1.00 8.59  ? 497 VAL B N   1 
ATOM   492 C CA  . VAL B 1 30 ? 4.860   -4.069  3.715   1.00 9.34  ? 497 VAL B CA  1 
ATOM   493 C C   . VAL B 1 30 ? 3.964   -3.958  4.910   1.00 8.72  ? 497 VAL B C   1 
ATOM   494 O O   . VAL B 1 30 ? 4.399   -4.257  6.031   1.00 9.46  ? 497 VAL B O   1 
ATOM   495 C CB  . VAL B 1 30 ? 5.131   -5.530  3.399   1.00 9.39  ? 497 VAL B CB  1 
ATOM   496 C CG1 . VAL B 1 30 ? 3.863   -6.331  3.130   1.00 9.68  ? 497 VAL B CG1 1 
ATOM   497 C CG2 . VAL B 1 30 ? 6.150   -5.673  2.289   1.00 10.44 ? 497 VAL B CG2 1 
ATOM   498 N N   . ASP B 1 31 ? 2.743   -3.494  4.682   1.00 7.91  ? 498 ASP B N   1 
ATOM   499 C CA  . ASP B 1 31 ? 1.723   -3.309  5.743   1.00 8.47  ? 498 ASP B CA  1 
ATOM   500 C C   . ASP B 1 31 ? 0.721   -4.465  5.594   1.00 8.83  ? 498 ASP B C   1 
ATOM   501 O O   . ASP B 1 31 ? -0.136  -4.435  4.687   1.00 8.42  ? 498 ASP B O   1 
ATOM   502 C CB  . ASP B 1 31 ? 1.044   -1.948  5.590   1.00 8.33  ? 498 ASP B CB  1 
ATOM   503 C CG  . ASP B 1 31 ? -0.074  -1.676  6.551   1.00 11.03 ? 498 ASP B CG  1 
ATOM   504 O OD1 . ASP B 1 31 ? -0.508  -2.551  7.321   1.00 10.42 ? 498 ASP B OD1 1 
ATOM   505 O OD2 . ASP B 1 31 ? -0.502  -0.478  6.570   1.00 11.91 ? 498 ASP B OD2 1 
ATOM   506 N N   . HIS B 1 32 ? 0.766   -5.451  6.487   1.00 8.31  ? 499 HIS B N   1 
ATOM   507 C CA  . HIS B 1 32 ? -0.096  -6.596  6.407   1.00 8.31  ? 499 HIS B CA  1 
ATOM   508 C C   . HIS B 1 32 ? -1.493  -6.387  6.987   1.00 8.30  ? 499 HIS B C   1 
ATOM   509 O O   . HIS B 1 32 ? -2.338  -7.274  6.876   1.00 8.80  ? 499 HIS B O   1 
ATOM   510 C CB  . HIS B 1 32 ? 0.582   -7.843  7.084   1.00 7.94  ? 499 HIS B CB  1 
ATOM   511 C CG  . HIS B 1 32 ? 1.841   -8.296  6.404   1.00 8.50  ? 499 HIS B CG  1 
ATOM   512 N ND1 . HIS B 1 32 ? 1.805   -8.996  5.230   1.00 9.62  ? 499 HIS B ND1 1 
ATOM   513 C CD2 . HIS B 1 32 ? 3.137   -8.165  6.758   1.00 9.47  ? 499 HIS B CD2 1 
ATOM   514 C CE1 . HIS B 1 32 ? 3.051   -9.331  4.914   1.00 9.50  ? 499 HIS B CE1 1 
ATOM   515 N NE2 . HIS B 1 32 ? 3.884   -8.822  5.807   1.00 9.53  ? 499 HIS B NE2 1 
ATOM   516 N N   . ASN B 1 33 ? -1.762  -5.229  7.589   1.00 9.24  ? 500 ASN B N   1 
ATOM   517 C CA  . ASN B 1 33 ? -3.122  -4.843  7.953   1.00 9.49  ? 500 ASN B CA  1 
ATOM   518 C C   . ASN B 1 33 ? -3.855  -4.239  6.796   1.00 10.02 ? 500 ASN B C   1 
ATOM   519 O O   . ASN B 1 33 ? -4.985  -4.606  6.499   1.00 10.77 ? 500 ASN B O   1 
ATOM   520 C CB  . ASN B 1 33 ? -3.148  -3.942  9.188   1.00 9.42  ? 500 ASN B CB  1 
ATOM   521 C CG  . ASN B 1 33 ? -2.623  -4.627  10.425  1.00 8.74  ? 500 ASN B CG  1 
ATOM   522 O OD1 . ASN B 1 33 ? -1.695  -4.134  11.126  1.00 13.45 ? 500 ASN B OD1 1 
ATOM   523 N ND2 . ASN B 1 33 ? -3.211  -5.708  10.693  1.00 8.35  ? 500 ASN B ND2 1 
ATOM   524 N N   . ARG B 1 34 ? -3.266  -3.211  6.166   1.00 9.30  ? 501 ARG B N   1 
ATOM   525 C CA  . ARG B 1 34 ? -3.911  -2.510  5.014   1.00 10.21 ? 501 ARG B CA  1 
ATOM   526 C C   . ARG B 1 34 ? -3.604  -3.171  3.691   1.00 8.85  ? 501 ARG B C   1 
ATOM   527 O O   . ARG B 1 34 ? -4.236  -2.810  2.693   1.00 10.00 ? 501 ARG B O   1 
ATOM   528 C CB  . ARG B 1 34 ? -3.530  -1.018  5.047   1.00 11.02 ? 501 ARG B CB  1 
ATOM   529 C CG  . ARG B 1 34 ? -3.935  -0.376  6.371   1.00 14.47 ? 501 ARG B CG  1 
ATOM   530 C CD  . ARG B 1 34 ? -3.451  1.023   6.417   1.00 17.33 ? 501 ARG B CD  1 
ATOM   531 N NE  . ARG B 1 34 ? -3.676  1.606   7.754   1.00 19.38 ? 501 ARG B NE  1 
ATOM   532 C CZ  . ARG B 1 34 ? -2.806  1.577   8.765   1.00 20.25 ? 501 ARG B CZ  1 
ATOM   533 N NH1 . ARG B 1 34 ? -1.629  0.993   8.685   1.00 19.61 ? 501 ARG B NH1 1 
ATOM   534 N NH2 . ARG B 1 34 ? -3.155  2.153   9.916   1.00 27.43 ? 501 ARG B NH2 1 
ATOM   535 N N   . ARG B 1 35 ? -2.698  -4.135  3.649   1.00 9.04  ? 502 ARG B N   1 
ATOM   536 C CA  . ARG B 1 35 ? -2.290  -4.854  2.447   1.00 8.71  ? 502 ARG B CA  1 
ATOM   537 C C   . ARG B 1 35 ? -1.643  -3.962  1.393   1.00 9.20  ? 502 ARG B C   1 
ATOM   538 O O   . ARG B 1 35 ? -1.920  -4.124  0.206   1.00 12.06 ? 502 ARG B O   1 
ATOM   539 C CB  . ARG B 1 35 ? -3.397  -5.702  1.855   1.00 8.95  ? 502 ARG B CB  1 
ATOM   540 C CG  . ARG B 1 35 ? -4.183  -6.549  2.842   1.00 9.50  ? 502 ARG B CG  1 
ATOM   541 C CD  . ARG B 1 35 ? -3.306  -7.567  3.565   1.00 9.99  ? 502 ARG B CD  1 
ATOM   542 N NE  . ARG B 1 35 ? -4.134  -8.363  4.508   1.00 9.99  ? 502 ARG B NE  1 
ATOM   543 C CZ  . ARG B 1 35 ? -3.733  -9.483  5.107   1.00 9.88  ? 502 ARG B CZ  1 
ATOM   544 N NH1 . ARG B 1 35 ? -2.537  -10.013 4.895   1.00 9.28  ? 502 ARG B NH1 1 
ATOM   545 N NH2 . ARG B 1 35 ? -4.580  -10.093 5.950   1.00 12.52 ? 502 ARG B NH2 1 
ATOM   546 N N   . THR B 1 36 ? -0.800  -3.071  1.840   1.00 9.23  ? 503 THR B N   1 
ATOM   547 C CA  . THR B 1 36 ? -0.078  -2.080  1.029   1.00 8.36  ? 503 THR B CA  1 
ATOM   548 C C   . THR B 1 36 ? 1.394   -2.375  1.085   1.00 9.66  ? 503 THR B C   1 
ATOM   549 O O   . THR B 1 36 ? 1.865   -3.114  1.916   1.00 8.92  ? 503 THR B O   1 
ATOM   550 C CB  . THR B 1 36 ? -0.325  -0.661  1.522   1.00 9.33  ? 503 THR B CB  1 
ATOM   551 O OG1 . THR B 1 36 ? 0.179   -0.545  2.869   1.00 10.02 ? 503 THR B OG1 1 
ATOM   552 C CG2 . THR B 1 36 ? -1.788  -0.257  1.465   1.00 9.69  ? 503 THR B CG2 1 
ATOM   553 N N   . THR B 1 37 ? 2.116   -1.772  0.141   1.00 9.38  ? 504 THR B N   1 
ATOM   554 C CA  . THR B 1 37 ? 3.564   -1.661  0.221   1.00 9.06  ? 504 THR B CA  1 
ATOM   555 C C   . THR B 1 37 ? 3.959   -0.241  -0.129  1.00 8.28  ? 504 THR B C   1 
ATOM   556 O O   . THR B 1 37 ? 3.210   0.483   -0.772  1.00 9.57  ? 504 THR B O   1 
ATOM   557 C CB  . THR B 1 37 ? 4.309   -2.649  -0.667  1.00 9.18  ? 504 THR B CB  1 
ATOM   558 O OG1 . THR B 1 37 ? 4.284   -2.192  -2.029  1.00 10.27 ? 504 THR B OG1 1 
ATOM   559 C CG2 . THR B 1 37 ? 3.763   -4.096  -0.607  1.00 10.18 ? 504 THR B CG2 1 
ATOM   560 N N   . THR B 1 38 ? 5.113   0.140   0.380   1.00 8.76  ? 505 THR B N   1 
ATOM   561 C CA  . THR B 1 38 ? 5.575   1.527   0.178   1.00 9.99  ? 505 THR B CA  1 
ATOM   562 C C   . THR B 1 38 ? 7.059   1.630   0.393   1.00 9.68  ? 505 THR B C   1 
ATOM   563 O O   . THR B 1 38 ? 7.604   0.933   1.269   1.00 9.54  ? 505 THR B O   1 
ATOM   564 C CB  . THR B 1 38 ? 4.801   2.520   1.066   1.00 10.34 ? 505 THR B CB  1 
ATOM   565 O OG1 . THR B 1 38 ? 5.300   3.861   0.845   1.00 9.94  ? 505 THR B OG1 1 
ATOM   566 C CG2 . THR B 1 38 ? 4.859   2.190   2.533   1.00 10.17 ? 505 THR B CG2 1 
ATOM   567 N N   . TYR B 1 39 ? 7.701   2.554   -0.307  1.00 10.60 ? 506 TYR B N   1 
ATOM   568 C CA  . TYR B 1 39 ? 9.059   2.972   0.031   1.00 11.89 ? 506 TYR B CA  1 
ATOM   569 C C   . TYR B 1 39 ? 9.187   3.825   1.263   1.00 11.66 ? 506 TYR B C   1 
ATOM   570 O O   . TYR B 1 39 ? 10.301  3.993   1.806   1.00 13.23 ? 506 TYR B O   1 
ATOM   571 C CB  . TYR B 1 39 ? 9.638   3.700   -1.184  1.00 12.55 ? 506 TYR B CB  1 
ATOM   572 C CG  . TYR B 1 39 ? 9.783   2.813   -2.420  1.00 11.92 ? 506 TYR B CG  1 
ATOM   573 C CD1 . TYR B 1 39 ? 10.576  1.709   -2.410  1.00 14.32 ? 506 TYR B CD1 1 
ATOM   574 C CD2 . TYR B 1 39 ? 9.131   3.154   -3.579  1.00 15.11 ? 506 TYR B CD2 1 
ATOM   575 C CE1 . TYR B 1 39 ? 10.719  0.901   -3.540  1.00 15.29 ? 506 TYR B CE1 1 
ATOM   576 C CE2 . TYR B 1 39 ? 9.264   2.383   -4.701  1.00 15.38 ? 506 TYR B CE2 1 
ATOM   577 C CZ  . TYR B 1 39 ? 10.048  1.277   -4.681  1.00 16.11 ? 506 TYR B CZ  1 
ATOM   578 O OH  . TYR B 1 39 ? 10.138  0.543   -5.863  1.00 20.05 ? 506 TYR B OH  1 
ATOM   579 N N   . ILE B 1 40 ? 8.039   4.298   1.799   1.00 10.59 ? 507 ILE B N   1 
ATOM   580 C CA  . ILE B 1 40 ? 8.052   5.120   3.031   1.00 11.03 ? 507 ILE B CA  1 
ATOM   581 C C   . ILE B 1 40 ? 8.300   4.249   4.253   1.00 10.41 ? 507 ILE B C   1 
ATOM   582 O O   . ILE B 1 40 ? 7.536   3.301   4.504   1.00 10.85 ? 507 ILE B O   1 
ATOM   583 C CB  . ILE B 1 40 ? 6.727   5.879   3.223   1.00 13.68 ? 507 ILE B CB  1 
ATOM   584 C CG1 . ILE B 1 40 ? 6.458   6.810   2.034   1.00 16.36 ? 507 ILE B CG1 1 
ATOM   585 C CG2 . ILE B 1 40 ? 6.712   6.590   4.557   1.00 12.23 ? 507 ILE B CG2 1 
ATOM   586 C CD1 . ILE B 1 40 ? 7.315   8.044   1.944   1.00 19.89 ? 507 ILE B CD1 1 
ATOM   587 N N   . ASP B 1 41 ? 9.341   4.559   5.017   1.00 10.52 ? 508 ASP B N   1 
ATOM   588 C CA  . ASP B 1 41 ? 9.600   3.861   6.237   1.00 10.39 ? 508 ASP B CA  1 
ATOM   589 C C   . ASP B 1 41 ? 8.528   4.235   7.254   1.00 10.55 ? 508 ASP B C   1 
ATOM   590 O O   . ASP B 1 41 ? 8.337   5.399   7.551   1.00 10.66 ? 508 ASP B O   1 
ATOM   591 C CB  . ASP B 1 41 ? 11.014  4.223   6.717   1.00 9.98  ? 508 ASP B CB  1 
ATOM   592 C CG  . ASP B 1 41 ? 11.481  3.454   7.900   1.00 11.06 ? 508 ASP B CG  1 
ATOM   593 O OD1 . ASP B 1 41 ? 10.734  2.978   8.778   1.00 11.05 ? 508 ASP B OD1 1 
ATOM   594 O OD2 . ASP B 1 41 ? 12.750  3.295   7.958   1.00 13.54 ? 508 ASP B OD2 1 
ATOM   595 N N   . PRO B 1 42 ? 7.816   3.262   7.845   1.00 9.60  ? 509 PRO B N   1 
ATOM   596 C CA  . PRO B 1 42 ? 6.747   3.622   8.788   1.00 10.55 ? 509 PRO B CA  1 
ATOM   597 C C   . PRO B 1 42 ? 7.278   4.263   10.063  1.00 11.34 ? 509 PRO B C   1 
ATOM   598 O O   . PRO B 1 42 ? 6.492   4.837   10.810  1.00 13.92 ? 509 PRO B O   1 
ATOM   599 C CB  . PRO B 1 42 ? 6.052   2.265   9.052   1.00 11.51 ? 509 PRO B CB  1 
ATOM   600 C CG  . PRO B 1 42 ? 7.162   1.263   8.812   1.00 10.50 ? 509 PRO B CG  1 
ATOM   601 C CD  . PRO B 1 42 ? 7.949   1.800   7.664   1.00 10.08 ? 509 PRO B CD  1 
ATOM   602 N N   . ARG B 1 43 ? 8.596   4.191   10.304  1.00 10.78 ? 510 ARG B N   1 
ATOM   603 C CA  . ARG B 1 43 ? 9.224   4.831   11.451  1.00 12.16 ? 510 ARG B CA  1 
ATOM   604 C C   . ARG B 1 43 ? 9.555   6.305   11.226  1.00 13.69 ? 510 ARG B C   1 
ATOM   605 O O   . ARG B 1 43 ? 9.819   6.992   12.205  1.00 14.99 ? 510 ARG B O   1 
ATOM   606 C CB  . ARG B 1 43 ? 10.512  4.120   11.804  1.00 11.84 ? 510 ARG B CB  1 
ATOM   607 C CG  . ARG B 1 43 ? 10.280  2.659   12.181  1.00 12.73 ? 510 ARG B CG  1 
ATOM   608 C CD  . ARG B 1 43 ? 11.539  1.854   12.275  1.00 12.26 ? 510 ARG B CD  1 
ATOM   609 N NE  . ARG B 1 43 ? 12.179  1.732   10.985  1.00 12.57 ? 510 ARG B NE  1 
ATOM   610 C CZ  . ARG B 1 43 ? 13.366  1.200   10.758  1.00 17.60 ? 510 ARG B CZ  1 
ATOM   611 N NH1 . ARG B 1 43 ? 14.068  0.665   11.747  1.00 19.78 ? 510 ARG B NH1 1 
ATOM   612 N NH2 . ARG B 1 43 ? 13.830  1.130   9.534   1.00 17.58 ? 510 ARG B NH2 1 
ATOM   613 N N   . THR B 1 44 ? 9.627   6.737   9.978   1.00 12.80 ? 511 THR B N   1 
ATOM   614 C CA  . THR B 1 44 ? 10.092  8.078   9.672   1.00 12.35 ? 511 THR B CA  1 
ATOM   615 C C   . THR B 1 44 ? 9.128   8.865   8.794   1.00 11.84 ? 511 THR B C   1 
ATOM   616 O O   . THR B 1 44 ? 9.187   10.115  8.776   1.00 11.68 ? 511 THR B O   1 
ATOM   617 C CB  . THR B 1 44 ? 11.415  8.028   8.901   1.00 13.39 ? 511 THR B CB  1 
ATOM   618 O OG1 . THR B 1 44 ? 11.186  7.551   7.584   1.00 13.68 ? 511 THR B OG1 1 
ATOM   619 C CG2 . THR B 1 44 ? 12.464  7.178   9.674   1.00 16.11 ? 511 THR B CG2 1 
ATOM   620 N N   . GLY B 1 45 ? 8.264   8.232   8.004   1.00 11.51 ? 512 GLY B N   1 
ATOM   621 C CA  . GLY B 1 45 ? 7.393   8.951   7.098   1.00 12.10 ? 512 GLY B CA  1 
ATOM   622 C C   . GLY B 1 45 ? 8.031   9.493   5.819   1.00 10.63 ? 512 GLY B C   1 
ATOM   623 O O   . GLY B 1 45 ? 7.393   10.222  5.054   1.00 11.65 ? 512 GLY B O   1 
ATOM   624 N N   . LYS B 1 46 ? 9.284   9.070   5.569   1.00 13.66 ? 513 LYS B N   1 
ATOM   625 C CA  A LYS B 1 46 ? 10.134  9.458   4.454   0.60 16.47 ? 513 LYS B CA  1 
ATOM   626 C CA  B LYS B 1 46 ? 9.935   9.397   4.317   0.40 16.06 ? 513 LYS B CA  1 
ATOM   627 C C   . LYS B 1 46 ? 10.576  8.177   3.681   1.00 17.78 ? 513 LYS B C   1 
ATOM   628 O O   . LYS B 1 46 ? 10.771  7.096   4.319   1.00 15.81 ? 513 LYS B O   1 
ATOM   629 C CB  A LYS B 1 46 ? 11.367  10.196  5.045   0.60 16.68 ? 513 LYS B CB  1 
ATOM   630 C CB  B LYS B 1 46 ? 10.933  10.543  4.483   0.40 15.20 ? 513 LYS B CB  1 
ATOM   631 C CG  A LYS B 1 46 ? 12.095  11.173  4.163   0.60 21.36 ? 513 LYS B CG  1 
ATOM   632 C CG  B LYS B 1 46 ? 12.007  10.261  5.497   0.40 15.53 ? 513 LYS B CG  1 
ATOM   633 C CD  A LYS B 1 46 ? 13.331  11.668  4.900   0.60 20.59 ? 513 LYS B CD  1 
ATOM   634 C CE  A LYS B 1 46 ? 14.196  12.570  4.014   0.60 19.89 ? 513 LYS B CE  1 
ATOM   635 N NZ  A LYS B 1 46 ? 13.585  13.901  3.758   0.60 17.60 ? 513 LYS B NZ  1 
ATOM   636 N N   . SER B 1 47 ? 10.843  8.334   2.398   1.00 19.69 ? 514 SER B N   1 
ATOM   637 C CA  . SER B 1 47 ? 11.525  7.342   1.577   1.00 23.39 ? 514 SER B CA  1 
ATOM   638 C C   . SER B 1 47 ? 12.927  7.863   1.276   1.00 30.55 ? 514 SER B C   1 
ATOM   639 O O   . SER B 1 47 ? 13.277  9.031   1.619   1.00 30.50 ? 514 SER B O   1 
ATOM   640 C CB  . SER B 1 47 ? 10.804  7.129   0.278   1.00 24.45 ? 514 SER B CB  1 
ATOM   641 O OG  . SER B 1 47 ? 10.692  8.367   -0.426  1.00 29.89 ? 514 SER B OG  1 
ATOM   642 O OXT . SER B 1 47 ? 13.700  7.091   0.707   1.00 28.48 ? 514 SER B OXT 1 
HETATM 643 C C   . ACE C 2 1  ? -5.426  -17.572 2.086   1.00 21.16 ? 326 ACE C C   1 
HETATM 644 O O   . ACE C 2 1  ? -4.165  -17.496 1.996   1.00 23.56 ? 326 ACE C O   1 
HETATM 645 C CH3 . ACE C 2 1  ? -6.117  -18.703 2.819   1.00 22.33 ? 326 ACE C CH3 1 
ATOM   646 N N   . THR C 2 2  ? -6.266  -16.655 1.551   1.00 19.45 ? 327 THR C N   1 
ATOM   647 C CA  . THR C 2 2  ? -5.794  -15.476 0.852   1.00 21.38 ? 327 THR C CA  1 
ATOM   648 C C   . THR C 2 2  ? -6.362  -14.267 1.576   1.00 19.25 ? 327 THR C C   1 
ATOM   649 O O   . THR C 2 2  ? -7.517  -14.278 1.981   1.00 19.63 ? 327 THR C O   1 
ATOM   650 C CB  . THR C 2 2  ? -6.337  -15.534 -0.611  1.00 24.16 ? 327 THR C CB  1 
ATOM   651 O OG1 . THR C 2 2  ? -5.998  -16.822 -1.170  1.00 30.91 ? 327 THR C OG1 1 
ATOM   652 C CG2 . THR C 2 2  ? -5.725  -14.471 -1.473  1.00 30.56 ? 327 THR C CG2 1 
ATOM   653 N N   . PRO C 2 3  ? -5.587  -13.178 1.717   1.00 17.68 ? 328 PRO C N   1 
ATOM   654 C CA  . PRO C 2 3  ? -6.215  -11.996 2.237   1.00 18.72 ? 328 PRO C CA  1 
ATOM   655 C C   . PRO C 2 3  ? -6.908  -11.251 1.103   1.00 21.68 ? 328 PRO C C   1 
ATOM   656 O O   . PRO C 2 3  ? -6.640  -11.533 -0.076  1.00 20.16 ? 328 PRO C O   1 
ATOM   657 C CB  . PRO C 2 3  ? -5.050  -11.187 2.728   1.00 22.02 ? 328 PRO C CB  1 
ATOM   658 C CG  . PRO C 2 3  ? -3.976  -11.503 1.799   1.00 20.88 ? 328 PRO C CG  1 
ATOM   659 C CD  . PRO C 2 3  ? -4.138  -13.003 1.520   1.00 22.94 ? 328 PRO C CD  1 
ATOM   660 N N   . GLU C 2 4  ? -7.764  -10.315 1.487   1.00 20.49 ? 329 GLU C N   1 
ATOM   661 C CA  . GLU C 2 4  ? -8.399  -9.433  0.531   1.00 21.06 ? 329 GLU C CA  1 
ATOM   662 C C   . GLU C 2 4  ? -7.377  -8.314  0.275   1.00 17.53 ? 329 GLU C C   1 
ATOM   663 O O   . GLU C 2 4  ? -7.093  -7.502  1.110   1.00 17.43 ? 329 GLU C O   1 
ATOM   664 C CB  . GLU C 2 4  ? -9.751  -8.846  1.025   1.00 27.88 ? 329 GLU C CB  1 
ATOM   665 C CG  . GLU C 2 4  ? -10.938 -9.785  0.927   1.00 32.24 ? 329 GLU C CG  1 
ATOM   666 C CD  . GLU C 2 4  ? -12.202 -9.203  1.566   1.00 33.20 ? 329 GLU C CD  1 
ATOM   667 N N   . ALA C 2 5  ? -6.901  -8.259  -0.955  1.00 18.24 ? 330 ALA C N   1 
ATOM   668 C CA  . ALA C 2 5  ? -6.052  -7.145  -1.410  1.00 16.41 ? 330 ALA C CA  1 
ATOM   669 C C   . ALA C 2 5  ? -6.619  -6.672  -2.730  1.00 14.61 ? 330 ALA C C   1 
ATOM   670 O O   . ALA C 2 5  ? -7.080  -7.465  -3.553  1.00 14.95 ? 330 ALA C O   1 
ATOM   671 C CB  . ALA C 2 5  ? -4.646  -7.580  -1.588  1.00 18.56 ? 330 ALA C CB  1 
ATOM   672 N N   . PRO C 2 6  ? -6.649  -5.356  -2.943  1.00 13.91 ? 331 PRO C N   1 
ATOM   673 C CA  . PRO C 2 6  ? -7.234  -4.819  -4.182  1.00 13.85 ? 331 PRO C CA  1 
ATOM   674 C C   . PRO C 2 6  ? -6.261  -4.940  -5.358  1.00 12.22 ? 331 PRO C C   1 
ATOM   675 O O   . PRO C 2 6  ? -5.138  -5.435  -5.211  1.00 12.26 ? 331 PRO C O   1 
ATOM   676 C CB  . PRO C 2 6  ? -7.430  -3.338  -3.855  1.00 14.92 ? 331 PRO C CB  1 
ATOM   677 C CG  . PRO C 2 6  ? -6.373  -3.061  -2.863  1.00 16.53 ? 331 PRO C CG  1 
ATOM   678 C CD  . PRO C 2 6  ? -6.154  -4.294  -2.047  1.00 14.62 ? 331 PRO C CD  1 
ATOM   679 N N   . PRO C 2 7  ? -6.709  -4.545  -6.561  1.00 12.53 ? 332 PRO C N   1 
ATOM   680 C CA  . PRO C 2 7  ? -5.780  -4.533  -7.676  1.00 11.28 ? 332 PRO C CA  1 
ATOM   681 C C   . PRO C 2 7  ? -4.518  -3.740  -7.342  1.00 11.11 ? 332 PRO C C   1 
ATOM   682 O O   . PRO C 2 7  ? -4.588  -2.743  -6.624  1.00 12.02 ? 332 PRO C O   1 
ATOM   683 C CB  . PRO C 2 7  ? -6.585  -3.840  -8.781  1.00 13.70 ? 332 PRO C CB  1 
ATOM   684 C CG  . PRO C 2 7  ? -8.008  -4.202  -8.419  1.00 14.35 ? 332 PRO C CG  1 
ATOM   685 C CD  . PRO C 2 7  ? -8.063  -4.110  -6.949  1.00 14.80 ? 332 PRO C CD  1 
ATOM   686 N N   . CYS C 2 8  ? -3.404  -4.227  -7.883  1.00 11.89 ? 333 CYS C N   1 
ATOM   687 C CA  A CYS C 2 8  ? -2.150  -3.545  -7.659  0.70 12.34 ? 333 CYS C CA  1 
ATOM   688 C CA  B CYS C 2 8  ? -2.064  -3.615  -7.766  0.30 13.14 ? 333 CYS C CA  1 
ATOM   689 C C   . CYS C 2 8  ? -2.011  -2.279  -8.492  1.00 12.14 ? 333 CYS C C   1 
ATOM   690 O O   . CYS C 2 8  ? -2.437  -2.208  -9.647  1.00 13.11 ? 333 CYS C O   1 
ATOM   691 C CB  A CYS C 2 8  ? -1.016  -4.471  -7.975  0.70 11.41 ? 333 CYS C CB  1 
ATOM   692 C CB  B CYS C 2 8  ? -1.015  -4.502  -8.457  0.30 14.26 ? 333 CYS C CB  1 
ATOM   693 S SG  A CYS C 2 8  ? 0.571   -3.690  -7.618  0.70 12.01 ? 333 CYS C SG  1 
ATOM   694 S SG  B CYS C 2 8  ? -0.730  -6.159  -7.803  0.30 16.56 ? 333 CYS C SG  1 
ATOM   695 N N   . TYR C 2 9  ? -1.397  -1.262  -7.897  1.00 11.62 ? 334 TYR C N   1 
ATOM   696 C CA  . TYR C 2 9  ? -1.178  0.039   -8.552  1.00 11.47 ? 334 TYR C CA  1 
ATOM   697 C C   . TYR C 2 9  ? -0.580  -0.117  -9.939  1.00 14.95 ? 334 TYR C C   1 
ATOM   698 O O   . TYR C 2 9  ? -1.068  0.514   -10.885 1.00 13.85 ? 334 TYR C O   1 
ATOM   699 C CB  . TYR C 2 9  ? -0.210  0.891   -7.667  1.00 12.17 ? 334 TYR C CB  1 
ATOM   700 C CG  . TYR C 2 9  ? -0.127  2.318   -8.094  1.00 13.36 ? 334 TYR C CG  1 
ATOM   701 C CD1 . TYR C 2 9  ? 0.782   2.689   -9.028  1.00 16.71 ? 334 TYR C CD1 1 
ATOM   702 C CD2 . TYR C 2 9  ? -0.974  3.267   -7.552  1.00 13.88 ? 334 TYR C CD2 1 
ATOM   703 C CE1 . TYR C 2 9  ? 0.842   4.025   -9.456  1.00 15.92 ? 334 TYR C CE1 1 
ATOM   704 C CE2 . TYR C 2 9  ? -0.950  4.581   -7.953  1.00 16.78 ? 334 TYR C CE2 1 
ATOM   705 C CZ  . TYR C 2 9  ? -0.027  4.934   -8.917  1.00 13.61 ? 334 TYR C CZ  1 
ATOM   706 O OH  . TYR C 2 9  ? 0.010   6.265   -9.300  1.00 17.95 ? 334 TYR C OH  1 
ATOM   707 N N   . MET C 2 10 ? 0.401   -0.994  -10.095 1.00 15.89 ? 335 MET C N   1 
ATOM   708 C CA  A MET C 2 10 ? 1.143   -1.221  -11.367 0.70 19.18 ? 335 MET C CA  1 
ATOM   709 C CA  B MET C 2 10 ? 1.072   -1.072  -11.402 0.30 17.73 ? 335 MET C CA  1 
ATOM   710 C C   . MET C 2 10 ? 0.209   -1.750  -12.450 1.00 17.50 ? 335 MET C C   1 
ATOM   711 O O   . MET C 2 10 ? 0.395   -1.480  -13.662 1.00 20.82 ? 335 MET C O   1 
ATOM   712 C CB  A MET C 2 10 ? 2.328   -2.211  -11.130 0.70 22.80 ? 335 MET C CB  1 
ATOM   713 C CB  B MET C 2 10 ? 2.459   -1.686  -11.295 0.30 19.37 ? 335 MET C CB  1 
ATOM   714 C CG  A MET C 2 10 ? 3.289   -1.727  -10.035 0.70 30.05 ? 335 MET C CG  1 
ATOM   715 C CG  B MET C 2 10 ? 3.448   -0.669  -10.755 0.30 20.14 ? 335 MET C CG  1 
ATOM   716 S SD  A MET C 2 10 ? 4.899   -2.545  -9.799  0.70 45.29 ? 335 MET C SD  1 
ATOM   717 S SD  B MET C 2 10 ? 3.911   0.660   -11.913 0.30 26.02 ? 335 MET C SD  1 
ATOM   718 C CE  A MET C 2 10 ? 5.974   -1.390  -10.639 0.70 43.35 ? 335 MET C CE  1 
ATOM   719 C CE  B MET C 2 10 ? 2.991   2.112   -11.505 0.30 22.46 ? 335 MET C CE  1 
ATOM   720 N N   . ASP C 2 11 ? -0.786  -2.518  -12.034 1.00 15.16 ? 336 ASP C N   1 
ATOM   721 C CA  . ASP C 2 11 ? -1.722  -3.148  -12.969 1.00 16.67 ? 336 ASP C CA  1 
ATOM   722 C C   . ASP C 2 11 ? -2.812  -2.211  -13.439 1.00 19.63 ? 336 ASP C C   1 
ATOM   723 O O   . ASP C 2 11 ? -3.360  -2.418  -14.532 1.00 27.45 ? 336 ASP C O   1 
ATOM   724 C CB  . ASP C 2 11 ? -2.326  -4.370  -12.374 1.00 17.95 ? 336 ASP C CB  1 
ATOM   725 C CG  . ASP C 2 11 ? -1.316  -5.502  -12.199 1.00 20.35 ? 336 ASP C CG  1 
ATOM   726 O OD1 . ASP C 2 11 ? -0.400  -5.625  -13.025 1.00 27.08 ? 336 ASP C OD1 1 
ATOM   727 O OD2 . ASP C 2 11 ? -1.424  -6.265  -11.249 1.00 20.32 ? 336 ASP C OD2 1 
ATOM   728 N N   . VAL C 2 12 ? -3.168  -1.216  -12.646 1.00 14.27 ? 337 VAL C N   1 
ATOM   729 C CA  . VAL C 2 12 ? -4.302  -0.381  -12.973 1.00 14.89 ? 337 VAL C CA  1 
ATOM   730 C C   . VAL C 2 12 ? -3.905  1.023   -13.439 1.00 18.40 ? 337 VAL C C   1 
ATOM   731 O O   . VAL C 2 12 ? -4.737  1.765   -13.977 1.00 17.07 ? 337 VAL C O   1 
ATOM   732 C CB  . VAL C 2 12 ? -5.336  -0.291  -11.834 1.00 13.82 ? 337 VAL C CB  1 
ATOM   733 C CG1 . VAL C 2 12 ? -5.943  -1.628  -11.579 1.00 14.80 ? 337 VAL C CG1 1 
ATOM   734 C CG2 . VAL C 2 12 ? -4.786  0.301   -10.504 1.00 13.68 ? 337 VAL C CG2 1 
ATOM   735 N N   . ILE C 2 13 ? -2.658  1.434   -13.231 1.00 18.81 ? 338 ILE C N   1 
ATOM   736 C CA  . ILE C 2 13 ? -2.337  2.853   -13.458 1.00 25.50 ? 338 ILE C CA  1 
ATOM   737 C C   . ILE C 2 13 ? -2.272  3.194   -14.959 1.00 34.94 ? 338 ILE C C   1 
ATOM   738 O O   . ILE C 2 13 ? -2.671  4.293   -15.361 1.00 35.92 ? 338 ILE C O   1 
ATOM   739 C CB  . ILE C 2 13 ? -1.056  3.270   -12.698 1.00 28.09 ? 338 ILE C CB  1 
ATOM   740 C CG1 . ILE C 2 13 ? -0.833  4.793   -12.751 1.00 28.79 ? 338 ILE C CG1 1 
ATOM   741 C CG2 . ILE C 2 13 ? 0.169   2.503   -13.221 1.00 29.37 ? 338 ILE C CG2 1 
ATOM   742 C CD1 . ILE C 2 13 ? -1.952  5.634   -12.153 1.00 33.74 ? 338 ILE C CD1 1 
HETATM 743 N N   . NH2 C 2 14 ? -1.813  2.260   -15.793 1.00 35.89 ? 339 NH2 C N   1 
ATOM   744 N N   . GLU D 2 4  ? 9.678   4.370   -9.920  1.00 43.22 ? 329 GLU D N   1 
ATOM   745 C CA  . GLU D 2 4  ? 8.733   3.238   -10.126 1.00 44.40 ? 329 GLU D CA  1 
ATOM   746 C C   . GLU D 2 4  ? 7.828   3.058   -8.891  1.00 38.06 ? 329 GLU D C   1 
ATOM   747 O O   . GLU D 2 4  ? 7.973   3.759   -7.873  1.00 49.67 ? 329 GLU D O   1 
ATOM   748 C CB  . GLU D 2 4  ? 9.504   1.939   -10.412 1.00 45.13 ? 329 GLU D CB  1 
ATOM   749 N N   . ALA D 2 5  ? 6.877   2.148   -9.000  1.00 24.37 ? 330 ALA D N   1 
ATOM   750 C CA  . ALA D 2 5  ? 6.015   1.841   -7.851  1.00 18.26 ? 330 ALA D CA  1 
ATOM   751 C C   . ALA D 2 5  ? 6.651   0.724   -7.040  1.00 16.32 ? 330 ALA D C   1 
ATOM   752 O O   . ALA D 2 5  ? 7.352   -0.144  -7.560  1.00 16.06 ? 330 ALA D O   1 
ATOM   753 C CB  . ALA D 2 5  ? 4.658   1.417   -8.309  1.00 17.23 ? 330 ALA D CB  1 
ATOM   754 N N   . PRO D 2 6  ? 6.349   0.667   -5.717  1.00 13.08 ? 331 PRO D N   1 
ATOM   755 C CA  . PRO D 2 6  ? 6.829   -0.435  -4.891  1.00 13.62 ? 331 PRO D CA  1 
ATOM   756 C C   . PRO D 2 6  ? 6.173   -1.736  -5.280  1.00 13.08 ? 331 PRO D C   1 
ATOM   757 O O   . PRO D 2 6  ? 5.097   -1.742  -5.905  1.00 13.31 ? 331 PRO D O   1 
ATOM   758 C CB  . PRO D 2 6  ? 6.429   0.019   -3.491  1.00 13.35 ? 331 PRO D CB  1 
ATOM   759 C CG  . PRO D 2 6  ? 5.209   0.799   -3.709  1.00 15.37 ? 331 PRO D CG  1 
ATOM   760 C CD  . PRO D 2 6  ? 5.474   1.580   -4.977  1.00 14.20 ? 331 PRO D CD  1 
ATOM   761 N N   . PRO D 2 7  ? 6.770   -2.871  -4.941  1.00 13.01 ? 332 PRO D N   1 
ATOM   762 C CA  . PRO D 2 7  ? 6.278   -4.192  -5.359  1.00 13.20 ? 332 PRO D CA  1 
ATOM   763 C C   . PRO D 2 7  ? 4.828   -4.445  -4.900  1.00 12.98 ? 332 PRO D C   1 
ATOM   764 O O   . PRO D 2 7  ? 4.409   -4.043  -3.796  1.00 13.31 ? 332 PRO D O   1 
ATOM   765 C CB  . PRO D 2 7  ? 7.195   -5.152  -4.658  1.00 15.32 ? 332 PRO D CB  1 
ATOM   766 C CG  . PRO D 2 7  ? 8.504   -4.395  -4.633  1.00 16.07 ? 332 PRO D CG  1 
ATOM   767 C CD  . PRO D 2 7  ? 8.054   -3.023  -4.195  1.00 15.89 ? 332 PRO D CD  1 
ATOM   768 N N   . CYS D 2 8  ? 4.060   -5.099  -5.748  1.00 11.57 ? 333 CYS D N   1 
ATOM   769 C CA  A CYS D 2 8  ? 2.636   -5.433  -5.477  0.70 11.35 ? 333 CYS D CA  1 
ATOM   770 C CA  B CYS D 2 8  ? 2.690   -5.364  -5.412  0.30 13.34 ? 333 CYS D CA  1 
ATOM   771 C C   . CYS D 2 8  ? 2.577   -6.346  -4.260  1.00 13.42 ? 333 CYS D C   1 
ATOM   772 O O   . CYS D 2 8  ? 3.269   -7.347  -4.172  1.00 13.10 ? 333 CYS D O   1 
ATOM   773 C CB  A CYS D 2 8  ? 1.991   -6.166  -6.677  0.70 12.73 ? 333 CYS D CB  1 
ATOM   774 C CB  B CYS D 2 8  ? 1.920   -5.907  -6.571  0.30 15.67 ? 333 CYS D CB  1 
ATOM   775 S SG  A CYS D 2 8  ? 1.899   -5.155  -8.161  0.70 11.85 ? 333 CYS D SG  1 
ATOM   776 S SG  B CYS D 2 8  ? 0.218   -5.767  -6.069  0.30 19.15 ? 333 CYS D SG  1 
ATOM   777 N N   . TYR D 2 9  ? 1.670   -6.057  -3.349  1.00 12.01 ? 334 TYR D N   1 
ATOM   778 C CA  . TYR D 2 9  ? 1.456   -6.890  -2.157  1.00 10.95 ? 334 TYR D CA  1 
ATOM   779 C C   . TYR D 2 9  ? 1.302   -8.368  -2.456  1.00 13.06 ? 334 TYR D C   1 
ATOM   780 O O   . TYR D 2 9  ? 1.912   -9.169  -1.838  1.00 14.32 ? 334 TYR D O   1 
ATOM   781 C CB  . TYR D 2 9  ? 0.253   -6.339  -1.333  1.00 10.71 ? 334 TYR D CB  1 
ATOM   782 C CG  . TYR D 2 9  ? 0.079   -7.065  -0.025  1.00 10.06 ? 334 TYR D CG  1 
ATOM   783 C CD1 . TYR D 2 9  ? -0.715  -8.207  0.031   1.00 10.51 ? 334 TYR D CD1 1 
ATOM   784 C CD2 . TYR D 2 9  ? 0.747   -6.660  1.108   1.00 10.36 ? 334 TYR D CD2 1 
ATOM   785 C CE1 . TYR D 2 9  ? -0.818  -8.928  1.176   1.00 9.68  ? 334 TYR D CE1 1 
ATOM   786 C CE2 . TYR D 2 9  ? 0.637   -7.381  2.315   1.00 9.22  ? 334 TYR D CE2 1 
ATOM   787 C CZ  . TYR D 2 9  ? -0.157  -8.511  2.321   1.00 9.24  ? 334 TYR D CZ  1 
ATOM   788 O OH  . TYR D 2 9  ? -0.227  -9.236  3.530   1.00 10.34 ? 334 TYR D OH  1 
ATOM   789 N N   . MET D 2 10 ? 0.475   -8.678  -3.426  1.00 15.22 ? 335 MET D N   1 
ATOM   790 C CA  . MET D 2 10 ? 0.213   -10.108 -3.755  1.00 17.64 ? 335 MET D CA  1 
ATOM   791 C C   . MET D 2 10 ? 1.444   -10.776 -4.392  1.00 21.67 ? 335 MET D C   1 
ATOM   792 O O   . MET D 2 10 ? 1.622   -12.004 -4.259  1.00 22.11 ? 335 MET D O   1 
ATOM   793 C CB  . MET D 2 10 ? -1.034  -10.290 -4.585  1.00 21.24 ? 335 MET D CB  1 
ATOM   794 C CG  . MET D 2 10 ? -2.285  -9.932  -3.798  1.00 22.63 ? 335 MET D CG  1 
ATOM   795 S SD  . MET D 2 10 ? -2.585  -10.806 -2.235  1.00 23.25 ? 335 MET D SD  1 
ATOM   796 C CE  . MET D 2 10 ? -2.970  -12.447 -2.873  1.00 28.60 ? 335 MET D CE  1 
ATOM   797 N N   . ASP D 2 11 ? 2.341   -9.998  -4.990  1.00 18.71 ? 336 ASP D N   1 
ATOM   798 C CA  . ASP D 2 11 ? 3.675   -10.548 -5.393  1.00 18.86 ? 336 ASP D CA  1 
ATOM   799 C C   . ASP D 2 11 ? 4.614   -10.813 -4.256  1.00 23.40 ? 336 ASP D C   1 
ATOM   800 O O   . ASP D 2 11 ? 5.413   -11.759 -4.278  1.00 24.97 ? 336 ASP D O   1 
ATOM   801 C CB  . ASP D 2 11 ? 4.335   -9.621  -6.423  1.00 21.35 ? 336 ASP D CB  1 
ATOM   802 C CG  . ASP D 2 11 ? 3.587   -9.594  -7.733  1.00 24.64 ? 336 ASP D CG  1 
ATOM   803 O OD1 . ASP D 2 11 ? 2.957   -10.603 -8.063  1.00 29.39 ? 336 ASP D OD1 1 
ATOM   804 O OD2 . ASP D 2 11 ? 3.627   -8.577  -8.436  1.00 27.62 ? 336 ASP D OD2 1 
ATOM   805 N N   . VAL D 2 12 ? 4.552   -9.997  -3.247  1.00 20.63 ? 337 VAL D N   1 
ATOM   806 C CA  . VAL D 2 12 ? 5.355   -10.160 -2.068  1.00 23.32 ? 337 VAL D CA  1 
ATOM   807 C C   . VAL D 2 12 ? 5.010   -11.433 -1.302  1.00 25.05 ? 337 VAL D C   1 
ATOM   808 O O   . VAL D 2 12 ? 5.943   -12.173 -0.937  1.00 26.18 ? 337 VAL D O   1 
ATOM   809 C CB  . VAL D 2 12 ? 5.222   -8.904  -1.152  1.00 23.40 ? 337 VAL D CB  1 
ATOM   810 C CG1 . VAL D 2 12 ? 5.866   -9.149  0.208   1.00 28.49 ? 337 VAL D CG1 1 
ATOM   811 C CG2 . VAL D 2 12 ? 5.816   -7.694  -1.853  1.00 23.64 ? 337 VAL D CG2 1 
ATOM   812 N N   . ILE D 2 13 ? 3.712   -11.696 -1.040  1.00 21.31 ? 338 ILE D N   1 
ATOM   813 C CA  . ILE D 2 13 ? 3.297   -12.839 -0.235  1.00 23.66 ? 338 ILE D CA  1 
ATOM   814 C C   . ILE D 2 13 ? 3.159   -14.089 -1.113  1.00 30.71 ? 338 ILE D C   1 
ATOM   815 O O   . ILE D 2 13 ? 3.040   -15.161 -0.585  1.00 34.42 ? 338 ILE D O   1 
ATOM   816 C CB  . ILE D 2 13 ? 2.028   -12.607 0.656   1.00 29.55 ? 338 ILE D CB  1 
ATOM   817 C CG1 . ILE D 2 13 ? 0.755   -12.314 -0.162  1.00 26.26 ? 338 ILE D CG1 1 
ATOM   818 C CG2 . ILE D 2 13 ? 2.284   -11.509 1.687   1.00 24.89 ? 338 ILE D CG2 1 
ATOM   819 C CD1 . ILE D 2 13 ? -0.518  -12.450 0.631   1.00 24.88 ? 338 ILE D CD1 1 
HETATM 820 N N   . NH2 D 2 14 ? 3.153   -13.954 -2.455  1.00 27.24 ? 339 NH2 D N   1 
HETATM 821 X UNK . UNX E 3 .  ? -13.362 -0.740  0.301   1.00 17.52 ? 601 UNX A UNK 1 
HETATM 822 X UNK . UNX F 3 .  ? -5.148  5.190   -14.504 1.00 20.52 ? 602 UNX A UNK 1 
HETATM 823 X UNK . UNX G 3 .  ? -15.506 1.075   0.986   1.00 25.44 ? 603 UNX A UNK 1 
HETATM 824 X UNK . UNX H 3 .  ? -20.564 -7.384  -8.448  1.00 22.97 ? 604 UNX A UNK 1 
HETATM 825 X UNK . UNX I 3 .  ? -4.917  15.614  2.869   1.00 22.95 ? 605 UNX A UNK 1 
HETATM 826 X UNK . UNX J 3 .  ? -14.197 -3.173  1.133   1.00 29.07 ? 606 UNX A UNK 1 
HETATM 827 X UNK . UNX K 3 .  ? -13.389 -7.388  -5.927  1.00 30.12 ? 607 UNX A UNK 1 
HETATM 828 X UNK . UNX L 3 .  ? 2.897   3.844   14.243  1.00 32.53 ? 601 UNX B UNK 1 
HETATM 829 X UNK . UNX M 3 .  ? 3.251   -4.139  19.660  1.00 31.45 ? 602 UNX B UNK 1 
HETATM 830 X UNK . UNX N 3 .  ? 11.178  -6.658  8.776   1.00 15.32 ? 603 UNX B UNK 1 
HETATM 831 X UNK . UNX O 3 .  ? -6.857  -8.115  5.511   1.00 18.84 ? 604 UNX B UNK 1 
HETATM 832 X UNK . UNX P 3 .  ? 9.647   10.842  1.308   1.00 26.65 ? 605 UNX B UNK 1 
HETATM 833 X UNK . UNX Q 3 .  ? 11.453  -8.266  -2.557  1.00 27.92 ? 606 UNX B UNK 1 
HETATM 834 X UNK . UNX R 3 .  ? -2.566  -4.889  -4.605  1.00 14.78 ? 401 UNX C UNK 1 
HETATM 835 X UNK . UNX S 3 .  ? -7.185  -10.761 -2.665  1.00 27.40 ? 402 UNX C UNK 1 
HETATM 836 X UNK . UNX T 3 .  ? 0.381   -8.417  -10.665 1.00 36.95 ? 403 UNX C UNK 1 
HETATM 837 X UNK . UNX U 3 .  ? -1.080  -7.010  -5.203  1.00 12.36 ? 401 UNX D UNK 1 
HETATM 838 O O   . HOH V 4 .  ? -19.410 -10.540 -7.731  1.00 31.18 ? 701 HOH A O   1 
HETATM 839 O O   . HOH V 4 .  ? -6.830  6.442   7.822   0.50 30.06 ? 702 HOH A O   1 
HETATM 840 O O   . HOH V 4 .  ? -14.861 -9.091  -4.088  0.50 26.87 ? 703 HOH A O   1 
HETATM 841 O O   . HOH V 4 .  ? -11.599 6.942   -10.118 1.00 22.76 ? 704 HOH A O   1 
HETATM 842 O O   . HOH V 4 .  ? 2.162   8.991   -8.601  1.00 34.34 ? 705 HOH A O   1 
HETATM 843 O O   . HOH V 4 .  ? -9.718  -8.714  -3.602  1.00 30.51 ? 706 HOH A O   1 
HETATM 844 O O   . HOH V 4 .  ? -10.023 -1.978  -10.598 1.00 13.45 ? 707 HOH A O   1 
HETATM 845 O O   . HOH V 4 .  ? -19.591 0.086   -7.159  1.00 16.81 ? 708 HOH A O   1 
HETATM 846 O O   . HOH V 4 .  ? 5.904   4.383   -1.785  1.00 11.52 ? 709 HOH A O   1 
HETATM 847 O O   . HOH V 4 .  ? -7.637  13.385  -3.441  1.00 35.99 ? 710 HOH A O   1 
HETATM 848 O O   . HOH V 4 .  ? -15.576 3.341   2.887   1.00 40.86 ? 711 HOH A O   1 
HETATM 849 O O   . HOH V 4 .  ? -0.388  14.941  -2.660  1.00 43.09 ? 712 HOH A O   1 
HETATM 850 O O   . HOH V 4 .  ? 3.189   5.153   4.695   1.00 11.88 ? 713 HOH A O   1 
HETATM 851 O O   . HOH V 4 .  ? -11.961 13.032  -2.756  1.00 39.51 ? 714 HOH A O   1 
HETATM 852 O O   . HOH V 4 .  ? -0.029  12.530  -5.720  1.00 38.26 ? 715 HOH A O   1 
HETATM 853 O O   . HOH V 4 .  ? -10.835 -5.655  -10.261 1.00 15.75 ? 716 HOH A O   1 
HETATM 854 O O   . HOH V 4 .  ? -11.854 9.642   -6.216  1.00 21.83 ? 717 HOH A O   1 
HETATM 855 O O   . HOH V 4 .  ? -10.315 11.886  -4.993  0.50 28.33 ? 718 HOH A O   1 
HETATM 856 O O   . HOH V 4 .  ? -10.775 -5.752  3.107   1.00 27.24 ? 719 HOH A O   1 
HETATM 857 O O   . HOH V 4 .  ? 7.182   6.826   -1.979  1.00 21.72 ? 720 HOH A O   1 
HETATM 858 O O   . HOH V 4 .  ? 2.315   12.229  -6.778  1.00 40.96 ? 721 HOH A O   1 
HETATM 859 O O   . HOH V 4 .  ? -11.862 9.832   -9.414  1.00 40.87 ? 722 HOH A O   1 
HETATM 860 O O   . HOH W 4 .  ? 8.449   1.731   16.254  1.00 27.89 ? 701 HOH B O   1 
HETATM 861 O O   . HOH W 4 .  ? 14.480  4.883   6.814   1.00 25.61 ? 702 HOH B O   1 
HETATM 862 O O   . HOH W 4 .  ? -2.141  -3.317  -2.278  1.00 10.77 ? 703 HOH B O   1 
HETATM 863 O O   . HOH W 4 .  ? -0.321  1.557   4.777   1.00 12.91 ? 704 HOH B O   1 
HETATM 864 O O   . HOH W 4 .  ? 5.821   -12.099 4.755   0.50 23.24 ? 705 HOH B O   1 
HETATM 865 O O   . HOH W 4 .  ? 12.719  3.045   0.864   1.00 19.41 ? 706 HOH B O   1 
HETATM 866 O O   . HOH W 4 .  ? 1.960   -1.546  -3.297  1.00 10.52 ? 707 HOH B O   1 
HETATM 867 O O   . HOH W 4 .  ? 5.401   4.191   13.223  1.00 26.47 ? 708 HOH B O   1 
HETATM 868 O O   . HOH W 4 .  ? 5.293   7.220   11.419  1.00 17.18 ? 709 HOH B O   1 
HETATM 869 O O   . HOH W 4 .  ? -0.128  -1.980  10.016  1.00 17.77 ? 710 HOH B O   1 
HETATM 870 O O   . HOH W 4 .  ? 14.744  -2.151  13.486  1.00 20.71 ? 711 HOH B O   1 
HETATM 871 O O   . HOH W 4 .  ? 5.136   3.563   5.894   1.00 11.77 ? 712 HOH B O   1 
HETATM 872 O O   . HOH W 4 .  ? 13.551  7.263   6.116   1.00 21.38 ? 713 HOH B O   1 
HETATM 873 O O   . HOH W 4 .  ? -6.570  -3.777  1.394   1.00 12.85 ? 714 HOH B O   1 
HETATM 874 O O   . HOH W 4 .  ? 16.547  -0.346  10.694  1.00 34.10 ? 715 HOH B O   1 
HETATM 875 O O   . HOH W 4 .  ? 3.102   -0.798  16.804  1.00 29.66 ? 716 HOH B O   1 
HETATM 876 O O   . HOH W 4 .  ? 0.225   0.863   10.900  1.00 18.50 ? 717 HOH B O   1 
HETATM 877 O O   . HOH W 4 .  ? 8.519   6.490   14.746  1.00 25.59 ? 718 HOH B O   1 
HETATM 878 O O   . HOH W 4 .  ? 13.847  -8.898  1.079   1.00 30.59 ? 719 HOH B O   1 
HETATM 879 O O   . HOH W 4 .  ? 7.598   3.765   14.622  1.00 27.16 ? 720 HOH B O   1 
HETATM 880 O O   . HOH W 4 .  ? 5.976   7.414   14.172  1.00 24.94 ? 721 HOH B O   1 
HETATM 881 O O   . HOH W 4 .  ? 9.729   3.023   18.515  1.00 43.94 ? 722 HOH B O   1 
HETATM 882 O O   . HOH X 4 .  ? -3.404  -6.597  -9.484  1.00 19.08 ? 501 HOH C O   1 
HETATM 883 O O   . HOH X 4 .  ? -7.996  -5.660  2.933   1.00 16.29 ? 502 HOH C O   1 
HETATM 884 O O   . HOH X 4 .  ? -0.823  -1.492  -5.141  1.00 10.32 ? 503 HOH C O   1 
HETATM 885 O O   . HOH X 4 .  ? -5.004  -8.167  -5.922  1.00 29.07 ? 504 HOH C O   1 
HETATM 886 O O   . HOH X 4 .  ? -4.404  -1.217  -16.988 1.00 26.58 ? 505 HOH C O   1 
HETATM 887 O O   . HOH X 4 .  ? -8.269  -7.537  -6.272  1.00 32.83 ? 506 HOH C O   1 
HETATM 888 O O   . HOH X 4 .  ? -6.026  -10.383 -5.023  1.00 36.88 ? 507 HOH C O   1 
HETATM 889 O O   . HOH X 4 .  ? -2.782  -8.206  -7.161  1.00 29.02 ? 508 HOH C O   1 
HETATM 890 O O   . HOH X 4 .  ? -7.029  -8.269  -8.437  1.00 33.26 ? 509 HOH C O   1 
HETATM 891 O O   . HOH X 4 .  ? -5.799  -7.161  -10.622 1.00 28.97 ? 510 HOH C O   1 
HETATM 892 O O   . HOH Y 4 .  ? 2.378   -16.195 1.670   1.00 31.34 ? 501 HOH D O   1 
HETATM 893 O O   . HOH Y 4 .  ? 2.526   -0.761  -5.846  1.00 12.22 ? 502 HOH D O   1 
HETATM 894 O O   . HOH Y 4 .  ? 5.217   -6.309  -8.053  1.00 19.32 ? 503 HOH D O   1 
HETATM 895 O O   . HOH Y 4 .  ? 0.321   -3.605  -3.532  1.00 10.83 ? 504 HOH D O   1 
HETATM 896 O O   . HOH Y 4 .  ? -0.177  -14.189 -3.944  0.50 25.25 ? 505 HOH D O   1 
HETATM 897 O O   . HOH Y 4 .  ? 8.533   -2.774  -7.935  1.00 33.85 ? 506 HOH D O   1 
# 
